data_6D1P
#
_entry.id   6D1P
#
_cell.length_a   209.721
_cell.length_b   68.209
_cell.length_c   167.300
_cell.angle_alpha   90.00
_cell.angle_beta   122.49
_cell.angle_gamma   90.00
#
_symmetry.space_group_name_H-M   'C 1 2 1'
#
loop_
_entity.id
_entity.type
_entity.pdbx_description
1 polymer 'Glycosyl hydrolases family 2, sugar binding domain protein'
2 non-polymer 'SODIUM ION'
3 non-polymer GLYCEROL
4 non-polymer 'THIOCYANATE ION'
5 non-polymer 'POTASSIUM ION'
6 water water
#
_entity_poly.entity_id   1
_entity_poly.type   'polypeptide(L)'
_entity_poly.pdbx_seq_one_letter_code
;MKAPRILLSLLFSSLLLQAHALIPTDRKQRLTEHWEFIRQDMGSIWEVMRPITGAGKPETVPLWQKVTLPHCFNAEDAVD
PDVNYYQGPGWYRTMLNIENPYTNGRTCLEFEGAGQKTEVYVYTTRIASHVGGYDEWKADITEAVEAFRRTPLCRERFGG
KIPIAIRCDNSRDTEMIPSDMSDFNLYGGLYRYVNLVYTPAVHFEQIRIEATTDEKGKQGSISIDIAFGGLSGKEKKAKE
FSLRVFSPEGKEVNSISSELTEISSYQISLKRPQLWSPHSPALYTCVAELIDNGDTLRTTQHFGFRHFRFEEKGPFYLNG
ERLLLRGTHRHEDHAGVGAALTEEMMRTEMQQIKEMGANFIRLGHYQQSGIILRLCDELGLLVWEEIPWCRGGLGGESYK
NQARRMLTNMIEQHRNHPSVILWGLGNENDWPGDFQTFEKDSIRAFMGELHDLAHRLDPTRSTAIRRCEFCKDIVDVYSP
TIWAGWYGRRFRNYREMETAGINATTRFLHAEWGGDSHAGRHMEVNKETGRKGIDNFDIEAADRNGDWSESYIIRLFDWH
LKEQETMPRLTGSLFWTFKDFSTPLRPDNPIPYVNQKGVVQRDGTPKESYYVFQSYWSSKPMLHIYGHSWPVRWGKPGEP
KEILVYSNCPEVELFVNGVSQGRKKRNSQDFPAAGLRWNVPLREGNNKITATGYDGKLRLDDEIQQEYQTRTWGKPSRIL
LTQTAQDAETILVQAELIDENGIRCLDACQFIEFGCTDSEALLRNQGTAQGSRRIQAANGRASIRVNKQHAPVVVSASDS
KRILKTALISVSGQ
;
_entity_poly.pdbx_strand_id   A,B
#
loop_
_chem_comp.id
_chem_comp.type
_chem_comp.name
_chem_comp.formula
GOL non-polymer GLYCEROL 'C3 H8 O3'
K non-polymer 'POTASSIUM ION' 'K 1'
NA non-polymer 'SODIUM ION' 'Na 1'
SCN non-polymer 'THIOCYANATE ION' 'C N S -1'
#
# COMPACT_ATOMS: atom_id res chain seq x y z
N LEU A 22 13.77 17.48 24.47
CA LEU A 22 15.15 17.50 23.94
C LEU A 22 16.20 17.91 25.00
N ILE A 23 17.05 16.96 25.39
CA ILE A 23 17.96 17.14 26.52
C ILE A 23 19.17 17.96 26.07
N PRO A 24 19.58 18.96 26.83
CA PRO A 24 20.83 19.67 26.52
C PRO A 24 22.06 18.89 26.97
N THR A 25 22.72 18.21 26.03
CA THR A 25 24.06 17.69 26.24
C THR A 25 24.77 17.62 24.91
N ASP A 26 26.06 17.93 24.93
CA ASP A 26 26.86 17.84 23.71
C ASP A 26 27.19 16.41 23.34
N ARG A 27 26.72 15.44 24.12
CA ARG A 27 27.08 14.02 23.96
C ARG A 27 25.82 13.21 23.61
N LYS A 28 25.61 12.94 22.32
CA LYS A 28 24.48 12.12 21.87
C LYS A 28 24.85 11.34 20.62
N GLN A 29 24.18 10.20 20.42
CA GLN A 29 24.47 9.29 19.29
C GLN A 29 23.25 9.18 18.37
N ARG A 30 23.45 9.44 17.08
CA ARG A 30 22.44 9.22 16.06
C ARG A 30 22.35 7.73 15.76
N LEU A 31 21.14 7.18 15.89
CA LEU A 31 20.85 5.80 15.53
C LEU A 31 20.41 5.78 14.08
N THR A 32 21.36 5.58 13.17
CA THR A 32 20.99 5.49 11.77
C THR A 32 21.02 4.07 11.19
N GLU A 33 21.77 3.14 11.79
CA GLU A 33 22.02 1.86 11.14
C GLU A 33 21.20 0.72 11.72
N HIS A 34 20.95 -0.29 10.88
CA HIS A 34 20.49 -1.61 11.29
C HIS A 34 19.07 -1.56 11.83
N TRP A 35 18.21 -0.82 11.18
CA TRP A 35 16.79 -0.82 11.51
C TRP A 35 16.05 -1.71 10.51
N GLU A 36 14.95 -2.28 10.98
CA GLU A 36 14.02 -2.93 10.08
C GLU A 36 12.71 -2.14 10.07
N PHE A 37 12.07 -2.12 8.91
CA PHE A 37 10.85 -1.34 8.74
C PHE A 37 9.84 -2.15 7.92
N ILE A 38 8.55 -2.01 8.26
CA ILE A 38 7.48 -2.60 7.45
C ILE A 38 6.34 -1.60 7.38
N ARG A 39 5.73 -1.44 6.21
CA ARG A 39 4.71 -0.41 6.02
C ARG A 39 3.29 -0.96 6.22
N GLN A 40 3.04 -1.37 7.45
CA GLN A 40 1.73 -1.86 7.86
C GLN A 40 1.75 -2.04 9.37
N ASP A 41 0.56 -2.19 9.93
CA ASP A 41 0.46 -2.47 11.35
C ASP A 41 0.78 -3.94 11.56
N MET A 42 1.24 -4.27 12.76
CA MET A 42 1.41 -5.66 13.10
C MET A 42 0.33 -6.07 14.10
N GLY A 43 0.22 -7.38 14.33
CA GLY A 43 -0.91 -7.88 15.09
C GLY A 43 -0.85 -7.64 16.57
N SER A 44 0.33 -7.32 17.09
CA SER A 44 0.54 -6.98 18.50
C SER A 44 2.03 -6.69 18.65
N ILE A 45 2.40 -6.07 19.77
CA ILE A 45 3.83 -5.83 20.00
C ILE A 45 4.56 -7.15 20.16
N TRP A 46 3.87 -8.18 20.67
CA TRP A 46 4.47 -9.50 20.75
C TRP A 46 4.85 -10.00 19.35
N GLU A 47 3.94 -9.84 18.39
CA GLU A 47 4.23 -10.28 17.03
C GLU A 47 5.44 -9.56 16.45
N VAL A 48 5.71 -8.33 16.90
CA VAL A 48 6.90 -7.62 16.45
C VAL A 48 8.14 -8.19 17.10
N MET A 49 8.01 -8.63 18.34
CA MET A 49 9.14 -9.02 19.17
C MET A 49 9.41 -10.52 19.13
N ARG A 50 8.47 -11.34 18.67
CA ARG A 50 8.57 -12.78 18.82
C ARG A 50 9.74 -13.34 18.01
N PRO A 51 10.27 -14.50 18.40
CA PRO A 51 11.44 -15.07 17.73
C PRO A 51 11.07 -15.93 16.53
N ILE A 52 12.08 -16.14 15.67
CA ILE A 52 11.92 -16.98 14.49
C ILE A 52 12.22 -18.42 14.89
N THR A 53 11.24 -19.32 14.71
CA THR A 53 11.46 -20.69 15.13
C THR A 53 12.15 -21.53 14.07
N GLY A 54 12.02 -21.14 12.80
CA GLY A 54 12.70 -21.85 11.74
C GLY A 54 12.45 -21.19 10.40
N ALA A 55 13.38 -21.43 9.48
CA ALA A 55 13.24 -20.90 8.14
C ALA A 55 11.92 -21.33 7.54
N GLY A 56 11.21 -20.38 6.94
CA GLY A 56 9.94 -20.66 6.30
C GLY A 56 8.77 -20.91 7.23
N LYS A 57 8.94 -20.78 8.55
CA LYS A 57 7.83 -20.95 9.49
C LYS A 57 6.85 -19.78 9.38
N PRO A 58 5.60 -19.94 9.82
CA PRO A 58 4.62 -18.87 9.58
C PRO A 58 5.03 -17.51 10.09
N GLU A 59 5.86 -17.43 11.13
CA GLU A 59 6.25 -16.11 11.62
C GLU A 59 7.36 -15.47 10.79
N THR A 60 7.80 -16.13 9.70
CA THR A 60 8.77 -15.59 8.74
C THR A 60 8.17 -14.52 7.85
N VAL A 61 6.84 -14.43 7.78
CA VAL A 61 6.16 -13.39 7.04
C VAL A 61 5.28 -12.62 8.02
N PRO A 62 4.95 -11.35 7.71
CA PRO A 62 5.36 -10.58 6.52
C PRO A 62 6.84 -10.22 6.52
N LEU A 63 7.36 -9.84 5.36
CA LEU A 63 8.77 -9.52 5.19
C LEU A 63 9.02 -8.07 5.56
N TRP A 64 10.15 -7.82 6.22
CA TRP A 64 10.58 -6.47 6.59
C TRP A 64 11.73 -6.00 5.71
N GLN A 65 11.92 -4.69 5.69
CA GLN A 65 12.99 -4.07 4.91
C GLN A 65 14.12 -3.69 5.84
N LYS A 66 15.35 -3.84 5.36
CA LYS A 66 16.47 -3.19 6.02
C LYS A 66 16.55 -1.77 5.51
N VAL A 67 16.50 -0.80 6.42
CA VAL A 67 16.55 0.60 6.06
C VAL A 67 17.60 1.29 6.91
N THR A 68 18.02 2.45 6.42
CA THR A 68 18.89 3.37 7.14
C THR A 68 18.12 4.65 7.44
N LEU A 69 18.12 5.08 8.73
CA LEU A 69 17.48 6.32 9.13
C LEU A 69 18.33 7.54 8.77
N PRO A 70 17.69 8.71 8.52
CA PRO A 70 16.24 8.92 8.55
C PRO A 70 15.50 8.26 7.39
N HIS A 71 14.23 7.99 7.59
CA HIS A 71 13.44 7.20 6.67
C HIS A 71 12.02 7.73 6.61
N CYS A 72 11.41 7.63 5.42
CA CYS A 72 10.09 8.20 5.22
C CYS A 72 9.20 7.23 4.46
N PHE A 73 7.95 7.07 4.94
CA PHE A 73 6.99 6.20 4.27
C PHE A 73 6.82 6.55 2.80
N ASN A 74 7.05 7.81 2.44
CA ASN A 74 6.58 8.32 1.15
C ASN A 74 7.74 8.78 0.27
N ALA A 75 8.93 8.21 0.53
CA ALA A 75 10.13 8.53 -0.25
C ALA A 75 9.86 8.47 -1.74
N GLU A 76 9.02 7.55 -2.19
CA GLU A 76 8.70 7.50 -3.61
C GLU A 76 7.24 7.76 -3.92
N ASP A 77 6.30 7.27 -3.09
CA ASP A 77 4.92 7.30 -3.53
C ASP A 77 4.28 8.69 -3.41
N ALA A 78 4.97 9.67 -2.77
CA ALA A 78 4.40 11.02 -2.76
C ALA A 78 4.21 11.53 -4.18
N VAL A 79 5.15 11.23 -5.07
CA VAL A 79 5.08 11.74 -6.44
C VAL A 79 4.83 10.65 -7.46
N ASP A 80 4.64 9.41 -7.04
CA ASP A 80 4.19 8.37 -7.96
C ASP A 80 2.88 8.82 -8.60
N PRO A 81 2.80 8.97 -9.92
CA PRO A 81 1.60 9.56 -10.52
C PRO A 81 0.36 8.68 -10.43
N ASP A 82 0.48 7.40 -10.05
CA ASP A 82 -0.65 6.49 -10.15
C ASP A 82 -1.23 6.05 -8.81
N VAL A 83 -0.72 6.53 -7.68
CA VAL A 83 -1.22 6.06 -6.39
C VAL A 83 -1.45 7.25 -5.46
N ASN A 84 -2.36 7.07 -4.51
CA ASN A 84 -2.42 8.00 -3.40
C ASN A 84 -1.26 7.71 -2.46
N TYR A 85 -0.58 8.76 -2.01
CA TYR A 85 0.54 8.54 -1.10
C TYR A 85 0.04 7.85 0.15
N TYR A 86 0.88 6.98 0.72
CA TYR A 86 0.45 6.08 1.78
C TYR A 86 0.17 6.86 3.06
N GLN A 87 -1.01 6.62 3.67
CA GLN A 87 -1.40 7.29 4.90
C GLN A 87 -1.90 6.23 5.87
N GLY A 88 -1.04 5.83 6.80
CA GLY A 88 -1.32 4.70 7.65
C GLY A 88 -0.17 4.35 8.56
N PRO A 89 -0.25 3.19 9.20
CA PRO A 89 0.77 2.79 10.17
C PRO A 89 1.94 2.02 9.55
N GLY A 90 3.04 2.02 10.29
CA GLY A 90 4.23 1.27 9.92
C GLY A 90 5.08 1.13 11.16
N TRP A 91 6.02 0.17 11.11
CA TRP A 91 6.79 -0.20 12.29
C TRP A 91 8.29 -0.20 12.02
N TYR A 92 9.07 0.22 13.01
CA TYR A 92 10.52 0.08 12.98
C TYR A 92 10.98 -0.78 14.15
N ARG A 93 12.10 -1.50 13.98
CA ARG A 93 12.65 -2.27 15.08
C ARG A 93 14.16 -2.43 14.90
N THR A 94 14.86 -2.53 16.03
CA THR A 94 16.30 -2.71 16.02
C THR A 94 16.77 -3.21 17.39
N MET A 95 18.08 -3.43 17.49
CA MET A 95 18.76 -3.92 18.68
C MET A 95 19.78 -2.88 19.12
N LEU A 96 19.76 -2.49 20.40
CA LEU A 96 20.67 -1.44 20.87
C LEU A 96 21.59 -1.92 21.99
N ASN A 97 22.87 -1.59 21.86
CA ASN A 97 23.83 -1.66 22.96
C ASN A 97 23.66 -0.41 23.81
N ILE A 98 23.20 -0.59 25.05
CA ILE A 98 22.90 0.53 25.92
C ILE A 98 23.92 0.52 27.07
N GLU A 99 24.87 1.45 27.01
CA GLU A 99 26.01 1.53 27.93
C GLU A 99 26.00 2.91 28.58
N ASN A 100 25.13 3.11 29.57
CA ASN A 100 25.03 4.43 30.21
C ASN A 100 26.20 4.64 31.16
N PRO A 101 27.03 5.69 30.95
CA PRO A 101 28.21 5.92 31.79
C PRO A 101 27.96 6.79 33.02
N TYR A 102 26.88 6.52 33.74
CA TYR A 102 26.55 7.38 34.87
C TYR A 102 25.88 6.56 35.94
N THR A 103 26.27 6.82 37.19
CA THR A 103 25.61 6.21 38.32
C THR A 103 24.17 6.69 38.38
N ASN A 104 23.23 5.76 38.26
CA ASN A 104 21.81 6.11 38.16
C ASN A 104 21.57 7.17 37.10
N GLY A 105 22.34 7.10 36.03
CA GLY A 105 22.08 7.92 34.87
C GLY A 105 20.79 7.53 34.20
N ARG A 106 20.33 8.39 33.29
CA ARG A 106 19.06 8.18 32.61
C ARG A 106 19.31 8.08 31.11
N THR A 107 18.56 7.18 30.46
CA THR A 107 18.73 6.90 29.04
C THR A 107 17.45 7.24 28.31
N CYS A 108 17.57 8.07 27.27
CA CYS A 108 16.43 8.53 26.49
C CYS A 108 16.68 8.30 25.01
N LEU A 109 15.62 7.89 24.32
CA LEU A 109 15.57 8.04 22.87
C LEU A 109 15.01 9.44 22.60
N GLU A 110 15.75 10.21 21.81
CA GLU A 110 15.37 11.56 21.44
C GLU A 110 14.92 11.55 20.00
N PHE A 111 13.79 12.21 19.73
CA PHE A 111 13.19 12.28 18.40
C PHE A 111 13.22 13.72 17.94
N GLU A 112 14.03 14.01 16.92
CA GLU A 112 14.03 15.36 16.37
C GLU A 112 12.81 15.59 15.50
N GLY A 113 12.11 14.52 15.11
CA GLY A 113 10.86 14.65 14.40
C GLY A 113 10.39 13.33 13.82
N ALA A 114 9.12 13.00 14.01
CA ALA A 114 8.56 11.79 13.44
C ALA A 114 7.08 12.02 13.19
N GLY A 115 6.57 11.53 12.07
CA GLY A 115 5.19 11.76 11.67
C GLY A 115 4.35 10.49 11.61
N GLN A 116 3.06 10.64 11.92
CA GLN A 116 2.52 11.83 12.56
C GLN A 116 2.29 11.50 14.04
N LYS A 117 1.74 10.32 14.30
CA LYS A 117 1.64 9.76 15.65
C LYS A 117 2.71 8.69 15.82
N THR A 118 3.29 8.61 17.01
CA THR A 118 4.43 7.72 17.24
C THR A 118 4.28 7.03 18.59
N GLU A 119 4.65 5.74 18.64
CA GLU A 119 4.64 4.96 19.87
C GLU A 119 5.97 4.21 20.00
N VAL A 120 6.53 4.23 21.21
CA VAL A 120 7.87 3.72 21.48
C VAL A 120 7.78 2.53 22.43
N TYR A 121 8.45 1.43 22.07
CA TYR A 121 8.42 0.20 22.86
C TYR A 121 9.83 -0.27 23.16
N VAL A 122 10.08 -0.61 24.42
CA VAL A 122 11.19 -1.46 24.82
C VAL A 122 10.64 -2.87 24.99
N TYR A 123 11.15 -3.82 24.23
CA TYR A 123 10.55 -5.16 24.17
C TYR A 123 9.03 -5.03 24.07
N THR A 124 8.27 -5.58 25.02
CA THR A 124 6.81 -5.59 24.90
C THR A 124 6.14 -4.51 25.72
N THR A 125 6.88 -3.51 26.15
CA THR A 125 6.38 -2.48 27.04
C THR A 125 6.37 -1.15 26.31
N ARG A 126 5.21 -0.49 26.24
CA ARG A 126 5.15 0.82 25.62
C ARG A 126 5.72 1.87 26.58
N ILE A 127 6.56 2.75 26.05
CA ILE A 127 7.28 3.74 26.84
C ILE A 127 6.58 5.09 26.82
N ALA A 128 6.28 5.57 25.62
CA ALA A 128 5.88 6.94 25.37
C ALA A 128 5.14 6.98 24.04
N SER A 129 4.36 8.03 23.85
CA SER A 129 3.68 8.23 22.59
C SER A 129 3.63 9.73 22.33
N HIS A 130 3.51 10.07 21.05
CA HIS A 130 3.55 11.46 20.61
C HIS A 130 2.57 11.67 19.48
N VAL A 131 1.94 12.84 19.45
CA VAL A 131 1.08 13.26 18.36
C VAL A 131 1.59 14.61 17.89
N GLY A 132 1.94 14.71 16.62
CA GLY A 132 2.59 15.89 16.10
C GLY A 132 3.85 15.49 15.37
N GLY A 133 3.90 15.79 14.07
CA GLY A 133 5.00 15.33 13.26
C GLY A 133 6.17 16.27 13.14
N TYR A 134 6.22 17.36 13.90
CA TYR A 134 7.20 18.38 13.59
C TYR A 134 7.94 18.96 14.78
N ASP A 135 7.55 18.64 16.02
CA ASP A 135 8.25 19.10 17.20
C ASP A 135 9.10 17.97 17.78
N GLU A 136 10.03 18.35 18.66
CA GLU A 136 10.93 17.39 19.27
C GLU A 136 10.35 16.87 20.57
N TRP A 137 10.69 15.64 20.90
CA TRP A 137 10.17 14.98 22.09
C TRP A 137 11.11 13.82 22.40
N LYS A 138 10.96 13.25 23.58
CA LYS A 138 11.83 12.15 23.99
C LYS A 138 11.03 11.07 24.71
N ALA A 139 11.65 9.90 24.85
CA ALA A 139 11.09 8.77 25.60
C ALA A 139 12.16 8.28 26.55
N ASP A 140 11.84 8.26 27.84
CA ASP A 140 12.78 7.85 28.88
C ASP A 140 12.66 6.34 29.05
N ILE A 141 13.66 5.61 28.55
CA ILE A 141 13.59 4.15 28.56
C ILE A 141 14.36 3.55 29.74
N THR A 142 14.75 4.39 30.70
CA THR A 142 15.68 3.97 31.75
C THR A 142 15.13 2.80 32.56
N GLU A 143 13.91 2.93 33.04
CA GLU A 143 13.37 1.89 33.91
C GLU A 143 13.04 0.61 33.13
N ALA A 144 12.61 0.75 31.87
CA ALA A 144 12.26 -0.44 31.10
C ALA A 144 13.50 -1.22 30.67
N VAL A 145 14.60 -0.51 30.40
CA VAL A 145 15.85 -1.21 30.10
C VAL A 145 16.28 -2.02 31.32
N GLU A 146 16.19 -1.42 32.49
CA GLU A 146 16.52 -2.10 33.73
C GLU A 146 15.64 -3.34 33.90
N ALA A 147 14.32 -3.13 34.06
CA ALA A 147 13.43 -4.26 34.26
C ALA A 147 13.58 -5.33 33.19
N PHE A 148 14.07 -4.95 32.01
CA PHE A 148 14.29 -5.95 30.98
C PHE A 148 15.60 -6.69 31.19
N ARG A 149 16.66 -6.00 31.61
CA ARG A 149 17.90 -6.71 31.92
C ARG A 149 17.70 -7.72 33.04
N ARG A 150 16.76 -7.45 33.95
CA ARG A 150 16.43 -8.35 35.05
C ARG A 150 15.55 -9.51 34.59
N THR A 151 15.69 -9.92 33.34
CA THR A 151 15.00 -11.06 32.77
C THR A 151 15.99 -11.93 32.01
N PRO A 152 15.74 -13.24 31.93
CA PRO A 152 16.72 -14.12 31.26
C PRO A 152 16.78 -13.95 29.75
N LEU A 153 15.69 -13.49 29.13
CA LEU A 153 15.69 -13.38 27.66
C LEU A 153 16.70 -12.37 27.16
N CYS A 154 17.01 -11.36 27.97
CA CYS A 154 17.99 -10.36 27.56
C CYS A 154 19.32 -11.02 27.22
N ARG A 155 19.82 -11.86 28.12
CA ARG A 155 21.11 -12.51 27.88
C ARG A 155 20.98 -13.69 26.94
N GLU A 156 19.97 -14.54 27.15
CA GLU A 156 19.84 -15.80 26.42
C GLU A 156 19.57 -15.56 24.94
N ARG A 157 18.62 -14.67 24.63
CA ARG A 157 18.16 -14.49 23.26
C ARG A 157 18.83 -13.34 22.54
N PHE A 158 19.00 -12.21 23.21
CA PHE A 158 19.53 -11.02 22.56
C PHE A 158 20.97 -10.73 22.94
N GLY A 159 21.55 -11.53 23.84
CA GLY A 159 22.94 -11.39 24.19
C GLY A 159 23.22 -10.02 24.79
N GLY A 160 22.38 -9.63 25.73
CA GLY A 160 22.57 -8.39 26.45
C GLY A 160 22.12 -7.14 25.74
N LYS A 161 21.80 -7.18 24.45
CA LYS A 161 21.31 -6.00 23.75
C LYS A 161 19.81 -5.81 24.03
N ILE A 162 19.29 -4.65 23.66
CA ILE A 162 17.94 -4.24 24.02
C ILE A 162 17.10 -4.14 22.76
N PRO A 163 15.93 -4.79 22.69
CA PRO A 163 15.08 -4.65 21.51
C PRO A 163 14.16 -3.44 21.57
N ILE A 164 14.21 -2.64 20.51
CA ILE A 164 13.45 -1.39 20.39
C ILE A 164 12.49 -1.54 19.21
N ALA A 165 11.26 -1.11 19.40
CA ALA A 165 10.33 -1.00 18.29
C ALA A 165 9.60 0.32 18.39
N ILE A 166 9.33 0.92 17.22
CA ILE A 166 8.67 2.22 17.14
C ILE A 166 7.60 2.13 16.07
N ARG A 167 6.36 2.44 16.45
CA ARG A 167 5.23 2.48 15.54
C ARG A 167 4.98 3.93 15.15
N CYS A 168 5.02 4.22 13.85
CA CYS A 168 4.66 5.54 13.34
C CYS A 168 3.40 5.44 12.49
N ASP A 169 2.58 6.47 12.55
CA ASP A 169 1.33 6.45 11.81
C ASP A 169 1.04 7.84 11.24
N ASN A 170 0.72 7.89 9.95
CA ASN A 170 0.25 9.10 9.29
C ASN A 170 -1.10 8.83 8.61
N SER A 171 -1.98 8.10 9.29
CA SER A 171 -3.36 8.00 8.86
C SER A 171 -4.01 9.38 8.85
N ARG A 172 -4.98 9.55 7.95
CA ARG A 172 -5.77 10.78 7.93
C ARG A 172 -6.56 10.92 9.23
N ASP A 173 -6.50 12.12 9.81
CA ASP A 173 -7.19 12.34 11.08
C ASP A 173 -7.63 13.81 11.14
N THR A 174 -8.94 14.06 10.99
CA THR A 174 -9.35 15.46 10.94
C THR A 174 -9.22 16.17 12.28
N GLU A 175 -9.01 15.44 13.36
CA GLU A 175 -8.81 16.02 14.69
C GLU A 175 -7.34 16.23 15.03
N MET A 176 -6.48 16.13 14.02
CA MET A 176 -5.05 16.35 14.15
C MET A 176 -4.63 17.45 13.17
N ILE A 177 -3.82 18.39 13.63
CA ILE A 177 -3.29 19.41 12.72
C ILE A 177 -1.97 18.87 12.19
N PRO A 178 -1.56 19.21 10.94
CA PRO A 178 -2.29 20.05 9.98
C PRO A 178 -3.39 19.31 9.26
N SER A 179 -4.21 20.06 8.54
CA SER A 179 -5.33 19.49 7.82
C SER A 179 -4.87 18.82 6.55
N ASP A 180 -5.55 17.72 6.21
CA ASP A 180 -5.24 17.10 4.93
C ASP A 180 -5.69 17.94 3.74
N MET A 181 -6.37 19.06 3.97
CA MET A 181 -6.57 20.00 2.87
C MET A 181 -5.30 20.78 2.53
N SER A 182 -4.24 20.66 3.33
CA SER A 182 -3.00 21.38 3.10
C SER A 182 -2.36 20.98 1.78
N ASP A 183 -1.64 21.93 1.19
CA ASP A 183 -0.92 21.75 -0.07
C ASP A 183 0.49 21.17 0.14
N PHE A 184 0.62 20.19 1.03
CA PHE A 184 1.85 19.43 1.21
C PHE A 184 1.48 18.07 1.78
N ASN A 185 2.41 17.12 1.73
CA ASN A 185 2.15 15.79 2.29
C ASN A 185 2.31 15.83 3.80
N LEU A 186 1.41 15.13 4.50
CA LEU A 186 1.59 14.80 5.92
C LEU A 186 2.40 13.52 5.95
N TYR A 187 3.73 13.68 5.93
CA TYR A 187 4.65 12.58 5.78
C TYR A 187 4.64 11.64 6.98
N GLY A 188 4.96 10.38 6.74
CA GLY A 188 5.04 9.38 7.80
C GLY A 188 6.46 8.87 7.98
N GLY A 189 6.76 8.47 9.22
CA GLY A 189 7.97 7.72 9.54
C GLY A 189 8.96 8.54 10.37
N LEU A 190 10.13 7.93 10.59
CA LEU A 190 11.21 8.52 11.38
C LEU A 190 12.11 9.31 10.44
N TYR A 191 11.55 10.39 9.94
CA TYR A 191 12.20 11.15 8.89
C TYR A 191 13.16 12.19 9.43
N ARG A 192 13.25 12.33 10.75
CA ARG A 192 14.33 13.09 11.37
C ARG A 192 15.07 12.18 12.32
N TYR A 193 16.30 12.57 12.63
CA TYR A 193 17.20 11.73 13.40
C TYR A 193 16.60 11.31 14.74
N VAL A 194 16.88 10.07 15.10
CA VAL A 194 16.65 9.55 16.44
C VAL A 194 18.01 9.42 17.11
N ASN A 195 18.08 9.86 18.37
CA ASN A 195 19.33 9.91 19.13
C ASN A 195 19.20 9.08 20.39
N LEU A 196 20.25 8.33 20.70
CA LEU A 196 20.42 7.71 22.01
C LEU A 196 21.20 8.66 22.90
N VAL A 197 20.66 8.98 24.07
CA VAL A 197 21.21 10.07 24.89
C VAL A 197 21.26 9.67 26.35
N TYR A 198 22.43 9.84 26.96
CA TYR A 198 22.67 9.55 28.37
C TYR A 198 22.89 10.85 29.14
N THR A 199 22.32 10.94 30.33
CA THR A 199 22.48 12.09 31.22
C THR A 199 22.63 11.59 32.65
N PRO A 200 23.24 12.40 33.53
CA PRO A 200 23.32 12.03 34.94
C PRO A 200 21.95 12.09 35.61
N ALA A 201 21.90 11.54 36.83
CA ALA A 201 20.69 11.62 37.64
C ALA A 201 20.22 13.06 37.78
N VAL A 202 21.16 14.00 37.87
CA VAL A 202 20.85 15.42 37.87
C VAL A 202 21.53 16.02 36.64
N HIS A 203 20.78 16.85 35.92
CA HIS A 203 21.09 17.19 34.53
C HIS A 203 20.41 18.51 34.20
N PHE A 204 20.85 19.12 33.11
CA PHE A 204 20.15 20.30 32.61
C PHE A 204 18.84 19.86 31.96
N GLU A 205 17.74 20.49 32.37
CA GLU A 205 16.47 20.27 31.70
C GLU A 205 16.23 21.34 30.64
N GLN A 206 16.37 22.61 31.00
CA GLN A 206 16.13 23.70 30.07
C GLN A 206 17.13 24.82 30.32
N ILE A 207 17.55 25.48 29.23
CA ILE A 207 18.49 26.60 29.30
C ILE A 207 18.04 27.70 28.36
N ARG A 208 17.41 28.73 28.91
CA ARG A 208 16.84 29.81 28.13
C ARG A 208 17.79 31.01 28.17
N ILE A 209 18.07 31.58 27.00
CA ILE A 209 19.07 32.62 26.86
C ILE A 209 18.42 33.77 26.08
N GLU A 210 18.24 34.91 26.76
CA GLU A 210 17.65 36.10 26.15
C GLU A 210 18.72 37.19 26.09
N ALA A 211 19.31 37.34 24.92
CA ALA A 211 20.21 38.44 24.65
C ALA A 211 19.39 39.63 24.16
N THR A 212 19.59 40.79 24.79
CA THR A 212 18.88 42.01 24.47
C THR A 212 19.87 43.12 24.17
N THR A 213 19.58 43.94 23.17
CA THR A 213 20.44 45.04 22.81
C THR A 213 19.60 46.18 22.27
N ASP A 214 20.12 47.40 22.41
CA ASP A 214 19.41 48.54 21.89
C ASP A 214 19.61 48.63 20.36
N GLU A 215 18.80 49.48 19.74
CA GLU A 215 18.78 49.57 18.28
C GLU A 215 20.05 50.17 17.68
N LYS A 216 21.05 50.54 18.48
CA LYS A 216 22.32 50.99 17.92
C LYS A 216 23.47 50.24 18.54
N GLY A 217 23.20 49.23 19.36
CA GLY A 217 24.21 48.28 19.77
C GLY A 217 25.17 48.79 20.81
N LYS A 218 24.76 49.76 21.63
CA LYS A 218 25.64 50.31 22.65
C LYS A 218 25.85 49.33 23.80
N GLN A 219 24.78 48.81 24.37
CA GLN A 219 24.93 47.82 25.42
C GLN A 219 24.22 46.51 25.06
N GLY A 220 24.55 45.49 25.82
CA GLY A 220 23.90 44.21 25.67
C GLY A 220 23.64 43.63 27.05
N SER A 221 22.56 42.87 27.13
CA SER A 221 22.21 42.17 28.34
C SER A 221 21.95 40.71 28.00
N ILE A 222 22.37 39.81 28.89
CA ILE A 222 22.17 38.37 28.72
C ILE A 222 21.48 37.88 29.98
N SER A 223 20.17 37.64 29.89
CA SER A 223 19.47 36.95 30.96
C SER A 223 19.47 35.45 30.66
N ILE A 224 19.85 34.64 31.65
CA ILE A 224 19.99 33.21 31.46
C ILE A 224 19.22 32.49 32.57
N ASP A 225 18.24 31.67 32.17
CA ASP A 225 17.44 30.88 33.10
C ASP A 225 17.73 29.40 32.86
N ILE A 226 18.01 28.68 33.95
CA ILE A 226 18.47 27.30 33.89
C ILE A 226 17.63 26.46 34.83
N ALA A 227 17.10 25.34 34.32
CA ALA A 227 16.29 24.43 35.10
C ALA A 227 16.94 23.05 35.13
N PHE A 228 16.85 22.39 36.29
CA PHE A 228 17.50 21.10 36.52
C PHE A 228 16.48 20.01 36.77
N GLY A 229 16.72 18.83 36.18
CA GLY A 229 15.98 17.63 36.51
C GLY A 229 16.75 16.78 37.51
N GLY A 230 16.02 15.93 38.20
CA GLY A 230 16.54 15.42 39.44
C GLY A 230 16.25 16.44 40.52
N LEU A 231 16.87 16.22 41.68
CA LEU A 231 16.57 16.96 42.92
C LEU A 231 15.19 16.58 43.48
N LYS A 239 26.91 21.77 46.62
CA LYS A 239 27.17 21.50 45.20
C LYS A 239 26.95 22.75 44.35
N GLU A 240 27.75 22.90 43.28
CA GLU A 240 27.64 24.03 42.38
C GLU A 240 27.89 23.57 40.95
N PHE A 241 27.89 24.54 40.02
CA PHE A 241 27.98 24.31 38.59
C PHE A 241 28.48 25.59 37.93
N SER A 242 29.01 25.45 36.71
CA SER A 242 29.67 26.55 36.04
C SER A 242 28.91 27.04 34.82
N LEU A 243 29.25 28.26 34.39
CA LEU A 243 28.55 28.94 33.32
C LEU A 243 29.52 29.95 32.69
N ARG A 244 29.87 29.74 31.41
CA ARG A 244 30.81 30.63 30.73
C ARG A 244 30.22 31.10 29.39
N VAL A 245 30.47 32.36 29.06
CA VAL A 245 29.98 32.97 27.83
C VAL A 245 31.17 33.37 26.97
N PHE A 246 31.25 32.81 25.76
CA PHE A 246 32.36 33.06 24.85
C PHE A 246 31.93 33.94 23.69
N SER A 247 32.85 34.83 23.27
CA SER A 247 32.60 35.73 22.16
C SER A 247 32.53 34.96 20.85
N PRO A 248 32.08 35.61 19.76
CA PRO A 248 32.13 34.95 18.44
C PRO A 248 33.54 34.63 17.97
N GLU A 249 34.54 34.93 18.81
CA GLU A 249 35.93 34.61 18.54
C GLU A 249 36.48 33.52 19.46
N GLY A 250 35.70 33.05 20.42
CA GLY A 250 36.17 32.05 21.34
C GLY A 250 36.69 32.63 22.63
N LYS A 251 36.73 33.95 22.75
CA LYS A 251 37.30 34.62 23.92
C LYS A 251 36.23 34.76 24.98
N GLU A 252 36.56 34.32 26.19
CA GLU A 252 35.64 34.39 27.31
C GLU A 252 35.27 35.84 27.61
N VAL A 253 33.97 36.17 27.48
CA VAL A 253 33.51 37.52 27.79
C VAL A 253 33.11 37.65 29.25
N ASN A 254 32.81 36.55 29.92
CA ASN A 254 32.23 36.60 31.25
C ASN A 254 32.12 35.17 31.78
N SER A 255 32.15 35.01 33.10
CA SER A 255 32.14 33.68 33.69
C SER A 255 31.47 33.75 35.05
N ILE A 256 30.83 32.64 35.43
CA ILE A 256 30.11 32.50 36.69
C ILE A 256 30.27 31.06 37.16
N SER A 257 30.37 30.89 38.47
CA SER A 257 30.05 29.63 39.12
C SER A 257 28.93 29.90 40.10
N SER A 258 27.99 28.96 40.22
CA SER A 258 26.83 29.20 41.07
C SER A 258 26.38 27.91 41.70
N GLU A 259 25.70 28.04 42.84
CA GLU A 259 25.18 26.88 43.53
C GLU A 259 24.04 26.26 42.73
N LEU A 260 23.97 24.93 42.80
CA LEU A 260 22.98 24.18 42.04
C LEU A 260 21.64 24.27 42.74
N THR A 261 20.70 24.99 42.13
CA THR A 261 19.33 25.06 42.63
C THR A 261 18.36 24.80 41.47
N GLU A 262 17.17 24.30 41.80
CA GLU A 262 16.30 23.69 40.78
C GLU A 262 16.05 24.63 39.62
N ILE A 263 15.71 25.88 39.91
CA ILE A 263 15.67 26.92 38.88
C ILE A 263 16.58 28.05 39.33
N SER A 264 17.35 28.57 38.38
CA SER A 264 18.33 29.62 38.63
C SER A 264 18.16 30.70 37.57
N SER A 265 18.74 31.86 37.85
CA SER A 265 18.68 32.97 36.90
C SER A 265 19.93 33.82 37.09
N TYR A 266 20.45 34.32 35.96
CA TYR A 266 21.70 35.06 35.95
C TYR A 266 21.58 36.10 34.85
N GLN A 267 22.10 37.30 35.11
CA GLN A 267 22.05 38.37 34.11
C GLN A 267 23.41 39.03 33.99
N ILE A 268 23.96 38.99 32.79
CA ILE A 268 25.32 39.41 32.51
C ILE A 268 25.26 40.68 31.66
N SER A 269 26.23 41.56 31.88
CA SER A 269 26.35 42.85 31.22
C SER A 269 27.37 42.76 30.09
N LEU A 270 27.22 43.63 29.09
CA LEU A 270 28.14 43.60 27.95
C LEU A 270 28.03 44.88 27.13
N LYS A 271 29.18 45.47 26.80
CA LYS A 271 29.28 46.72 26.08
C LYS A 271 29.52 46.46 24.59
N ARG A 272 29.02 47.37 23.74
CA ARG A 272 28.89 47.28 22.28
C ARG A 272 29.06 45.87 21.73
N PRO A 273 28.15 44.94 22.05
CA PRO A 273 28.27 43.56 21.56
C PRO A 273 28.33 43.45 20.05
N GLN A 274 29.02 42.42 19.58
CA GLN A 274 28.93 42.06 18.17
C GLN A 274 27.49 41.72 17.81
N LEU A 275 26.98 42.35 16.77
CA LEU A 275 25.58 42.20 16.41
C LEU A 275 25.37 41.05 15.42
N TRP A 276 24.37 40.21 15.68
CA TRP A 276 23.94 39.22 14.70
C TRP A 276 23.03 39.86 13.67
N SER A 277 23.29 39.59 12.40
CA SER A 277 22.41 39.98 11.31
C SER A 277 22.60 38.97 10.19
N PRO A 278 21.73 38.98 9.17
CA PRO A 278 21.98 38.13 8.00
C PRO A 278 23.32 38.42 7.35
N HIS A 279 23.63 39.70 7.15
CA HIS A 279 24.89 40.10 6.53
C HIS A 279 26.08 39.66 7.36
N SER A 280 25.93 39.69 8.69
CA SER A 280 27.02 39.40 9.63
C SER A 280 26.49 38.57 10.79
N PRO A 281 26.39 37.24 10.62
CA PRO A 281 25.76 36.40 11.64
C PRO A 281 26.69 36.07 12.80
N ALA A 282 27.15 37.10 13.50
CA ALA A 282 27.97 36.88 14.68
C ALA A 282 27.17 36.16 15.75
N LEU A 283 27.70 35.02 16.19
CA LEU A 283 27.06 34.20 17.20
C LEU A 283 27.94 34.12 18.43
N TYR A 284 27.35 34.36 19.60
CA TYR A 284 27.97 34.12 20.88
C TYR A 284 27.68 32.69 21.32
N THR A 285 28.44 32.22 22.31
CA THR A 285 28.27 30.88 22.85
C THR A 285 28.13 30.94 24.35
N CYS A 286 27.26 30.09 24.88
CA CYS A 286 27.11 29.90 26.32
C CYS A 286 27.34 28.43 26.62
N VAL A 287 28.26 28.14 27.52
CA VAL A 287 28.59 26.77 27.92
C VAL A 287 28.23 26.59 29.38
N ALA A 288 27.31 25.66 29.63
CA ALA A 288 26.99 25.24 30.98
C ALA A 288 27.68 23.91 31.25
N GLU A 289 28.03 23.69 32.51
CA GLU A 289 28.90 22.59 32.84
C GLU A 289 28.60 22.12 34.25
N LEU A 290 28.35 20.83 34.39
CA LEU A 290 28.03 20.25 35.68
C LEU A 290 28.84 18.98 35.85
N ILE A 291 29.33 18.76 37.06
CA ILE A 291 30.20 17.62 37.36
C ILE A 291 29.57 16.79 38.47
N ASP A 292 29.61 15.47 38.30
CA ASP A 292 29.34 14.55 39.39
C ASP A 292 30.09 13.26 39.10
N ASN A 293 30.60 12.63 40.16
CA ASN A 293 31.33 11.35 40.07
C ASN A 293 32.46 11.41 39.05
N GLY A 294 33.05 12.60 38.88
CA GLY A 294 34.15 12.81 37.97
C GLY A 294 33.78 13.17 36.54
N ASP A 295 32.55 12.84 36.12
CA ASP A 295 32.12 13.06 34.75
C ASP A 295 31.57 14.46 34.59
N THR A 296 31.80 15.04 33.43
CA THR A 296 31.41 16.42 33.15
C THR A 296 30.28 16.45 32.14
N LEU A 297 29.08 16.82 32.62
CA LEU A 297 27.97 17.13 31.73
C LEU A 297 28.15 18.55 31.20
N ARG A 298 28.25 18.68 29.89
CA ARG A 298 28.38 19.97 29.24
C ARG A 298 27.27 20.15 28.23
N THR A 299 26.81 21.39 28.11
CA THR A 299 25.95 21.77 27.00
C THR A 299 26.38 23.13 26.49
N THR A 300 26.49 23.23 25.17
CA THR A 300 26.91 24.44 24.50
C THR A 300 25.73 25.02 23.72
N GLN A 301 25.52 26.33 23.86
CA GLN A 301 24.38 27.00 23.24
C GLN A 301 24.87 28.24 22.51
N HIS A 302 24.39 28.44 21.28
CA HIS A 302 24.62 29.68 20.59
C HIS A 302 23.48 30.66 20.82
N PHE A 303 23.77 31.94 20.65
CA PHE A 303 22.76 32.98 20.67
C PHE A 303 23.34 34.21 19.98
N GLY A 304 22.55 35.28 19.95
CA GLY A 304 22.92 36.45 19.17
C GLY A 304 22.31 37.72 19.73
N PHE A 305 23.04 38.81 19.57
CA PHE A 305 22.55 40.13 19.93
C PHE A 305 21.98 40.79 18.69
N ARG A 306 20.70 41.10 18.72
CA ARG A 306 20.10 41.79 17.60
C ARG A 306 18.87 42.54 18.09
N HIS A 307 18.50 43.57 17.35
CA HIS A 307 17.35 44.39 17.70
C HIS A 307 16.54 44.57 16.44
N PHE A 308 15.22 44.40 16.57
CA PHE A 308 14.38 44.48 15.39
C PHE A 308 13.04 45.05 15.79
N ARG A 309 12.34 45.57 14.79
CA ARG A 309 11.15 46.37 15.01
C ARG A 309 10.33 46.35 13.73
N PHE A 310 9.05 46.06 13.83
CA PHE A 310 8.10 46.23 12.74
C PHE A 310 7.37 47.53 12.99
N GLU A 311 7.54 48.49 12.09
CA GLU A 311 6.98 49.82 12.27
C GLU A 311 5.51 49.82 11.83
N GLU A 312 4.66 50.40 12.66
CA GLU A 312 3.24 50.54 12.35
C GLU A 312 3.07 51.31 11.05
N LYS A 313 2.38 50.71 10.08
CA LYS A 313 2.22 51.28 8.74
C LYS A 313 3.57 51.56 8.07
N GLY A 314 4.65 50.92 8.55
CA GLY A 314 5.96 51.17 7.99
C GLY A 314 6.76 49.93 7.75
N PRO A 315 8.05 50.07 7.48
CA PRO A 315 8.86 48.89 7.13
C PRO A 315 9.48 48.24 8.35
N PHE A 316 10.56 47.49 8.12
CA PHE A 316 11.18 46.65 9.13
C PHE A 316 12.62 47.12 9.39
N TYR A 317 12.98 47.23 10.66
CA TYR A 317 14.27 47.79 11.07
C TYR A 317 15.05 46.73 11.83
N LEU A 318 16.23 46.42 11.35
CA LEU A 318 17.15 45.51 12.01
C LEU A 318 18.35 46.31 12.50
N ASN A 319 18.68 46.17 13.78
CA ASN A 319 19.79 46.91 14.37
C ASN A 319 19.78 48.38 13.93
N GLY A 320 18.60 49.00 13.96
CA GLY A 320 18.48 50.43 13.71
C GLY A 320 18.46 50.87 12.26
N GLU A 321 18.66 49.97 11.30
CA GLU A 321 18.58 50.33 9.91
C GLU A 321 17.41 49.60 9.23
N ARG A 322 16.67 50.33 8.39
CA ARG A 322 15.63 49.71 7.61
C ARG A 322 16.24 48.62 6.74
N LEU A 323 15.59 47.45 6.71
CA LEU A 323 16.09 46.29 5.97
C LEU A 323 14.93 45.63 5.26
N LEU A 324 14.97 45.64 3.93
CA LEU A 324 13.95 44.99 3.14
C LEU A 324 14.17 43.48 3.21
N LEU A 325 13.23 42.77 3.82
CA LEU A 325 13.34 41.33 3.95
C LEU A 325 13.24 40.66 2.58
N ARG A 326 14.26 39.91 2.22
CA ARG A 326 14.30 39.20 0.94
C ARG A 326 14.08 37.73 1.30
N GLY A 327 12.82 37.30 1.25
CA GLY A 327 12.49 36.00 1.79
C GLY A 327 12.10 34.92 0.80
N THR A 328 12.27 33.67 1.23
CA THR A 328 11.76 32.49 0.52
C THR A 328 11.08 31.58 1.55
N HIS A 329 10.56 30.44 1.07
CA HIS A 329 10.16 29.34 1.93
C HIS A 329 10.88 28.07 1.50
N ARG A 330 10.85 27.07 2.38
CA ARG A 330 11.25 25.71 2.06
C ARG A 330 10.33 24.75 2.79
N HIS A 331 10.07 23.60 2.16
CA HIS A 331 9.35 22.50 2.78
C HIS A 331 10.36 21.46 3.22
N GLU A 332 9.94 20.61 4.16
N GLU A 332 9.97 20.60 4.16
CA GLU A 332 10.65 19.40 4.54
CA GLU A 332 10.82 19.47 4.52
C GLU A 332 10.35 18.31 3.51
C GLU A 332 10.46 18.32 3.57
N ASP A 333 11.06 18.40 2.38
CA ASP A 333 10.71 17.62 1.21
C ASP A 333 11.91 17.67 0.27
N HIS A 334 12.26 16.52 -0.32
CA HIS A 334 13.34 16.49 -1.29
C HIS A 334 13.21 15.22 -2.13
N ALA A 335 13.73 15.28 -3.35
CA ALA A 335 13.61 14.20 -4.31
C ALA A 335 14.19 12.89 -3.78
N GLY A 336 13.41 11.82 -3.88
CA GLY A 336 13.88 10.52 -3.50
C GLY A 336 13.76 10.18 -2.03
N VAL A 337 13.51 11.16 -1.15
CA VAL A 337 13.54 10.89 0.28
C VAL A 337 12.28 11.35 0.99
N GLY A 338 11.36 12.01 0.30
CA GLY A 338 10.25 12.65 1.00
C GLY A 338 10.78 13.61 2.03
N ALA A 339 10.43 13.38 3.30
CA ALA A 339 10.91 14.20 4.40
C ALA A 339 12.26 13.75 4.98
N ALA A 340 12.81 12.63 4.51
CA ALA A 340 14.01 12.04 5.13
C ALA A 340 15.29 12.70 4.59
N LEU A 341 15.43 13.99 4.89
CA LEU A 341 16.63 14.71 4.54
C LEU A 341 17.71 14.44 5.58
N THR A 342 18.93 14.22 5.09
CA THR A 342 20.12 14.15 5.92
C THR A 342 20.63 15.56 6.22
N GLU A 343 21.47 15.65 7.27
CA GLU A 343 22.11 16.92 7.60
C GLU A 343 22.87 17.48 6.41
N GLU A 344 23.62 16.61 5.72
CA GLU A 344 24.38 17.07 4.55
C GLU A 344 23.45 17.66 3.50
N MET A 345 22.30 17.04 3.26
CA MET A 345 21.36 17.61 2.29
C MET A 345 20.89 18.99 2.72
N MET A 346 20.65 19.19 4.01
CA MET A 346 20.19 20.49 4.48
C MET A 346 21.27 21.55 4.35
N ARG A 347 22.53 21.21 4.62
CA ARG A 347 23.65 22.14 4.40
C ARG A 347 23.68 22.60 2.95
N THR A 348 23.68 21.65 2.02
CA THR A 348 23.71 21.99 0.60
C THR A 348 22.60 22.95 0.23
N GLU A 349 21.38 22.70 0.72
CA GLU A 349 20.23 23.49 0.30
C GLU A 349 20.24 24.87 0.92
N MET A 350 20.51 24.95 2.23
CA MET A 350 20.56 26.26 2.88
C MET A 350 21.65 27.13 2.26
N GLN A 351 22.82 26.55 1.97
CA GLN A 351 23.85 27.31 1.25
C GLN A 351 23.33 27.80 -0.09
N GLN A 352 22.61 26.96 -0.83
CA GLN A 352 22.08 27.39 -2.12
C GLN A 352 21.17 28.59 -1.96
N ILE A 353 20.40 28.62 -0.87
CA ILE A 353 19.49 29.73 -0.59
C ILE A 353 20.29 30.98 -0.24
N LYS A 354 21.21 30.85 0.73
CA LYS A 354 22.08 31.96 1.10
C LYS A 354 22.78 32.56 -0.12
N GLU A 355 23.32 31.70 -0.98
CA GLU A 355 24.00 32.15 -2.20
C GLU A 355 23.05 32.82 -3.19
N MET A 356 21.74 32.57 -3.08
CA MET A 356 20.79 33.27 -3.94
C MET A 356 20.60 34.71 -3.48
N GLY A 357 21.02 35.03 -2.25
CA GLY A 357 20.92 36.38 -1.77
C GLY A 357 19.74 36.66 -0.89
N ALA A 358 18.95 35.63 -0.55
CA ALA A 358 17.91 35.76 0.44
C ALA A 358 18.50 36.08 1.80
N ASN A 359 17.72 36.77 2.63
CA ASN A 359 18.11 36.99 4.01
C ASN A 359 17.02 36.54 4.98
N PHE A 360 15.98 35.87 4.48
CA PHE A 360 14.77 35.66 5.25
C PHE A 360 14.09 34.40 4.74
N ILE A 361 13.54 33.59 5.65
CA ILE A 361 12.87 32.38 5.22
C ILE A 361 11.74 32.06 6.19
N ARG A 362 10.60 31.66 5.63
CA ARG A 362 9.50 31.06 6.36
C ARG A 362 9.55 29.56 6.15
N LEU A 363 9.58 28.80 7.25
CA LEU A 363 9.92 27.38 7.23
C LEU A 363 8.68 26.50 6.99
N GLY A 364 8.05 26.70 5.83
CA GLY A 364 6.86 25.95 5.54
C GLY A 364 5.78 26.25 6.57
N HIS A 365 4.96 25.25 6.86
CA HIS A 365 3.82 25.42 7.74
C HIS A 365 3.97 24.63 9.04
N TYR A 366 5.20 24.47 9.50
CA TYR A 366 5.42 23.67 10.70
C TYR A 366 6.84 23.95 11.21
N GLN A 367 7.05 23.67 12.48
CA GLN A 367 8.40 23.59 13.03
C GLN A 367 9.26 22.65 12.18
N GLN A 368 10.47 23.10 11.84
CA GLN A 368 11.37 22.30 11.03
C GLN A 368 12.59 21.89 11.86
N SER A 369 13.37 20.96 11.30
CA SER A 369 14.56 20.42 11.96
C SER A 369 15.44 21.49 12.58
N GLY A 370 15.91 21.23 13.80
CA GLY A 370 16.87 22.12 14.45
C GLY A 370 18.10 22.38 13.62
N ILE A 371 18.45 21.45 12.72
CA ILE A 371 19.58 21.65 11.81
C ILE A 371 19.34 22.86 10.93
N ILE A 372 18.08 23.08 10.52
CA ILE A 372 17.77 24.23 9.68
C ILE A 372 17.92 25.52 10.47
N LEU A 373 17.48 25.51 11.74
CA LEU A 373 17.59 26.69 12.58
C LEU A 373 19.06 27.06 12.80
N ARG A 374 19.88 26.07 13.15
CA ARG A 374 21.32 26.32 13.29
C ARG A 374 21.89 26.89 12.00
N LEU A 375 21.50 26.33 10.85
CA LEU A 375 21.99 26.88 9.58
C LEU A 375 21.55 28.31 9.36
N CYS A 376 20.35 28.67 9.79
CA CYS A 376 19.89 30.05 9.65
C CYS A 376 20.68 30.97 10.58
N ASP A 377 20.85 30.55 11.84
CA ASP A 377 21.75 31.26 12.74
C ASP A 377 23.14 31.45 12.11
N GLU A 378 23.66 30.43 11.44
CA GLU A 378 25.06 30.42 11.04
C GLU A 378 25.30 31.12 9.70
N LEU A 379 24.44 30.90 8.71
CA LEU A 379 24.65 31.55 7.43
C LEU A 379 24.08 32.96 7.41
N GLY A 380 23.11 33.25 8.25
CA GLY A 380 22.53 34.57 8.24
C GLY A 380 21.22 34.62 7.49
N LEU A 381 20.19 34.02 8.09
CA LEU A 381 18.85 34.03 7.54
C LEU A 381 17.89 34.27 8.68
N LEU A 382 17.11 35.35 8.57
CA LEU A 382 16.03 35.57 9.52
C LEU A 382 14.92 34.54 9.27
N VAL A 383 14.14 34.25 10.31
CA VAL A 383 13.23 33.11 10.32
C VAL A 383 11.84 33.50 10.80
N TRP A 384 10.81 33.04 10.06
CA TRP A 384 9.42 32.96 10.46
C TRP A 384 9.10 31.47 10.56
N GLU A 385 8.75 31.00 11.76
CA GLU A 385 8.37 29.61 11.95
C GLU A 385 7.00 29.57 12.60
N GLU A 386 6.11 28.73 12.09
CA GLU A 386 4.71 28.67 12.52
C GLU A 386 4.31 27.25 12.90
N ILE A 387 3.22 27.15 13.65
CA ILE A 387 2.61 25.85 13.96
C ILE A 387 1.71 25.38 12.82
N PRO A 388 1.47 24.07 12.68
CA PRO A 388 0.74 23.58 11.51
C PRO A 388 -0.78 23.66 11.67
N TRP A 389 -1.29 24.74 12.27
CA TRP A 389 -2.72 25.05 12.19
C TRP A 389 -2.95 25.63 10.79
N CYS A 390 -3.15 24.72 9.83
CA CYS A 390 -3.08 25.04 8.41
C CYS A 390 -4.31 24.46 7.73
N ARG A 391 -5.31 25.31 7.48
CA ARG A 391 -6.56 25.00 6.77
C ARG A 391 -7.51 24.12 7.57
N GLY A 392 -8.79 24.16 7.19
CA GLY A 392 -9.78 23.14 7.54
C GLY A 392 -10.82 23.57 8.54
N GLY A 393 -10.56 24.64 9.31
CA GLY A 393 -11.47 25.06 10.34
C GLY A 393 -10.87 24.91 11.72
N LEU A 394 -11.56 24.18 12.61
CA LEU A 394 -11.12 24.08 13.99
C LEU A 394 -11.80 22.87 14.62
N GLY A 395 -11.02 22.03 15.29
CA GLY A 395 -11.51 20.79 15.84
C GLY A 395 -11.82 20.89 17.33
N GLY A 396 -11.95 19.72 17.95
CA GLY A 396 -12.31 19.59 19.35
C GLY A 396 -11.17 19.87 20.30
N GLU A 397 -11.29 19.33 21.52
CA GLU A 397 -10.33 19.68 22.57
C GLU A 397 -8.97 19.09 22.28
N SER A 398 -8.94 17.92 21.68
CA SER A 398 -7.68 17.26 21.42
C SER A 398 -6.92 18.01 20.34
N TYR A 399 -7.64 18.41 19.30
CA TYR A 399 -7.12 19.27 18.26
C TYR A 399 -6.55 20.57 18.85
N LYS A 400 -7.32 21.24 19.71
CA LYS A 400 -6.87 22.51 20.28
C LYS A 400 -5.66 22.31 21.19
N ASN A 401 -5.66 21.23 21.95
CA ASN A 401 -4.51 20.94 22.80
C ASN A 401 -3.26 20.67 21.99
N GLN A 402 -3.41 20.05 20.82
CA GLN A 402 -2.22 19.81 20.00
C GLN A 402 -1.63 21.13 19.52
N ALA A 403 -2.49 22.08 19.14
CA ALA A 403 -1.99 23.39 18.72
C ALA A 403 -1.31 24.12 19.88
N ARG A 404 -1.94 24.11 21.08
CA ARG A 404 -1.29 24.73 22.23
C ARG A 404 0.02 24.02 22.54
N ARG A 405 0.05 22.69 22.44
CA ARG A 405 1.26 21.96 22.74
C ARG A 405 2.35 22.25 21.72
N MET A 406 2.00 22.28 20.43
CA MET A 406 3.05 22.48 19.43
C MET A 406 3.55 23.93 19.46
N LEU A 407 2.67 24.89 19.69
CA LEU A 407 3.14 26.27 19.84
C LEU A 407 4.11 26.36 21.00
N THR A 408 3.75 25.74 22.13
CA THR A 408 4.62 25.73 23.30
C THR A 408 5.96 25.07 22.99
N ASN A 409 5.93 23.91 22.33
CA ASN A 409 7.17 23.19 22.02
C ASN A 409 8.02 23.98 21.04
N MET A 410 7.40 24.56 20.01
CA MET A 410 8.16 25.30 19.01
C MET A 410 8.90 26.47 19.63
N ILE A 411 8.21 27.24 20.47
CA ILE A 411 8.81 28.41 21.10
C ILE A 411 9.88 27.98 22.10
N GLU A 412 9.55 27.03 22.96
CA GLU A 412 10.53 26.62 23.98
C GLU A 412 11.77 25.99 23.34
N GLN A 413 11.60 25.26 22.24
CA GLN A 413 12.70 24.54 21.63
C GLN A 413 13.56 25.40 20.71
N HIS A 414 13.05 26.51 20.19
CA HIS A 414 13.79 27.33 19.25
C HIS A 414 14.04 28.76 19.72
N ARG A 415 13.63 29.13 20.93
CA ARG A 415 13.72 30.53 21.33
C ARG A 415 15.15 31.05 21.43
N ASN A 416 16.15 30.19 21.61
CA ASN A 416 17.51 30.66 21.69
C ASN A 416 18.09 31.04 20.33
N HIS A 417 17.41 30.75 19.24
CA HIS A 417 17.96 31.04 17.93
C HIS A 417 17.77 32.52 17.61
N PRO A 418 18.85 33.28 17.40
CA PRO A 418 18.67 34.68 17.02
C PRO A 418 18.01 34.84 15.66
N SER A 419 18.11 33.84 14.77
CA SER A 419 17.51 33.98 13.45
C SER A 419 16.00 34.17 13.49
N VAL A 420 15.35 33.75 14.57
CA VAL A 420 13.89 33.70 14.62
C VAL A 420 13.35 35.03 15.13
N ILE A 421 12.52 35.67 14.30
CA ILE A 421 11.85 36.89 14.72
C ILE A 421 10.32 36.75 14.72
N LEU A 422 9.74 35.75 14.07
CA LEU A 422 8.30 35.64 13.98
C LEU A 422 7.85 34.24 14.32
N TRP A 423 6.96 34.13 15.31
CA TRP A 423 6.18 32.92 15.55
C TRP A 423 4.86 33.02 14.81
N GLY A 424 4.62 32.13 13.86
CA GLY A 424 3.34 32.08 13.16
C GLY A 424 2.34 31.19 13.89
N LEU A 425 1.08 31.63 13.91
CA LEU A 425 0.04 30.89 14.63
C LEU A 425 -0.85 30.03 13.73
N GLY A 426 -0.83 30.26 12.42
CA GLY A 426 -1.62 29.43 11.53
C GLY A 426 -1.56 29.99 10.13
N ASN A 427 -2.06 29.18 9.19
CA ASN A 427 -2.02 29.51 7.78
C ASN A 427 -3.36 29.21 7.14
N GLU A 428 -3.91 30.18 6.42
CA GLU A 428 -5.19 30.05 5.72
C GLU A 428 -6.25 29.42 6.62
N ASN A 429 -6.38 29.97 7.82
CA ASN A 429 -7.43 29.44 8.69
C ASN A 429 -8.83 29.89 8.25
N ASP A 430 -8.96 30.66 7.19
CA ASP A 430 -10.25 30.94 6.61
C ASP A 430 -10.71 29.88 5.62
N TRP A 431 -9.94 28.79 5.44
CA TRP A 431 -10.29 27.76 4.48
C TRP A 431 -11.10 26.66 5.17
N PRO A 432 -12.40 26.54 4.92
CA PRO A 432 -13.21 25.53 5.60
C PRO A 432 -13.21 24.17 4.91
N GLY A 433 -13.74 23.17 5.61
CA GLY A 433 -14.08 21.93 4.94
C GLY A 433 -13.88 20.63 5.70
N ASP A 434 -13.01 20.66 6.72
CA ASP A 434 -12.75 19.43 7.45
C ASP A 434 -13.87 19.07 8.42
N PHE A 435 -14.75 20.00 8.76
CA PHE A 435 -15.90 19.73 9.63
C PHE A 435 -17.16 20.27 8.99
N GLN A 436 -18.32 19.76 9.47
CA GLN A 436 -19.61 20.25 9.01
C GLN A 436 -19.87 21.71 9.40
N THR A 437 -19.23 22.19 10.44
CA THR A 437 -19.35 23.57 10.87
C THR A 437 -18.10 24.35 10.51
N PHE A 438 -18.26 25.67 10.49
CA PHE A 438 -17.13 26.58 10.37
C PHE A 438 -17.53 27.84 11.12
N GLU A 439 -16.93 28.07 12.28
CA GLU A 439 -17.35 29.12 13.21
C GLU A 439 -16.27 30.17 13.27
N LYS A 440 -16.48 31.29 12.57
CA LYS A 440 -15.45 32.31 12.55
C LYS A 440 -15.15 32.82 13.95
N ASP A 441 -16.19 32.94 14.78
CA ASP A 441 -15.99 33.50 16.12
C ASP A 441 -15.22 32.55 17.02
N SER A 442 -15.46 31.25 16.89
CA SER A 442 -14.67 30.27 17.61
C SER A 442 -13.22 30.27 17.13
N ILE A 443 -13.00 30.48 15.84
CA ILE A 443 -11.64 30.54 15.32
C ILE A 443 -10.94 31.79 15.84
N ARG A 444 -11.61 32.95 15.77
CA ARG A 444 -11.11 34.16 16.41
C ARG A 444 -10.72 33.88 17.86
N ALA A 445 -11.63 33.27 18.63
CA ALA A 445 -11.39 33.05 20.04
C ALA A 445 -10.14 32.22 20.26
N PHE A 446 -10.00 31.13 19.52
CA PHE A 446 -8.82 30.28 19.70
C PHE A 446 -7.57 30.95 19.14
N MET A 447 -7.70 31.67 18.03
CA MET A 447 -6.56 32.45 17.55
C MET A 447 -6.08 33.44 18.60
N GLY A 448 -7.01 34.11 19.28
CA GLY A 448 -6.63 35.07 20.31
C GLY A 448 -6.00 34.41 21.51
N GLU A 449 -6.46 33.20 21.87
CA GLU A 449 -5.81 32.46 22.93
C GLU A 449 -4.37 32.11 22.56
N LEU A 450 -4.15 31.68 21.30
CA LEU A 450 -2.81 31.33 20.86
C LEU A 450 -1.90 32.54 20.82
N HIS A 451 -2.40 33.69 20.34
CA HIS A 451 -1.57 34.89 20.36
C HIS A 451 -1.13 35.23 21.79
N ASP A 452 -2.06 35.16 22.75
CA ASP A 452 -1.71 35.47 24.13
C ASP A 452 -0.73 34.45 24.69
N LEU A 453 -0.89 33.18 24.31
CA LEU A 453 0.02 32.14 24.79
C LEU A 453 1.44 32.41 24.30
N ALA A 454 1.60 32.76 23.03
CA ALA A 454 2.92 33.07 22.48
C ALA A 454 3.53 34.29 23.16
N HIS A 455 2.76 35.38 23.26
CA HIS A 455 3.33 36.56 23.92
C HIS A 455 3.62 36.29 25.38
N ARG A 456 2.89 35.39 26.02
CA ARG A 456 3.21 35.08 27.41
C ARG A 456 4.47 34.24 27.48
N LEU A 457 4.65 33.33 26.53
CA LEU A 457 5.82 32.47 26.57
C LEU A 457 7.08 33.22 26.15
N ASP A 458 6.99 34.08 25.14
CA ASP A 458 8.17 34.75 24.59
C ASP A 458 7.81 36.17 24.21
N PRO A 459 7.87 37.11 25.15
CA PRO A 459 7.56 38.51 24.84
C PRO A 459 8.51 39.13 23.84
N THR A 460 9.68 38.53 23.58
CA THR A 460 10.71 39.19 22.77
C THR A 460 10.45 39.06 21.27
N ARG A 461 9.41 38.36 20.83
CA ARG A 461 9.20 38.16 19.40
C ARG A 461 7.75 38.48 19.04
N SER A 462 7.53 38.68 17.74
CA SER A 462 6.19 39.00 17.25
C SER A 462 5.48 37.76 16.72
N THR A 463 4.16 37.74 16.89
CA THR A 463 3.29 36.75 16.29
C THR A 463 2.85 37.19 14.91
N ALA A 464 2.66 36.22 14.02
CA ALA A 464 2.13 36.45 12.68
C ALA A 464 1.11 35.37 12.35
N ILE A 465 0.25 35.65 11.36
CA ILE A 465 -0.49 34.62 10.63
C ILE A 465 -0.57 35.05 9.17
N ARG A 466 -1.07 34.14 8.33
CA ARG A 466 -1.24 34.40 6.90
C ARG A 466 -2.66 34.06 6.47
N ARG A 467 -3.31 35.00 5.79
CA ARG A 467 -4.59 34.81 5.12
C ARG A 467 -5.67 34.32 6.08
N CYS A 468 -6.14 35.26 6.91
CA CYS A 468 -7.35 35.03 7.70
C CYS A 468 -7.86 36.43 8.07
N GLU A 469 -8.64 37.03 7.17
CA GLU A 469 -8.96 38.45 7.31
C GLU A 469 -9.72 38.73 8.60
N PHE A 470 -10.60 37.80 9.03
CA PHE A 470 -11.38 38.04 10.24
C PHE A 470 -10.60 37.79 11.52
N CYS A 471 -9.33 37.43 11.43
CA CYS A 471 -8.44 37.38 12.58
C CYS A 471 -7.27 38.34 12.48
N LYS A 472 -7.16 39.10 11.39
CA LYS A 472 -5.91 39.82 11.07
C LYS A 472 -5.50 40.82 12.17
N ASP A 473 -6.47 41.35 12.93
CA ASP A 473 -6.21 42.36 13.97
C ASP A 473 -5.61 41.75 15.23
N ILE A 474 -5.58 40.42 15.35
CA ILE A 474 -5.21 39.80 16.62
C ILE A 474 -3.70 39.77 16.80
N VAL A 475 -2.96 39.41 15.75
CA VAL A 475 -1.52 39.18 15.85
C VAL A 475 -0.73 40.46 15.68
N ASP A 476 0.60 40.36 15.86
CA ASP A 476 1.43 41.54 15.66
C ASP A 476 1.61 41.83 14.17
N VAL A 477 1.93 40.82 13.35
CA VAL A 477 2.24 41.02 11.95
C VAL A 477 1.33 40.14 11.09
N TYR A 478 0.82 40.72 9.99
CA TYR A 478 -0.19 40.05 9.20
C TYR A 478 0.21 40.00 7.73
N SER A 479 -0.07 38.87 7.09
CA SER A 479 0.10 38.69 5.66
C SER A 479 -1.25 38.36 5.04
N PRO A 480 -1.73 39.10 4.06
CA PRO A 480 -2.90 38.63 3.30
C PRO A 480 -2.45 37.72 2.18
N THR A 481 -3.31 37.39 1.23
CA THR A 481 -2.92 36.59 0.08
C THR A 481 -2.81 37.53 -1.12
N ILE A 482 -1.63 37.58 -1.74
CA ILE A 482 -1.38 38.47 -2.86
C ILE A 482 -0.46 37.79 -3.86
N TRP A 483 -1.01 37.44 -5.03
CA TRP A 483 -0.33 36.66 -6.06
C TRP A 483 -0.52 37.34 -7.41
N ALA A 484 -0.10 38.60 -7.48
CA ALA A 484 -0.20 39.39 -8.70
C ALA A 484 0.35 38.60 -9.88
N GLY A 485 -0.45 38.50 -10.93
CA GLY A 485 -0.02 37.75 -12.09
C GLY A 485 -0.15 36.25 -11.99
N TRP A 486 -0.45 35.70 -10.81
CA TRP A 486 -0.57 34.25 -10.67
C TRP A 486 -2.01 33.84 -10.36
N TYR A 487 -2.49 34.06 -9.13
CA TYR A 487 -3.88 33.74 -8.85
C TYR A 487 -4.81 34.92 -9.07
N GLY A 488 -4.27 36.13 -9.15
CA GLY A 488 -5.10 37.29 -9.43
C GLY A 488 -4.43 38.39 -10.22
N ARG A 489 -5.15 38.96 -11.20
CA ARG A 489 -4.75 40.13 -11.96
C ARG A 489 -3.38 39.92 -12.63
N ARG A 490 -2.73 41.02 -13.03
CA ARG A 490 -1.48 40.95 -13.76
C ARG A 490 -0.32 41.19 -12.81
N PHE A 491 0.86 40.71 -13.19
CA PHE A 491 1.99 40.95 -12.29
C PHE A 491 2.37 42.43 -12.27
N ARG A 492 2.02 43.16 -13.32
CA ARG A 492 2.20 44.61 -13.30
C ARG A 492 1.30 45.31 -12.29
N ASN A 493 0.27 44.63 -11.77
CA ASN A 493 -0.57 45.20 -10.72
C ASN A 493 0.01 45.04 -9.32
N TYR A 494 1.28 44.59 -9.21
CA TYR A 494 1.82 44.19 -7.91
C TYR A 494 1.87 45.36 -6.93
N ARG A 495 2.50 46.47 -7.31
CA ARG A 495 2.64 47.58 -6.38
C ARG A 495 1.28 48.04 -5.86
N GLU A 496 0.29 48.16 -6.75
CA GLU A 496 -1.03 48.61 -6.32
C GLU A 496 -1.61 47.68 -5.26
N MET A 497 -1.60 46.36 -5.52
CA MET A 497 -2.08 45.39 -4.55
C MET A 497 -1.23 45.38 -3.28
N GLU A 498 0.08 45.57 -3.42
CA GLU A 498 0.92 45.62 -2.22
C GLU A 498 0.60 46.85 -1.38
N THR A 499 0.39 48.00 -2.04
CA THR A 499 0.05 49.22 -1.30
C THR A 499 -1.29 49.08 -0.61
N ALA A 500 -2.29 48.53 -1.30
CA ALA A 500 -3.58 48.25 -0.66
C ALA A 500 -3.40 47.39 0.58
N GLY A 501 -2.52 46.39 0.50
CA GLY A 501 -2.34 45.50 1.63
C GLY A 501 -1.63 46.17 2.78
N ILE A 502 -0.66 47.04 2.47
CA ILE A 502 0.04 47.76 3.53
C ILE A 502 -0.90 48.74 4.21
N ASN A 503 -1.77 49.40 3.45
CA ASN A 503 -2.71 50.35 4.05
C ASN A 503 -3.76 49.67 4.91
N ALA A 504 -3.99 48.36 4.76
CA ALA A 504 -5.14 47.68 5.36
C ALA A 504 -4.82 46.97 6.68
N THR A 505 -3.62 47.11 7.21
CA THR A 505 -3.30 46.34 8.41
C THR A 505 -2.20 47.08 9.15
N THR A 506 -2.17 46.90 10.47
CA THR A 506 -1.23 47.65 11.30
C THR A 506 0.21 47.40 10.85
N ARG A 507 0.61 46.13 10.84
CA ARG A 507 1.97 45.73 10.47
C ARG A 507 1.86 44.66 9.40
N PHE A 508 2.41 44.96 8.23
CA PHE A 508 2.21 44.17 7.02
C PHE A 508 3.49 43.44 6.64
N LEU A 509 3.32 42.22 6.13
CA LEU A 509 4.44 41.44 5.63
C LEU A 509 3.88 40.55 4.54
N HIS A 510 4.47 40.59 3.35
CA HIS A 510 3.89 39.83 2.25
C HIS A 510 4.48 38.42 2.24
N ALA A 511 3.73 37.47 2.78
CA ALA A 511 4.12 36.06 2.75
C ALA A 511 3.39 35.37 1.60
N GLU A 512 4.18 34.84 0.66
CA GLU A 512 3.79 33.99 -0.47
C GLU A 512 3.44 34.83 -1.69
N TRP A 513 4.19 34.62 -2.78
CA TRP A 513 3.93 35.13 -4.11
C TRP A 513 4.89 34.43 -5.05
N GLY A 514 4.61 34.51 -6.35
CA GLY A 514 5.41 33.87 -7.37
C GLY A 514 4.52 33.11 -8.33
N GLY A 515 4.86 31.85 -8.59
CA GLY A 515 4.03 31.02 -9.46
C GLY A 515 4.81 29.83 -9.97
N ASP A 516 4.07 28.93 -10.63
CA ASP A 516 4.62 27.67 -11.09
C ASP A 516 5.39 27.86 -12.39
N SER A 517 6.47 27.09 -12.54
CA SER A 517 7.10 26.96 -13.84
C SER A 517 7.61 25.55 -14.00
N HIS A 518 7.26 24.94 -15.12
CA HIS A 518 7.71 23.63 -15.56
C HIS A 518 9.15 23.80 -16.02
N ALA A 519 10.10 23.35 -15.19
CA ALA A 519 11.52 23.44 -15.55
C ALA A 519 11.74 22.96 -16.97
N GLY A 520 12.43 23.79 -17.76
CA GLY A 520 12.77 23.49 -19.13
C GLY A 520 11.72 23.83 -20.17
N ARG A 521 10.57 24.37 -19.78
CA ARG A 521 9.59 24.88 -20.73
C ARG A 521 9.79 26.39 -20.90
N HIS A 522 9.81 26.88 -22.15
CA HIS A 522 9.98 28.30 -22.44
C HIS A 522 8.98 28.72 -23.51
N MET A 523 9.02 30.01 -23.86
CA MET A 523 8.06 30.56 -24.81
C MET A 523 8.60 31.88 -25.37
N GLU A 524 8.60 32.00 -26.70
CA GLU A 524 9.05 33.24 -27.35
C GLU A 524 8.07 34.37 -27.05
N VAL A 525 8.62 35.56 -26.81
CA VAL A 525 7.80 36.75 -26.63
C VAL A 525 7.14 37.12 -27.95
N ASN A 526 5.93 37.66 -27.87
CA ASN A 526 5.10 37.97 -29.04
C ASN A 526 4.27 39.21 -28.74
N LYS A 527 4.39 40.26 -29.56
CA LYS A 527 3.84 41.58 -29.19
C LYS A 527 2.44 41.83 -29.73
N GLU A 528 1.91 40.96 -30.58
CA GLU A 528 0.55 41.12 -31.09
C GLU A 528 -0.50 41.05 -29.99
N LYS A 532 -4.60 43.41 -26.66
CA LYS A 532 -5.14 42.76 -25.47
C LYS A 532 -4.12 42.72 -24.34
N GLY A 533 -3.03 43.46 -24.52
CA GLY A 533 -1.98 43.55 -23.52
C GLY A 533 -0.67 43.97 -24.18
N ILE A 534 0.32 44.22 -23.33
CA ILE A 534 1.64 44.60 -23.82
C ILE A 534 2.20 43.50 -24.73
N ASP A 535 2.28 42.27 -24.22
CA ASP A 535 2.69 41.12 -25.02
C ASP A 535 2.01 39.88 -24.44
N ASN A 536 2.34 38.70 -25.01
CA ASN A 536 1.69 37.45 -24.60
C ASN A 536 1.99 37.07 -23.16
N PHE A 537 2.94 37.74 -22.52
CA PHE A 537 3.23 37.51 -21.11
C PHE A 537 2.51 38.49 -20.19
N ASP A 538 1.91 39.53 -20.74
CA ASP A 538 1.14 40.48 -19.96
C ASP A 538 -0.29 39.95 -19.86
N ILE A 539 -0.54 39.12 -18.85
CA ILE A 539 -1.83 38.44 -18.72
C ILE A 539 -2.29 38.46 -17.27
N GLU A 540 -3.55 38.09 -17.10
CA GLU A 540 -4.19 37.96 -15.80
C GLU A 540 -4.10 36.51 -15.34
N ALA A 541 -3.79 36.31 -14.06
CA ALA A 541 -4.03 35.04 -13.38
C ALA A 541 -3.46 33.86 -14.17
N ALA A 542 -2.13 33.86 -14.30
CA ALA A 542 -1.47 32.88 -15.15
C ALA A 542 -1.67 31.44 -14.66
N ASP A 543 -1.97 31.25 -13.38
CA ASP A 543 -2.33 29.93 -12.87
C ASP A 543 -3.34 29.23 -13.79
N ARG A 544 -4.41 29.93 -14.14
CA ARG A 544 -5.46 29.38 -14.98
C ARG A 544 -5.28 29.74 -16.45
N ASN A 545 -4.56 30.82 -16.75
CA ASN A 545 -4.46 31.33 -18.11
C ASN A 545 -3.08 31.23 -18.74
N GLY A 546 -2.02 30.99 -17.97
CA GLY A 546 -0.68 30.93 -18.52
C GLY A 546 -0.31 29.53 -19.01
N ASP A 547 0.90 29.42 -19.57
CA ASP A 547 1.42 28.15 -20.03
C ASP A 547 2.42 27.51 -19.07
N TRP A 548 2.62 28.10 -17.89
CA TRP A 548 3.52 27.57 -16.86
C TRP A 548 4.98 27.49 -17.33
N SER A 549 5.35 28.30 -18.33
CA SER A 549 6.73 28.34 -18.81
C SER A 549 7.63 29.09 -17.82
N GLU A 550 8.93 28.81 -17.93
CA GLU A 550 9.91 29.63 -17.22
C GLU A 550 9.93 31.05 -17.75
N SER A 551 9.61 31.22 -19.04
CA SER A 551 9.64 32.54 -19.64
C SER A 551 8.69 33.49 -18.93
N TYR A 552 7.49 32.99 -18.60
CA TYR A 552 6.54 33.83 -17.91
C TYR A 552 7.03 34.15 -16.50
N ILE A 553 7.42 33.13 -15.75
CA ILE A 553 7.67 33.37 -14.34
C ILE A 553 8.91 34.24 -14.15
N ILE A 554 9.85 34.20 -15.09
CA ILE A 554 11.06 35.01 -14.98
C ILE A 554 10.70 36.49 -15.02
N ARG A 555 9.82 36.86 -15.95
CA ARG A 555 9.31 38.21 -16.03
C ARG A 555 8.54 38.58 -14.76
N LEU A 556 7.76 37.64 -14.21
CA LEU A 556 6.98 37.94 -13.01
C LEU A 556 7.89 38.19 -11.83
N PHE A 557 8.92 37.36 -11.66
CA PHE A 557 9.87 37.58 -10.58
C PHE A 557 10.61 38.90 -10.79
N ASP A 558 11.07 39.13 -12.02
CA ASP A 558 11.79 40.35 -12.39
C ASP A 558 10.99 41.59 -11.99
N TRP A 559 9.75 41.68 -12.48
CA TRP A 559 8.88 42.80 -12.14
C TRP A 559 8.78 43.01 -10.62
N HIS A 560 8.33 41.98 -9.89
CA HIS A 560 8.19 42.10 -8.44
C HIS A 560 9.47 42.66 -7.82
N LEU A 561 10.62 42.10 -8.22
CA LEU A 561 11.88 42.49 -7.58
C LEU A 561 12.25 43.94 -7.89
N LYS A 562 11.99 44.40 -9.12
CA LYS A 562 12.33 45.77 -9.42
C LYS A 562 11.34 46.73 -8.77
N GLU A 563 10.10 46.28 -8.53
CA GLU A 563 9.16 47.14 -7.81
C GLU A 563 9.57 47.29 -6.36
N GLN A 564 10.11 46.25 -5.74
CA GLN A 564 10.44 46.34 -4.33
C GLN A 564 11.50 47.39 -4.04
N GLU A 565 12.28 47.81 -5.04
CA GLU A 565 13.29 48.83 -4.81
C GLU A 565 12.67 50.21 -4.63
N THR A 566 11.41 50.39 -5.02
CA THR A 566 10.72 51.67 -4.95
C THR A 566 9.60 51.66 -3.90
N MET A 567 9.72 50.82 -2.87
CA MET A 567 8.69 50.71 -1.83
C MET A 567 9.32 50.86 -0.47
N PRO A 568 9.49 52.10 0.00
CA PRO A 568 10.13 52.33 1.30
C PRO A 568 9.31 51.87 2.50
N ARG A 569 7.98 51.76 2.40
CA ARG A 569 7.25 51.26 3.55
C ARG A 569 7.27 49.75 3.72
N LEU A 570 7.71 48.99 2.70
CA LEU A 570 7.56 47.54 2.69
C LEU A 570 8.54 46.89 3.66
N THR A 571 8.02 46.21 4.69
CA THR A 571 8.90 45.38 5.49
C THR A 571 9.65 44.37 4.61
N GLY A 572 8.94 43.68 3.72
CA GLY A 572 9.56 42.72 2.85
C GLY A 572 8.58 41.66 2.40
N SER A 573 9.12 40.61 1.78
CA SER A 573 8.27 39.52 1.35
C SER A 573 9.03 38.20 1.39
N LEU A 574 8.28 37.11 1.25
CA LEU A 574 8.82 35.76 1.05
C LEU A 574 8.12 35.16 -0.15
N PHE A 575 8.84 34.95 -1.25
CA PHE A 575 8.19 34.27 -2.36
C PHE A 575 8.01 32.80 -2.01
N TRP A 576 6.99 32.18 -2.61
CA TRP A 576 6.71 30.76 -2.44
C TRP A 576 6.97 30.13 -3.79
N THR A 577 8.03 29.34 -3.90
CA THR A 577 8.83 28.86 -2.78
C THR A 577 10.20 28.58 -3.37
N PHE A 578 11.17 28.17 -2.54
CA PHE A 578 12.53 27.98 -3.07
C PHE A 578 12.59 26.82 -4.05
N LYS A 579 12.00 25.68 -3.67
CA LYS A 579 12.22 24.40 -4.34
C LYS A 579 10.90 23.70 -4.61
N ASP A 580 10.75 23.17 -5.84
CA ASP A 580 9.66 22.27 -6.17
C ASP A 580 9.51 21.22 -5.09
N PHE A 581 8.29 20.97 -4.64
CA PHE A 581 8.06 20.01 -3.58
C PHE A 581 6.79 19.24 -3.87
N SER A 582 6.67 18.07 -3.25
CA SER A 582 5.52 17.21 -3.52
C SER A 582 4.29 17.68 -2.74
N THR A 583 3.13 17.63 -3.41
CA THR A 583 1.88 17.94 -2.77
C THR A 583 0.85 16.91 -3.22
N PRO A 584 -0.01 16.45 -2.31
CA PRO A 584 -1.00 15.44 -2.71
C PRO A 584 -2.12 16.01 -3.53
N LEU A 585 -2.22 17.35 -3.61
CA LEU A 585 -3.38 18.04 -4.14
C LEU A 585 -3.34 18.22 -5.64
N ARG A 586 -2.20 18.02 -6.28
CA ARG A 586 -2.05 18.33 -7.70
C ARG A 586 -1.70 17.07 -8.50
N PRO A 587 -2.65 16.13 -8.65
CA PRO A 587 -2.36 14.94 -9.47
C PRO A 587 -2.03 15.27 -10.93
N ASP A 588 -2.53 16.38 -11.45
CA ASP A 588 -2.43 16.66 -12.86
C ASP A 588 -1.43 17.77 -13.19
N ASN A 589 -0.58 18.19 -12.23
CA ASN A 589 0.41 19.21 -12.55
C ASN A 589 1.36 18.68 -13.61
N PRO A 590 1.98 19.56 -14.39
CA PRO A 590 2.95 19.09 -15.41
C PRO A 590 3.94 18.06 -14.89
N ILE A 591 4.40 18.19 -13.65
CA ILE A 591 5.00 17.08 -12.92
C ILE A 591 3.96 16.61 -11.89
N PRO A 592 3.35 15.45 -12.06
CA PRO A 592 2.24 15.06 -11.18
C PRO A 592 2.64 15.11 -9.71
N TYR A 593 1.74 15.64 -8.89
CA TYR A 593 1.95 15.71 -7.45
C TYR A 593 3.17 16.56 -7.04
N VAL A 594 3.62 17.47 -7.88
CA VAL A 594 4.70 18.39 -7.52
C VAL A 594 4.20 19.82 -7.64
N ASN A 595 4.30 20.57 -6.55
CA ASN A 595 4.10 22.01 -6.61
C ASN A 595 5.33 22.61 -7.28
N GLN A 596 5.16 23.17 -8.47
CA GLN A 596 6.31 23.63 -9.27
C GLN A 596 6.57 25.14 -9.13
N LYS A 597 6.33 25.71 -7.96
CA LYS A 597 6.62 27.12 -7.73
C LYS A 597 8.04 27.37 -7.24
N GLY A 598 8.92 26.36 -7.27
CA GLY A 598 10.29 26.58 -6.87
C GLY A 598 11.07 27.36 -7.91
N VAL A 599 12.21 27.93 -7.49
CA VAL A 599 13.18 28.37 -8.48
C VAL A 599 14.26 27.32 -8.72
N VAL A 600 14.16 26.17 -8.05
CA VAL A 600 15.02 25.03 -8.31
C VAL A 600 14.14 23.78 -8.25
N GLN A 601 14.57 22.75 -8.97
CA GLN A 601 13.83 21.50 -9.06
C GLN A 601 13.87 20.77 -7.72
N ARG A 602 13.08 19.71 -7.62
CA ARG A 602 12.95 19.01 -6.35
C ARG A 602 14.25 18.34 -5.92
N ASP A 603 15.19 18.11 -6.84
CA ASP A 603 16.50 17.59 -6.46
C ASP A 603 17.53 18.70 -6.24
N GLY A 604 17.11 19.97 -6.29
CA GLY A 604 18.01 21.08 -6.14
C GLY A 604 18.61 21.60 -7.43
N THR A 605 18.27 21.01 -8.56
CA THR A 605 18.76 21.54 -9.82
C THR A 605 18.15 22.91 -10.05
N PRO A 606 18.95 23.96 -10.23
CA PRO A 606 18.38 25.31 -10.40
C PRO A 606 17.62 25.48 -11.71
N LYS A 607 16.45 26.10 -11.60
CA LYS A 607 15.79 26.68 -12.75
C LYS A 607 16.47 28.01 -13.09
N GLU A 608 16.14 28.57 -14.25
CA GLU A 608 16.75 29.84 -14.62
C GLU A 608 16.16 31.02 -13.85
N SER A 609 15.03 30.83 -13.17
CA SER A 609 14.53 31.86 -12.28
C SER A 609 15.39 32.02 -11.04
N TYR A 610 16.15 30.99 -10.64
CA TYR A 610 17.05 31.14 -9.51
C TYR A 610 18.03 32.29 -9.72
N TYR A 611 18.42 32.55 -10.98
CA TYR A 611 19.39 33.60 -11.29
C TYR A 611 18.75 34.96 -11.38
N VAL A 612 17.46 35.03 -11.70
CA VAL A 612 16.75 36.30 -11.61
C VAL A 612 16.84 36.83 -10.19
N PHE A 613 16.51 35.98 -9.21
CA PHE A 613 16.64 36.39 -7.81
C PHE A 613 18.09 36.70 -7.47
N GLN A 614 19.02 35.85 -7.92
CA GLN A 614 20.41 36.03 -7.53
C GLN A 614 20.95 37.36 -8.06
N SER A 615 20.58 37.70 -9.30
CA SER A 615 21.07 38.93 -9.90
C SER A 615 20.57 40.16 -9.15
N TYR A 616 19.45 40.06 -8.44
CA TYR A 616 18.91 41.18 -7.68
C TYR A 616 19.37 41.20 -6.23
N TRP A 617 19.66 40.04 -5.66
CA TRP A 617 19.83 39.94 -4.22
C TRP A 617 21.26 39.65 -3.80
N SER A 618 22.01 38.93 -4.60
CA SER A 618 23.34 38.51 -4.22
C SER A 618 24.32 39.66 -4.36
N SER A 619 25.25 39.77 -3.39
CA SER A 619 26.36 40.69 -3.51
C SER A 619 27.52 40.11 -4.31
N LYS A 620 27.50 38.83 -4.62
CA LYS A 620 28.62 38.18 -5.29
C LYS A 620 28.45 38.29 -6.80
N PRO A 621 29.43 38.85 -7.51
CA PRO A 621 29.27 39.06 -8.96
C PRO A 621 28.90 37.77 -9.68
N MET A 622 27.92 37.88 -10.57
CA MET A 622 27.43 36.75 -11.34
C MET A 622 26.87 37.30 -12.64
N LEU A 623 26.66 36.38 -13.57
CA LEU A 623 26.21 36.67 -14.92
C LEU A 623 25.54 35.39 -15.44
N HIS A 624 24.30 35.50 -15.90
CA HIS A 624 23.56 34.33 -16.40
C HIS A 624 22.74 34.76 -17.60
N ILE A 625 23.12 34.25 -18.77
CA ILE A 625 22.29 34.40 -19.95
C ILE A 625 21.07 33.51 -19.80
N TYR A 626 19.89 34.10 -19.97
CA TYR A 626 18.68 33.31 -19.89
C TYR A 626 18.58 32.42 -21.13
N GLY A 627 18.53 31.11 -20.92
CA GLY A 627 18.34 30.17 -22.00
C GLY A 627 19.25 28.96 -21.98
N HIS A 628 19.98 28.74 -20.87
CA HIS A 628 20.79 27.53 -20.77
C HIS A 628 19.96 26.27 -20.98
N SER A 629 18.71 26.27 -20.51
CA SER A 629 17.82 25.13 -20.67
C SER A 629 16.82 25.32 -21.81
N TRP A 630 17.13 26.22 -22.75
CA TRP A 630 16.25 26.51 -23.88
C TRP A 630 16.99 26.16 -25.16
N PRO A 631 16.84 24.92 -25.67
CA PRO A 631 17.73 24.44 -26.74
C PRO A 631 17.35 24.93 -28.13
N VAL A 632 16.06 25.18 -28.35
CA VAL A 632 15.55 25.55 -29.67
C VAL A 632 14.68 26.79 -29.55
N ARG A 633 15.16 27.92 -30.07
CA ARG A 633 14.40 29.13 -30.29
C ARG A 633 13.66 29.06 -31.63
N TRP A 634 12.68 29.97 -31.81
CA TRP A 634 11.97 29.99 -33.07
C TRP A 634 11.40 31.37 -33.36
N GLY A 635 10.99 31.54 -34.61
CA GLY A 635 10.56 32.80 -35.17
C GLY A 635 10.78 32.81 -36.67
N LYS A 636 10.47 33.96 -37.28
CA LYS A 636 10.62 34.07 -38.71
C LYS A 636 12.10 34.17 -39.09
N PRO A 637 12.46 33.89 -40.33
CA PRO A 637 13.88 33.94 -40.72
C PRO A 637 14.38 35.39 -40.74
N GLY A 638 15.51 35.61 -40.08
CA GLY A 638 16.10 36.93 -39.98
C GLY A 638 15.44 37.86 -38.98
N GLU A 639 14.27 37.48 -38.43
CA GLU A 639 13.60 38.29 -37.43
C GLU A 639 14.49 38.48 -36.21
N PRO A 640 14.63 39.71 -35.69
CA PRO A 640 15.49 39.90 -34.50
C PRO A 640 14.84 39.29 -33.27
N LYS A 641 15.66 38.60 -32.47
CA LYS A 641 15.19 37.81 -31.34
C LYS A 641 15.76 38.35 -30.05
N GLU A 642 14.92 38.39 -29.02
CA GLU A 642 15.29 38.93 -27.73
C GLU A 642 16.14 37.95 -26.93
N ILE A 643 17.15 38.49 -26.24
CA ILE A 643 18.01 37.76 -25.32
C ILE A 643 18.06 38.57 -24.03
N LEU A 644 17.72 37.93 -22.91
CA LEU A 644 17.79 38.59 -21.61
C LEU A 644 18.96 38.03 -20.82
N VAL A 645 19.59 38.87 -20.02
CA VAL A 645 20.69 38.43 -19.18
C VAL A 645 20.42 38.86 -17.76
N TYR A 646 20.68 37.98 -16.82
CA TYR A 646 20.44 38.29 -15.42
C TYR A 646 21.81 38.35 -14.75
N SER A 647 22.26 39.57 -14.47
CA SER A 647 23.54 39.81 -13.83
C SER A 647 23.40 40.94 -12.83
N ASN A 648 24.18 40.88 -11.75
CA ASN A 648 24.39 42.01 -10.86
C ASN A 648 25.67 42.78 -11.20
N CYS A 649 26.29 42.52 -12.35
CA CYS A 649 27.44 43.28 -12.78
C CYS A 649 26.99 44.63 -13.33
N PRO A 650 27.72 45.73 -13.05
CA PRO A 650 27.29 47.05 -13.54
C PRO A 650 27.17 47.13 -15.05
N GLU A 651 28.06 46.45 -15.79
CA GLU A 651 28.07 46.46 -17.24
C GLU A 651 28.23 45.05 -17.76
N VAL A 652 27.53 44.76 -18.85
CA VAL A 652 27.51 43.44 -19.45
C VAL A 652 27.56 43.65 -20.95
N GLU A 653 28.44 42.92 -21.61
CA GLU A 653 28.51 42.92 -23.06
C GLU A 653 28.06 41.56 -23.59
N LEU A 654 27.21 41.61 -24.62
CA LEU A 654 26.70 40.41 -25.27
C LEU A 654 27.42 40.22 -26.59
N PHE A 655 27.72 38.96 -26.91
CA PHE A 655 28.28 38.61 -28.20
C PHE A 655 27.43 37.52 -28.80
N VAL A 656 27.09 37.67 -30.08
CA VAL A 656 26.34 36.68 -30.83
C VAL A 656 27.17 36.26 -32.03
N ASN A 657 27.52 34.96 -32.09
CA ASN A 657 28.31 34.41 -33.20
C ASN A 657 29.61 35.20 -33.43
N GLY A 658 30.27 35.57 -32.33
CA GLY A 658 31.48 36.36 -32.37
C GLY A 658 31.28 37.86 -32.47
N VAL A 659 30.11 38.33 -32.91
CA VAL A 659 29.84 39.74 -33.17
C VAL A 659 29.31 40.41 -31.90
N SER A 660 30.07 41.37 -31.36
CA SER A 660 29.61 42.14 -30.22
C SER A 660 28.30 42.86 -30.53
N GLN A 661 27.39 42.86 -29.56
CA GLN A 661 26.07 43.49 -29.71
C GLN A 661 25.92 44.72 -28.84
N GLY A 662 26.96 45.12 -28.11
CA GLY A 662 26.93 46.34 -27.32
C GLY A 662 27.15 46.09 -25.84
N ARG A 663 27.88 47.01 -25.21
CA ARG A 663 27.98 47.06 -23.76
C ARG A 663 26.79 47.83 -23.22
N LYS A 664 26.13 47.29 -22.19
CA LYS A 664 24.96 47.93 -21.61
C LYS A 664 25.10 48.01 -20.10
N LYS A 665 24.48 49.02 -19.54
CA LYS A 665 24.59 49.30 -18.12
C LYS A 665 23.37 48.71 -17.41
N ARG A 666 23.61 48.18 -16.21
CA ARG A 666 22.54 47.55 -15.46
C ARG A 666 21.67 48.61 -14.79
N ASN A 667 20.36 48.49 -14.96
CA ASN A 667 19.40 49.41 -14.37
C ASN A 667 18.14 48.62 -14.01
N SER A 668 17.98 48.33 -12.71
CA SER A 668 16.84 47.55 -12.21
C SER A 668 15.52 48.01 -12.79
N GLN A 669 15.30 49.33 -12.88
CA GLN A 669 14.02 49.89 -13.32
C GLN A 669 13.76 49.75 -14.81
N ASP A 670 14.77 49.35 -15.59
CA ASP A 670 14.63 49.25 -17.05
C ASP A 670 14.19 47.80 -17.38
N PHE A 671 12.91 47.53 -17.14
CA PHE A 671 12.35 46.19 -17.22
C PHE A 671 12.15 45.77 -18.68
N PRO A 672 12.49 44.52 -19.03
CA PRO A 672 12.99 43.48 -18.12
C PRO A 672 14.49 43.27 -18.18
N ALA A 673 14.99 42.41 -17.29
CA ALA A 673 16.40 42.05 -17.18
C ALA A 673 17.28 43.24 -16.80
N ALA A 674 16.71 44.23 -16.11
CA ALA A 674 17.44 45.40 -15.60
C ALA A 674 18.27 46.06 -16.70
N GLY A 675 17.68 46.24 -17.88
CA GLY A 675 18.35 46.83 -19.00
C GLY A 675 19.29 45.92 -19.78
N LEU A 676 19.73 44.80 -19.20
CA LEU A 676 20.64 43.87 -19.87
C LEU A 676 19.86 42.95 -20.81
N ARG A 677 19.43 43.54 -21.93
CA ARG A 677 18.68 42.82 -22.94
C ARG A 677 19.07 43.36 -24.31
N TRP A 678 19.12 42.46 -25.29
CA TRP A 678 19.45 42.75 -26.68
C TRP A 678 18.44 42.05 -27.59
N ASN A 679 18.14 42.67 -28.71
CA ASN A 679 17.49 41.99 -29.82
C ASN A 679 18.55 41.68 -30.86
N VAL A 680 18.45 40.50 -31.46
CA VAL A 680 19.58 39.96 -32.20
C VAL A 680 19.07 39.12 -33.36
N PRO A 681 19.75 39.11 -34.52
CA PRO A 681 19.46 38.10 -35.52
C PRO A 681 20.04 36.76 -35.09
N LEU A 682 19.29 35.70 -35.37
CA LEU A 682 19.81 34.35 -35.23
C LEU A 682 19.70 33.67 -36.58
N ARG A 683 20.72 32.92 -36.94
CA ARG A 683 20.60 32.18 -38.19
C ARG A 683 19.95 30.83 -37.90
N GLU A 684 19.34 30.27 -38.96
CA GLU A 684 18.95 28.88 -38.92
C GLU A 684 20.12 28.02 -38.46
N GLY A 685 19.83 27.02 -37.67
CA GLY A 685 20.88 26.15 -37.17
C GLY A 685 21.39 26.62 -35.83
N ASN A 686 22.63 26.26 -35.52
CA ASN A 686 23.21 26.55 -34.23
C ASN A 686 23.61 28.03 -34.15
N ASN A 687 23.58 28.55 -32.93
CA ASN A 687 24.02 29.92 -32.66
C ASN A 687 24.79 29.93 -31.36
N LYS A 688 25.92 30.63 -31.33
CA LYS A 688 26.67 30.81 -30.10
C LYS A 688 26.38 32.21 -29.56
N ILE A 689 26.05 32.27 -28.28
CA ILE A 689 25.71 33.52 -27.59
C ILE A 689 26.56 33.57 -26.34
N THR A 690 27.37 34.61 -26.22
CA THR A 690 28.21 34.76 -25.05
C THR A 690 27.98 36.13 -24.44
N ALA A 691 28.39 36.25 -23.19
CA ALA A 691 28.25 37.48 -22.43
C ALA A 691 29.47 37.65 -21.54
N THR A 692 29.88 38.90 -21.40
CA THR A 692 30.91 39.26 -20.43
C THR A 692 30.39 40.41 -19.58
N GLY A 693 30.46 40.24 -18.27
CA GLY A 693 30.08 41.27 -17.33
C GLY A 693 31.34 41.78 -16.68
N TYR A 694 31.32 43.07 -16.36
CA TYR A 694 32.47 43.73 -15.77
C TYR A 694 32.06 44.23 -14.40
N ASP A 695 32.82 43.84 -13.38
CA ASP A 695 32.72 44.46 -12.05
C ASP A 695 34.13 44.88 -11.68
N GLY A 696 34.45 46.15 -11.94
CA GLY A 696 35.80 46.63 -11.77
C GLY A 696 36.74 45.81 -12.62
N LYS A 697 37.61 45.03 -11.97
CA LYS A 697 38.55 44.18 -12.69
C LYS A 697 38.06 42.73 -12.85
N LEU A 698 36.95 42.36 -12.22
CA LEU A 698 36.41 41.01 -12.40
C LEU A 698 35.77 40.94 -13.78
N ARG A 699 36.33 40.13 -14.66
CA ARG A 699 35.70 39.82 -15.94
C ARG A 699 34.94 38.50 -15.76
N LEU A 700 33.63 38.56 -15.87
CA LEU A 700 32.81 37.37 -15.76
C LEU A 700 32.36 36.93 -17.16
N ASP A 701 32.09 35.64 -17.31
CA ASP A 701 31.77 35.10 -18.62
C ASP A 701 30.65 34.09 -18.49
N ASP A 702 29.82 34.01 -19.53
CA ASP A 702 28.82 32.96 -19.66
C ASP A 702 28.60 32.73 -21.14
N GLU A 703 28.06 31.55 -21.47
CA GLU A 703 27.84 31.15 -22.85
C GLU A 703 26.73 30.13 -22.93
N ILE A 704 25.84 30.30 -23.90
CA ILE A 704 24.87 29.27 -24.26
C ILE A 704 24.90 29.12 -25.78
N GLN A 705 24.43 27.97 -26.24
CA GLN A 705 24.17 27.75 -27.65
C GLN A 705 22.70 27.37 -27.81
N GLN A 706 22.08 27.82 -28.90
CA GLN A 706 20.69 27.49 -29.16
C GLN A 706 20.48 27.33 -30.66
N GLU A 707 19.69 26.34 -31.04
CA GLU A 707 19.24 26.25 -32.41
C GLU A 707 18.14 27.28 -32.67
N TYR A 708 18.08 27.76 -33.90
CA TYR A 708 17.02 28.67 -34.30
C TYR A 708 16.24 27.99 -35.41
N GLN A 709 14.96 27.82 -35.20
CA GLN A 709 14.12 27.06 -36.09
C GLN A 709 13.09 27.99 -36.72
N THR A 710 13.10 28.07 -38.05
CA THR A 710 12.21 28.96 -38.77
C THR A 710 11.04 28.22 -39.38
N ARG A 711 11.11 26.90 -39.50
CA ARG A 711 9.93 26.18 -39.94
C ARG A 711 8.90 26.13 -38.82
N THR A 712 7.64 26.30 -39.18
CA THR A 712 6.53 26.19 -38.26
C THR A 712 6.05 24.74 -38.19
N TRP A 713 5.12 24.45 -37.29
CA TRP A 713 4.77 23.06 -37.01
C TRP A 713 3.27 22.88 -36.92
N GLY A 714 2.80 21.70 -37.33
CA GLY A 714 1.43 21.28 -37.12
C GLY A 714 1.27 20.56 -35.81
N LYS A 715 0.14 19.84 -35.67
CA LYS A 715 -0.11 19.16 -34.41
C LYS A 715 0.80 17.94 -34.26
N PRO A 716 1.13 17.56 -33.02
CA PRO A 716 1.99 16.39 -32.82
C PRO A 716 1.45 15.15 -33.51
N SER A 717 2.38 14.36 -34.04
CA SER A 717 2.05 13.23 -34.91
C SER A 717 2.95 12.01 -34.70
N ARG A 718 4.18 12.17 -34.22
CA ARG A 718 5.06 11.04 -33.96
C ARG A 718 5.89 11.36 -32.74
N ILE A 719 6.37 10.30 -32.09
CA ILE A 719 7.30 10.42 -30.98
C ILE A 719 8.61 9.81 -31.43
N LEU A 720 9.70 10.57 -31.28
CA LEU A 720 11.03 10.07 -31.57
C LEU A 720 11.80 9.94 -30.26
N LEU A 721 12.52 8.84 -30.12
CA LEU A 721 13.40 8.62 -28.99
C LEU A 721 14.86 8.72 -29.43
N THR A 722 15.68 9.37 -28.60
CA THR A 722 17.12 9.40 -28.77
C THR A 722 17.74 9.26 -27.41
N GLN A 723 19.04 8.96 -27.35
CA GLN A 723 19.78 8.97 -26.09
C GLN A 723 20.89 10.00 -26.12
N THR A 724 21.09 10.67 -24.96
CA THR A 724 22.08 11.75 -24.76
C THR A 724 22.78 11.61 -23.41
N ALA A 725 23.32 10.39 -23.15
CA ALA A 725 23.90 10.00 -21.88
C ALA A 725 25.29 10.58 -21.67
N GLN A 726 25.49 11.27 -20.54
CA GLN A 726 26.82 11.79 -20.27
C GLN A 726 27.27 11.49 -18.85
N ASP A 727 26.71 10.45 -18.23
CA ASP A 727 27.13 10.15 -16.86
C ASP A 727 27.69 8.76 -16.78
N ALA A 728 28.53 8.52 -15.76
CA ALA A 728 29.06 7.20 -15.54
C ALA A 728 28.00 6.24 -15.01
N GLU A 729 26.88 6.75 -14.51
CA GLU A 729 25.84 5.92 -13.92
C GLU A 729 24.54 5.88 -14.71
N THR A 730 24.28 6.84 -15.59
CA THR A 730 22.95 6.98 -16.17
C THR A 730 23.02 7.33 -17.64
N ILE A 731 21.98 6.94 -18.36
CA ILE A 731 21.72 7.38 -19.71
C ILE A 731 20.49 8.28 -19.67
N LEU A 732 20.52 9.36 -20.44
CA LEU A 732 19.38 10.24 -20.58
C LEU A 732 18.67 9.90 -21.88
N VAL A 733 17.39 9.58 -21.79
CA VAL A 733 16.58 9.26 -22.96
C VAL A 733 15.61 10.41 -23.17
N GLN A 734 15.41 10.80 -24.44
CA GLN A 734 14.60 11.96 -24.79
C GLN A 734 13.49 11.54 -25.73
N ALA A 735 12.27 11.97 -25.43
CA ALA A 735 11.15 11.85 -26.36
C ALA A 735 10.91 13.20 -27.00
N GLU A 736 10.67 13.19 -28.31
CA GLU A 736 10.43 14.40 -29.09
C GLU A 736 9.10 14.25 -29.81
N LEU A 737 8.21 15.23 -29.64
CA LEU A 737 6.99 15.28 -30.41
C LEU A 737 7.27 16.03 -31.71
N ILE A 738 6.96 15.41 -32.85
CA ILE A 738 7.17 16.04 -34.16
C ILE A 738 5.87 16.01 -34.94
N ASP A 739 5.76 16.91 -35.93
CA ASP A 739 4.59 16.96 -36.78
C ASP A 739 4.73 15.96 -37.93
N GLU A 740 3.74 15.97 -38.83
CA GLU A 740 3.75 15.01 -39.92
C GLU A 740 4.78 15.33 -41.01
N ASN A 741 5.54 16.42 -40.87
CA ASN A 741 6.65 16.71 -41.78
C ASN A 741 7.99 16.64 -41.06
N GLY A 742 7.98 16.18 -39.81
CA GLY A 742 9.21 16.04 -39.05
C GLY A 742 9.65 17.25 -38.28
N ILE A 743 8.79 18.25 -38.13
CA ILE A 743 9.14 19.47 -37.42
C ILE A 743 8.78 19.32 -35.94
N ARG A 744 9.75 19.61 -35.06
CA ARG A 744 9.47 19.60 -33.63
C ARG A 744 8.30 20.53 -33.30
N CYS A 745 7.38 20.04 -32.48
CA CYS A 745 6.25 20.86 -32.03
C CYS A 745 6.68 21.62 -30.79
N LEU A 746 7.10 22.87 -30.98
CA LEU A 746 7.82 23.58 -29.93
C LEU A 746 6.90 24.17 -28.85
N ASP A 747 5.58 24.06 -29.02
CA ASP A 747 4.66 24.46 -27.96
C ASP A 747 3.80 23.29 -27.50
N ALA A 748 4.25 22.06 -27.76
CA ALA A 748 3.50 20.88 -27.33
C ALA A 748 3.66 20.66 -25.83
N CYS A 749 2.54 20.39 -25.15
CA CYS A 749 2.51 20.14 -23.70
C CYS A 749 1.94 18.77 -23.30
N GLN A 750 1.60 17.90 -24.25
CA GLN A 750 1.06 16.57 -23.93
C GLN A 750 1.86 15.89 -22.83
N PHE A 751 1.15 15.26 -21.91
CA PHE A 751 1.75 14.27 -21.04
C PHE A 751 2.38 13.15 -21.86
N ILE A 752 3.58 12.76 -21.46
CA ILE A 752 4.29 11.64 -22.06
C ILE A 752 4.65 10.67 -20.94
N GLU A 753 4.53 9.37 -21.23
CA GLU A 753 4.78 8.30 -20.28
C GLU A 753 5.89 7.36 -20.75
N PHE A 754 6.74 6.96 -19.81
CA PHE A 754 7.83 6.06 -20.13
C PHE A 754 7.59 4.68 -19.52
N GLY A 755 8.08 3.66 -20.22
CA GLY A 755 8.05 2.30 -19.72
C GLY A 755 9.37 1.64 -20.05
N CYS A 756 9.55 0.43 -19.52
CA CYS A 756 10.84 -0.24 -19.68
C CYS A 756 10.69 -1.73 -19.44
N THR A 757 11.37 -2.52 -20.27
CA THR A 757 11.42 -3.97 -20.07
C THR A 757 11.98 -4.34 -18.71
N ASP A 758 12.74 -3.44 -18.08
CA ASP A 758 13.22 -3.65 -16.73
C ASP A 758 12.58 -2.58 -15.86
N SER A 759 11.70 -3.02 -14.96
CA SER A 759 10.86 -2.12 -14.18
C SER A 759 11.63 -1.34 -13.14
N GLU A 760 12.93 -1.53 -13.01
CA GLU A 760 13.76 -0.76 -12.10
C GLU A 760 14.82 0.09 -12.77
N ALA A 761 14.99 -0.03 -14.09
CA ALA A 761 16.03 0.74 -14.76
C ALA A 761 15.70 2.22 -14.76
N LEU A 762 14.45 2.59 -15.03
CA LEU A 762 14.10 4.00 -15.13
C LEU A 762 14.24 4.69 -13.78
N LEU A 763 14.96 5.82 -13.75
CA LEU A 763 15.00 6.66 -12.57
C LEU A 763 13.66 7.39 -12.52
N ARG A 764 12.74 6.93 -11.68
CA ARG A 764 11.45 7.58 -11.65
C ARG A 764 11.07 7.92 -10.23
N ASN A 765 9.85 8.47 -10.11
CA ASN A 765 9.27 8.95 -8.85
C ASN A 765 10.20 9.89 -8.10
N GLN A 766 10.83 10.81 -8.83
CA GLN A 766 11.67 11.82 -8.18
C GLN A 766 10.98 13.16 -8.01
N GLY A 767 9.99 13.47 -8.85
CA GLY A 767 9.41 14.80 -8.87
C GLY A 767 10.25 15.83 -9.60
N THR A 768 11.08 15.41 -10.54
CA THR A 768 12.01 16.25 -11.27
C THR A 768 11.73 16.15 -12.77
N ALA A 769 12.44 16.99 -13.54
CA ALA A 769 12.27 17.00 -15.00
C ALA A 769 12.75 15.71 -15.67
N GLN A 770 13.73 15.02 -15.09
CA GLN A 770 14.29 13.85 -15.73
C GLN A 770 14.08 12.59 -14.90
N GLY A 771 13.30 12.67 -13.82
CA GLY A 771 13.06 11.54 -12.96
C GLY A 771 11.58 11.28 -12.75
N SER A 772 10.78 11.51 -13.80
CA SER A 772 9.34 11.33 -13.75
C SER A 772 8.91 10.37 -14.85
N ARG A 773 8.11 9.36 -14.47
CA ARG A 773 7.55 8.39 -15.39
C ARG A 773 6.51 9.01 -16.32
N ARG A 774 5.75 9.99 -15.82
CA ARG A 774 4.79 10.74 -16.63
C ARG A 774 4.98 12.23 -16.40
N ILE A 775 5.07 12.98 -17.49
CA ILE A 775 5.39 14.40 -17.39
C ILE A 775 4.94 15.06 -18.69
N GLN A 776 4.37 16.26 -18.55
CA GLN A 776 4.06 17.06 -19.73
C GLN A 776 5.32 17.44 -20.48
N ALA A 777 5.24 17.45 -21.80
CA ALA A 777 6.37 17.83 -22.63
C ALA A 777 6.75 19.29 -22.40
N ALA A 778 8.04 19.59 -22.56
CA ALA A 778 8.59 20.93 -22.40
C ALA A 778 9.06 21.37 -23.77
N ASN A 779 8.24 22.18 -24.45
CA ASN A 779 8.48 22.56 -25.86
C ASN A 779 8.71 21.31 -26.72
N GLY A 780 7.77 20.36 -26.64
CA GLY A 780 7.79 19.16 -27.45
C GLY A 780 8.77 18.10 -27.00
N ARG A 781 9.20 18.14 -25.75
CA ARG A 781 10.34 17.37 -25.29
C ARG A 781 10.08 16.85 -23.88
N ALA A 782 10.43 15.59 -23.63
CA ALA A 782 10.42 15.05 -22.29
C ALA A 782 11.51 13.98 -22.20
N SER A 783 12.13 13.90 -21.02
CA SER A 783 13.34 13.12 -20.87
C SER A 783 13.31 12.37 -19.55
N ILE A 784 13.99 11.23 -19.52
CA ILE A 784 14.08 10.45 -18.30
C ILE A 784 15.43 9.78 -18.24
N ARG A 785 16.00 9.69 -17.03
CA ARG A 785 17.26 9.00 -16.81
C ARG A 785 17.06 7.49 -16.68
N VAL A 786 18.03 6.74 -17.18
CA VAL A 786 18.03 5.28 -17.21
C VAL A 786 19.30 4.80 -16.51
N ASN A 787 19.16 3.82 -15.61
CA ASN A 787 20.33 3.40 -14.85
C ASN A 787 21.23 2.54 -15.73
N LYS A 788 22.53 2.89 -15.76
CA LYS A 788 23.45 2.25 -16.69
C LYS A 788 23.60 0.76 -16.39
N GLN A 789 23.76 0.41 -15.11
CA GLN A 789 23.93 -0.99 -14.71
C GLN A 789 22.87 -1.90 -15.31
N HIS A 790 21.61 -1.46 -15.36
CA HIS A 790 20.53 -2.31 -15.82
C HIS A 790 20.51 -2.51 -17.33
N ALA A 791 21.25 -1.69 -18.08
CA ALA A 791 21.29 -1.85 -19.52
C ALA A 791 22.01 -3.14 -19.89
N PRO A 792 21.64 -3.77 -21.03
CA PRO A 792 20.65 -3.31 -22.01
C PRO A 792 19.19 -3.52 -21.58
N VAL A 793 18.33 -2.58 -21.99
CA VAL A 793 16.87 -2.64 -21.83
C VAL A 793 16.23 -2.00 -23.05
N VAL A 794 14.91 -2.01 -23.09
CA VAL A 794 14.16 -1.27 -24.09
C VAL A 794 13.23 -0.32 -23.35
N VAL A 795 13.35 0.99 -23.67
CA VAL A 795 12.49 2.05 -23.12
C VAL A 795 11.37 2.37 -24.10
N SER A 796 10.16 2.55 -23.59
CA SER A 796 9.01 2.97 -24.38
C SER A 796 8.55 4.37 -23.98
N ALA A 797 8.03 5.11 -24.96
CA ALA A 797 7.41 6.41 -24.69
C ALA A 797 6.08 6.50 -25.41
N SER A 798 5.05 6.95 -24.69
CA SER A 798 3.71 7.13 -25.22
C SER A 798 3.14 8.47 -24.76
N ASP A 799 2.22 9.01 -25.56
CA ASP A 799 1.35 10.07 -25.06
C ASP A 799 0.29 9.44 -24.19
N SER A 800 0.06 10.03 -23.02
CA SER A 800 -0.87 9.42 -22.07
C SER A 800 -2.25 9.21 -22.68
N LYS A 801 -2.63 10.07 -23.64
CA LYS A 801 -3.91 9.94 -24.31
C LYS A 801 -3.93 8.83 -25.35
N ARG A 802 -2.78 8.22 -25.66
CA ARG A 802 -2.71 7.05 -26.54
C ARG A 802 -3.17 7.33 -27.96
N ILE A 803 -3.10 8.59 -28.40
CA ILE A 803 -3.42 8.89 -29.80
C ILE A 803 -2.21 8.71 -30.71
N LEU A 804 -1.01 8.92 -30.22
CA LEU A 804 0.16 8.62 -31.02
C LEU A 804 0.59 7.17 -30.79
N LYS A 805 1.34 6.64 -31.74
CA LYS A 805 1.87 5.29 -31.62
C LYS A 805 3.09 5.30 -30.71
N THR A 806 3.17 4.30 -29.84
CA THR A 806 4.24 4.20 -28.85
C THR A 806 5.59 4.14 -29.55
N ALA A 807 6.59 4.79 -28.97
CA ALA A 807 7.95 4.72 -29.49
C ALA A 807 8.80 3.83 -28.60
N LEU A 808 9.84 3.22 -29.19
CA LEU A 808 10.78 2.34 -28.49
C LEU A 808 12.21 2.68 -28.85
N ILE A 809 13.12 2.48 -27.90
CA ILE A 809 14.54 2.59 -28.16
C ILE A 809 15.27 1.56 -27.30
N SER A 810 16.25 0.90 -27.91
CA SER A 810 17.11 -0.02 -27.19
C SER A 810 18.28 0.75 -26.62
N VAL A 811 18.60 0.46 -25.37
CA VAL A 811 19.61 1.20 -24.62
C VAL A 811 20.73 0.23 -24.27
N SER A 812 21.89 0.43 -24.90
CA SER A 812 23.07 -0.43 -24.75
C SER A 812 23.53 -0.63 -23.30
N LEU B 22 -29.15 -13.34 8.83
CA LEU B 22 -29.69 -13.81 7.56
C LEU B 22 -31.24 -13.77 7.57
N ILE B 23 -31.82 -12.76 6.92
CA ILE B 23 -33.28 -12.57 6.91
C ILE B 23 -33.93 -13.64 6.02
N PRO B 24 -34.98 -14.35 6.50
CA PRO B 24 -35.67 -15.32 5.64
C PRO B 24 -36.67 -14.67 4.71
N THR B 25 -36.27 -14.38 3.47
CA THR B 25 -37.23 -13.96 2.46
C THR B 25 -36.66 -14.28 1.10
N ASP B 26 -37.56 -14.51 0.15
CA ASP B 26 -37.17 -14.86 -1.21
C ASP B 26 -36.90 -13.64 -2.08
N ARG B 27 -37.27 -12.43 -1.65
CA ARG B 27 -37.13 -11.24 -2.49
C ARG B 27 -35.99 -10.38 -1.92
N LYS B 28 -34.92 -10.24 -2.70
CA LYS B 28 -33.71 -9.57 -2.28
C LYS B 28 -33.03 -9.00 -3.51
N GLN B 29 -32.30 -7.91 -3.32
CA GLN B 29 -31.57 -7.27 -4.41
C GLN B 29 -30.09 -7.26 -4.09
N ARG B 30 -29.29 -7.84 -4.96
CA ARG B 30 -27.85 -7.77 -4.82
C ARG B 30 -27.35 -6.39 -5.23
N LEU B 31 -26.59 -5.77 -4.35
CA LEU B 31 -25.98 -4.46 -4.62
C LEU B 31 -24.57 -4.69 -5.18
N THR B 32 -24.46 -4.72 -6.50
CA THR B 32 -23.17 -4.96 -7.13
C THR B 32 -22.60 -3.76 -7.87
N GLU B 33 -23.43 -2.85 -8.40
CA GLU B 33 -22.97 -1.74 -9.23
C GLU B 33 -22.79 -0.42 -8.45
N HIS B 34 -22.05 0.51 -9.06
CA HIS B 34 -22.01 1.91 -8.64
C HIS B 34 -21.44 2.09 -7.25
N TRP B 35 -20.42 1.30 -6.92
CA TRP B 35 -19.68 1.50 -5.68
C TRP B 35 -18.37 2.20 -5.97
N GLU B 36 -17.92 2.98 -4.98
CA GLU B 36 -16.58 3.55 -4.95
C GLU B 36 -15.80 2.94 -3.80
N PHE B 37 -14.49 2.84 -3.97
CA PHE B 37 -13.65 2.17 -2.99
C PHE B 37 -12.29 2.85 -2.93
N ILE B 38 -11.72 2.93 -1.73
CA ILE B 38 -10.35 3.38 -1.57
C ILE B 38 -9.69 2.53 -0.50
N ARG B 39 -8.43 2.19 -0.72
CA ARG B 39 -7.74 1.20 0.11
C ARG B 39 -6.89 1.90 1.17
N GLN B 40 -7.56 2.65 2.02
CA GLN B 40 -6.91 3.32 3.14
C GLN B 40 -8.02 3.82 4.03
N ASP B 41 -7.67 4.22 5.25
CA ASP B 41 -8.65 4.87 6.12
C ASP B 41 -8.80 6.34 5.74
N MET B 42 -9.96 6.90 6.06
CA MET B 42 -10.24 8.31 5.87
C MET B 42 -10.20 9.02 7.21
N GLY B 43 -10.18 10.36 7.15
CA GLY B 43 -9.98 11.15 8.35
C GLY B 43 -11.17 11.22 9.29
N SER B 44 -12.36 10.86 8.81
CA SER B 44 -13.58 10.90 9.62
C SER B 44 -14.71 10.53 8.69
N ILE B 45 -15.88 10.18 9.25
CA ILE B 45 -17.01 9.85 8.39
C ILE B 45 -17.42 11.10 7.62
N TRP B 46 -17.24 12.27 8.21
CA TRP B 46 -17.53 13.50 7.48
C TRP B 46 -16.61 13.65 6.27
N GLU B 47 -15.34 13.30 6.42
CA GLU B 47 -14.46 13.36 5.27
C GLU B 47 -14.95 12.42 4.17
N VAL B 48 -15.56 11.29 4.53
CA VAL B 48 -16.12 10.37 3.53
C VAL B 48 -17.34 10.98 2.87
N MET B 49 -18.15 11.70 3.64
CA MET B 49 -19.45 12.17 3.16
C MET B 49 -19.43 13.57 2.55
N ARG B 50 -18.45 14.40 2.88
CA ARG B 50 -18.52 15.83 2.58
C ARG B 50 -18.65 16.08 1.06
N PRO B 51 -19.28 17.18 0.68
CA PRO B 51 -19.43 17.49 -0.75
C PRO B 51 -18.14 18.02 -1.34
N ILE B 52 -18.05 17.90 -2.66
CA ILE B 52 -16.98 18.49 -3.44
C ILE B 52 -17.39 19.90 -3.85
N THR B 53 -16.60 20.89 -3.49
CA THR B 53 -16.93 22.28 -3.78
C THR B 53 -16.43 22.77 -5.13
N GLY B 54 -15.52 22.04 -5.79
CA GLY B 54 -15.02 22.46 -7.08
C GLY B 54 -13.89 21.55 -7.57
N ALA B 55 -13.67 21.49 -8.87
CA ALA B 55 -12.60 20.65 -9.39
C ALA B 55 -11.27 21.15 -8.88
N GLY B 56 -10.35 20.22 -8.58
CA GLY B 56 -9.04 20.59 -8.10
C GLY B 56 -9.00 21.11 -6.69
N LYS B 57 -10.10 21.12 -5.97
CA LYS B 57 -10.11 21.59 -4.61
C LYS B 57 -9.55 20.52 -3.68
N PRO B 58 -9.03 20.89 -2.51
CA PRO B 58 -8.33 19.90 -1.67
C PRO B 58 -9.14 18.64 -1.37
N GLU B 59 -10.47 18.73 -1.28
CA GLU B 59 -11.24 17.53 -0.94
C GLU B 59 -11.43 16.58 -2.11
N THR B 60 -10.83 16.86 -3.27
CA THR B 60 -10.98 15.97 -4.42
C THR B 60 -9.89 14.91 -4.47
N VAL B 61 -8.95 14.94 -3.54
CA VAL B 61 -8.05 13.83 -3.29
C VAL B 61 -8.26 13.42 -1.84
N PRO B 62 -7.88 12.20 -1.46
CA PRO B 62 -7.36 11.10 -2.28
C PRO B 62 -8.39 10.60 -3.28
N LEU B 63 -7.92 9.90 -4.32
CA LEU B 63 -8.77 9.39 -5.37
C LEU B 63 -9.34 8.03 -4.98
N TRP B 64 -10.60 7.83 -5.32
CA TRP B 64 -11.32 6.60 -5.13
C TRP B 64 -11.43 5.87 -6.45
N GLN B 65 -11.71 4.56 -6.36
CA GLN B 65 -11.87 3.69 -7.52
C GLN B 65 -13.34 3.34 -7.73
N LYS B 66 -13.76 3.31 -8.97
CA LYS B 66 -15.03 2.68 -9.31
C LYS B 66 -14.81 1.16 -9.33
N VAL B 67 -15.63 0.44 -8.55
CA VAL B 67 -15.54 -1.02 -8.48
C VAL B 67 -16.94 -1.61 -8.58
N THR B 68 -16.98 -2.89 -8.97
CA THR B 68 -18.16 -3.74 -8.89
C THR B 68 -17.96 -4.74 -7.77
N LEU B 69 -19.05 -4.98 -6.92
CA LEU B 69 -19.01 -6.02 -5.89
C LEU B 69 -19.45 -7.36 -6.46
N PRO B 70 -18.94 -8.50 -5.95
CA PRO B 70 -17.98 -8.58 -4.83
C PRO B 70 -16.63 -8.04 -5.22
N HIS B 71 -15.93 -7.54 -4.20
CA HIS B 71 -14.64 -6.94 -4.37
C HIS B 71 -13.75 -7.37 -3.22
N CYS B 72 -12.46 -7.54 -3.51
CA CYS B 72 -11.51 -7.97 -2.49
C CYS B 72 -10.27 -7.08 -2.50
N PHE B 73 -9.80 -6.70 -1.30
CA PHE B 73 -8.62 -5.84 -1.22
C PHE B 73 -7.44 -6.48 -1.93
N ASN B 74 -7.42 -7.81 -2.00
CA ASN B 74 -6.19 -8.53 -2.31
C ASN B 74 -6.31 -9.31 -3.61
N ALA B 75 -7.24 -8.89 -4.48
CA ALA B 75 -7.45 -9.54 -5.77
C ALA B 75 -6.15 -9.80 -6.51
N GLU B 76 -5.17 -8.89 -6.38
CA GLU B 76 -3.89 -8.99 -7.07
C GLU B 76 -2.72 -9.22 -6.13
N ASP B 77 -2.63 -8.47 -5.03
CA ASP B 77 -1.42 -8.47 -4.23
C ASP B 77 -1.23 -9.74 -3.42
N ALA B 78 -2.25 -10.59 -3.27
CA ALA B 78 -2.05 -11.88 -2.62
C ALA B 78 -0.94 -12.66 -3.31
N VAL B 79 -0.91 -12.64 -4.65
CA VAL B 79 0.08 -13.42 -5.40
C VAL B 79 1.12 -12.53 -6.07
N ASP B 80 1.11 -11.23 -5.81
CA ASP B 80 2.19 -10.39 -6.27
C ASP B 80 3.49 -10.87 -5.63
N PRO B 81 4.51 -11.23 -6.41
CA PRO B 81 5.73 -11.79 -5.81
C PRO B 81 6.51 -10.84 -4.90
N ASP B 82 6.32 -9.51 -5.01
CA ASP B 82 7.26 -8.56 -4.41
C ASP B 82 6.68 -7.75 -3.26
N VAL B 83 5.47 -8.05 -2.78
CA VAL B 83 4.82 -7.25 -1.75
C VAL B 83 4.14 -8.19 -0.77
N ASN B 84 4.05 -7.73 0.47
CA ASN B 84 3.14 -8.34 1.43
C ASN B 84 1.72 -7.95 1.08
N TYR B 85 0.83 -8.96 1.00
CA TYR B 85 -0.58 -8.67 0.76
C TYR B 85 -1.11 -7.68 1.80
N TYR B 86 -1.91 -6.74 1.32
CA TYR B 86 -2.35 -5.61 2.14
C TYR B 86 -3.23 -6.05 3.30
N GLN B 87 -2.91 -5.55 4.48
CA GLN B 87 -3.67 -5.84 5.71
C GLN B 87 -3.86 -4.52 6.44
N GLY B 88 -5.07 -3.97 6.33
CA GLY B 88 -5.37 -2.62 6.77
C GLY B 88 -6.80 -2.24 6.41
N PRO B 89 -7.18 -0.99 6.65
CA PRO B 89 -8.55 -0.56 6.40
C PRO B 89 -8.79 -0.16 4.95
N GLY B 90 -10.07 -0.13 4.59
CA GLY B 90 -10.52 0.37 3.29
C GLY B 90 -11.97 0.80 3.43
N TRP B 91 -12.41 1.67 2.51
CA TRP B 91 -13.77 2.21 2.54
C TRP B 91 -14.50 1.98 1.22
N TYR B 92 -15.81 1.75 1.33
CA TYR B 92 -16.71 1.69 0.19
C TYR B 92 -17.84 2.68 0.42
N ARG B 93 -18.39 3.24 -0.66
CA ARG B 93 -19.52 4.13 -0.51
C ARG B 93 -20.37 4.11 -1.78
N THR B 94 -21.65 4.40 -1.60
CA THR B 94 -22.58 4.36 -2.72
C THR B 94 -23.79 5.20 -2.33
N MET B 95 -24.63 5.48 -3.32
CA MET B 95 -25.93 6.11 -3.16
C MET B 95 -27.01 5.08 -3.43
N LEU B 96 -27.93 4.91 -2.47
CA LEU B 96 -29.01 3.93 -2.61
C LEU B 96 -30.35 4.63 -2.80
N ASN B 97 -31.13 4.10 -3.74
CA ASN B 97 -32.53 4.47 -3.87
C ASN B 97 -33.33 3.47 -3.04
N ILE B 98 -33.85 3.90 -1.91
CA ILE B 98 -34.52 3.00 -0.97
C ILE B 98 -36.02 3.19 -1.08
N GLU B 99 -36.72 2.14 -1.56
CA GLU B 99 -38.17 2.17 -1.76
C GLU B 99 -38.76 0.93 -1.08
N ASN B 100 -38.90 1.00 0.24
CA ASN B 100 -39.51 -0.12 0.95
C ASN B 100 -41.01 -0.12 0.66
N PRO B 101 -41.53 -1.16 0.00
CA PRO B 101 -42.93 -1.16 -0.43
C PRO B 101 -43.92 -1.63 0.64
N TYR B 102 -43.44 -2.02 1.81
CA TYR B 102 -44.31 -2.45 2.90
C TYR B 102 -44.50 -1.30 3.87
N THR B 103 -45.74 -1.09 4.30
CA THR B 103 -46.02 -0.05 5.29
C THR B 103 -45.35 -0.42 6.61
N ASN B 104 -44.64 0.55 7.20
CA ASN B 104 -43.81 0.31 8.38
C ASN B 104 -42.75 -0.76 8.12
N GLY B 105 -42.38 -0.96 6.86
CA GLY B 105 -41.47 -2.03 6.52
C GLY B 105 -40.09 -1.84 7.13
N ARG B 106 -39.39 -2.96 7.31
CA ARG B 106 -38.01 -2.90 7.74
C ARG B 106 -37.12 -2.92 6.51
N THR B 107 -36.01 -2.18 6.60
CA THR B 107 -35.02 -2.12 5.54
C THR B 107 -33.66 -2.53 6.09
N CYS B 108 -33.04 -3.52 5.46
CA CYS B 108 -31.75 -4.04 5.91
C CYS B 108 -30.75 -4.10 4.76
N LEU B 109 -29.49 -3.93 5.14
CA LEU B 109 -28.36 -4.34 4.33
C LEU B 109 -27.86 -5.66 4.90
N GLU B 110 -27.75 -6.66 4.04
CA GLU B 110 -27.43 -8.02 4.43
C GLU B 110 -26.04 -8.37 3.89
N PHE B 111 -25.17 -8.83 4.77
CA PHE B 111 -23.81 -9.17 4.38
C PHE B 111 -23.66 -10.69 4.37
N GLU B 112 -23.54 -11.27 3.18
CA GLU B 112 -23.22 -12.70 3.10
C GLU B 112 -21.80 -13.00 3.49
N GLY B 113 -20.95 -11.98 3.59
CA GLY B 113 -19.59 -12.15 4.08
C GLY B 113 -18.65 -11.01 3.74
N ALA B 114 -17.95 -10.50 4.74
CA ALA B 114 -17.03 -9.39 4.55
C ALA B 114 -15.90 -9.50 5.57
N GLY B 115 -14.67 -9.24 5.13
CA GLY B 115 -13.50 -9.41 5.96
C GLY B 115 -12.73 -8.13 6.19
N GLN B 116 -12.13 -8.01 7.37
CA GLN B 116 -12.36 -8.97 8.47
C GLN B 116 -13.26 -8.29 9.52
N LYS B 117 -13.01 -6.99 9.75
CA LYS B 117 -13.81 -6.13 10.60
C LYS B 117 -14.54 -5.09 9.73
N THR B 118 -15.79 -4.78 10.07
CA THR B 118 -16.64 -4.03 9.16
C THR B 118 -17.56 -3.10 9.94
N GLU B 119 -17.68 -1.86 9.45
CA GLU B 119 -18.55 -0.84 10.02
C GLU B 119 -19.41 -0.26 8.92
N VAL B 120 -20.68 0.00 9.23
CA VAL B 120 -21.69 0.42 8.27
C VAL B 120 -22.27 1.77 8.70
N TYR B 121 -22.34 2.71 7.75
CA TYR B 121 -22.83 4.06 8.03
C TYR B 121 -23.97 4.41 7.09
N VAL B 122 -24.97 5.11 7.62
CA VAL B 122 -25.93 5.88 6.83
C VAL B 122 -25.58 7.36 7.01
N TYR B 123 -25.18 8.02 5.92
CA TYR B 123 -24.58 9.36 6.02
C TYR B 123 -23.52 9.37 7.12
N THR B 124 -23.69 10.16 8.18
CA THR B 124 -22.66 10.28 9.20
C THR B 124 -22.91 9.41 10.43
N THR B 125 -23.95 8.59 10.40
CA THR B 125 -24.36 7.79 11.56
C THR B 125 -23.93 6.33 11.38
N ARG B 126 -23.13 5.82 12.32
CA ARG B 126 -22.76 4.41 12.29
C ARG B 126 -23.94 3.55 12.73
N ILE B 127 -24.23 2.52 11.95
CA ILE B 127 -25.40 1.67 12.12
C ILE B 127 -25.06 0.36 12.82
N ALA B 128 -23.93 -0.23 12.47
CA ALA B 128 -23.63 -1.59 12.89
C ALA B 128 -22.15 -1.84 12.68
N SER B 129 -21.63 -2.82 13.42
CA SER B 129 -20.27 -3.23 13.21
C SER B 129 -20.20 -4.75 13.39
N HIS B 130 -19.14 -5.34 12.86
CA HIS B 130 -19.01 -6.78 12.86
C HIS B 130 -17.54 -7.15 12.89
N VAL B 131 -17.24 -8.22 13.61
CA VAL B 131 -15.91 -8.81 13.63
C VAL B 131 -16.07 -10.27 13.20
N GLY B 132 -15.39 -10.64 12.11
CA GLY B 132 -15.51 -11.99 11.59
C GLY B 132 -15.67 -12.05 10.09
N GLY B 133 -14.68 -12.66 9.43
CA GLY B 133 -14.64 -12.64 7.99
C GLY B 133 -15.66 -13.52 7.32
N TYR B 134 -16.40 -14.36 8.04
CA TYR B 134 -16.97 -15.51 7.32
C TYR B 134 -18.41 -15.83 7.66
N ASP B 135 -18.97 -15.29 8.73
CA ASP B 135 -20.37 -15.48 9.06
C ASP B 135 -21.21 -14.40 8.39
N GLU B 136 -22.51 -14.66 8.27
CA GLU B 136 -23.45 -13.68 7.76
C GLU B 136 -23.96 -12.82 8.92
N TRP B 137 -24.38 -11.59 8.58
CA TRP B 137 -24.83 -10.61 9.56
C TRP B 137 -25.58 -9.53 8.81
N LYS B 138 -26.21 -8.62 9.55
CA LYS B 138 -27.05 -7.64 8.87
C LYS B 138 -27.02 -6.32 9.63
N ALA B 139 -27.50 -5.29 8.93
CA ALA B 139 -27.57 -3.93 9.45
C ALA B 139 -28.94 -3.39 9.11
N ASP B 140 -29.78 -3.22 10.14
CA ASP B 140 -31.10 -2.63 9.97
C ASP B 140 -30.92 -1.12 9.85
N ILE B 141 -31.22 -0.57 8.68
CA ILE B 141 -31.00 0.84 8.43
C ILE B 141 -32.31 1.62 8.42
N THR B 142 -33.40 1.00 8.85
CA THR B 142 -34.74 1.59 8.69
C THR B 142 -34.83 2.96 9.36
N GLU B 143 -34.33 3.07 10.59
CA GLU B 143 -34.49 4.31 11.34
C GLU B 143 -33.57 5.40 10.82
N ALA B 144 -32.29 5.07 10.59
CA ALA B 144 -31.36 6.06 10.07
C ALA B 144 -31.84 6.60 8.73
N VAL B 145 -32.35 5.73 7.87
CA VAL B 145 -32.87 6.18 6.57
C VAL B 145 -33.98 7.18 6.76
N GLU B 146 -34.97 6.83 7.60
CA GLU B 146 -36.08 7.74 7.84
C GLU B 146 -35.61 9.07 8.42
N ALA B 147 -34.74 9.03 9.43
CA ALA B 147 -34.20 10.25 10.00
C ALA B 147 -33.49 11.10 8.95
N PHE B 148 -32.69 10.47 8.09
CA PHE B 148 -32.01 11.20 7.03
C PHE B 148 -33.00 11.88 6.10
N ARG B 149 -34.15 11.25 5.87
CA ARG B 149 -35.16 11.85 5.02
C ARG B 149 -35.84 13.07 5.66
N ARG B 150 -35.83 13.20 6.98
CA ARG B 150 -36.39 14.39 7.60
C ARG B 150 -35.43 15.59 7.57
N THR B 151 -34.28 15.47 6.87
CA THR B 151 -33.40 16.63 6.78
C THR B 151 -33.45 17.21 5.38
N PRO B 152 -33.25 18.53 5.25
CA PRO B 152 -33.25 19.15 3.92
C PRO B 152 -32.17 18.61 3.00
N LEU B 153 -31.05 18.16 3.56
CA LEU B 153 -29.93 17.71 2.76
C LEU B 153 -30.31 16.54 1.87
N CYS B 154 -31.26 15.74 2.33
CA CYS B 154 -31.55 14.47 1.67
C CYS B 154 -32.00 14.70 0.23
N ARG B 155 -32.99 15.56 0.00
CA ARG B 155 -33.37 15.79 -1.39
C ARG B 155 -32.64 16.98 -2.02
N GLU B 156 -32.23 17.97 -1.23
CA GLU B 156 -31.57 19.14 -1.83
C GLU B 156 -30.19 18.80 -2.35
N ARG B 157 -29.46 17.93 -1.65
CA ARG B 157 -28.11 17.57 -2.08
C ARG B 157 -28.05 16.21 -2.77
N PHE B 158 -28.77 15.19 -2.28
CA PHE B 158 -28.66 13.85 -2.84
C PHE B 158 -29.83 13.44 -3.73
N GLY B 159 -30.82 14.31 -3.93
CA GLY B 159 -31.94 14.05 -4.83
C GLY B 159 -32.75 12.81 -4.52
N GLY B 160 -33.11 12.60 -3.24
CA GLY B 160 -33.79 11.41 -2.76
C GLY B 160 -32.93 10.26 -2.30
N LYS B 161 -31.74 10.10 -2.85
CA LYS B 161 -30.98 8.90 -2.56
C LYS B 161 -30.40 8.95 -1.13
N ILE B 162 -29.94 7.79 -0.68
CA ILE B 162 -29.39 7.59 0.65
C ILE B 162 -27.89 7.33 0.54
N PRO B 163 -27.05 8.17 1.14
CA PRO B 163 -25.59 7.91 1.10
C PRO B 163 -25.22 6.85 2.13
N ILE B 164 -24.50 5.85 1.66
CA ILE B 164 -24.11 4.68 2.42
C ILE B 164 -22.59 4.54 2.34
N ALA B 165 -21.96 4.27 3.49
CA ALA B 165 -20.52 4.00 3.49
C ALA B 165 -20.22 2.83 4.40
N ILE B 166 -19.25 2.02 3.99
CA ILE B 166 -18.86 0.82 4.71
C ILE B 166 -17.36 0.80 4.81
N ARG B 167 -16.85 0.67 6.03
CA ARG B 167 -15.43 0.49 6.29
C ARG B 167 -15.15 -0.99 6.51
N CYS B 168 -14.24 -1.56 5.71
CA CYS B 168 -13.72 -2.89 5.97
C CYS B 168 -12.24 -2.79 6.34
N ASP B 169 -11.82 -3.61 7.29
CA ASP B 169 -10.45 -3.63 7.77
C ASP B 169 -9.99 -5.09 7.87
N ASN B 170 -8.78 -5.36 7.36
CA ASN B 170 -8.14 -6.66 7.58
C ASN B 170 -6.73 -6.45 8.13
N SER B 171 -6.58 -5.45 9.01
CA SER B 171 -5.33 -5.28 9.76
C SER B 171 -5.01 -6.56 10.53
N ARG B 172 -3.72 -6.78 10.77
CA ARG B 172 -3.32 -7.91 11.60
C ARG B 172 -3.82 -7.69 13.03
N ASP B 173 -4.49 -8.70 13.59
CA ASP B 173 -5.03 -8.61 14.94
C ASP B 173 -4.88 -9.97 15.60
N THR B 174 -3.95 -10.03 16.56
CA THR B 174 -3.68 -11.28 17.26
C THR B 174 -4.86 -11.78 18.09
N GLU B 175 -5.75 -10.88 18.54
CA GLU B 175 -6.89 -11.27 19.37
C GLU B 175 -8.12 -11.66 18.55
N MET B 176 -7.99 -11.72 17.23
CA MET B 176 -9.06 -12.09 16.31
C MET B 176 -8.68 -13.40 15.62
N ILE B 177 -9.65 -14.30 15.45
CA ILE B 177 -9.40 -15.52 14.71
C ILE B 177 -9.79 -15.31 13.26
N PRO B 178 -9.11 -15.96 12.29
CA PRO B 178 -8.03 -16.93 12.50
C PRO B 178 -6.67 -16.28 12.70
N SER B 179 -5.65 -17.08 12.98
CA SER B 179 -4.32 -16.54 13.21
C SER B 179 -3.66 -16.22 11.88
N ASP B 180 -2.90 -15.12 11.87
CA ASP B 180 -2.10 -14.88 10.68
C ASP B 180 -1.06 -15.95 10.47
N MET B 181 -0.81 -16.80 11.45
CA MET B 181 0.03 -17.97 11.18
C MET B 181 -0.63 -18.94 10.23
N SER B 182 -1.90 -18.74 9.87
CA SER B 182 -2.57 -19.70 9.04
C SER B 182 -1.99 -19.71 7.64
N ASP B 183 -2.20 -20.82 6.95
CA ASP B 183 -1.69 -21.02 5.60
C ASP B 183 -2.69 -20.56 4.55
N PHE B 184 -3.27 -19.38 4.76
CA PHE B 184 -4.14 -18.76 3.76
C PHE B 184 -4.27 -17.28 4.10
N ASN B 185 -4.86 -16.52 3.16
CA ASN B 185 -4.98 -15.09 3.32
C ASN B 185 -6.19 -14.73 4.17
N LEU B 186 -5.99 -13.78 5.10
CA LEU B 186 -7.12 -13.13 5.76
C LEU B 186 -7.50 -11.96 4.87
N TYR B 187 -8.28 -12.29 3.84
CA TYR B 187 -8.74 -11.34 2.86
C TYR B 187 -9.55 -10.21 3.50
N GLY B 188 -9.44 -9.01 2.90
CA GLY B 188 -10.24 -7.88 3.33
C GLY B 188 -11.23 -7.51 2.25
N GLY B 189 -12.35 -6.86 2.59
CA GLY B 189 -13.24 -6.29 1.60
C GLY B 189 -14.65 -6.88 1.65
N LEU B 190 -15.49 -6.35 0.76
CA LEU B 190 -16.86 -6.82 0.59
C LEU B 190 -16.86 -7.93 -0.45
N TYR B 191 -16.20 -9.02 -0.09
CA TYR B 191 -15.94 -10.09 -1.05
C TYR B 191 -17.07 -11.12 -1.18
N ARG B 192 -18.09 -11.08 -0.33
CA ARG B 192 -19.35 -11.77 -0.61
C ARG B 192 -20.46 -10.75 -0.76
N TYR B 193 -21.49 -11.16 -1.50
CA TYR B 193 -22.62 -10.30 -1.86
C TYR B 193 -23.14 -9.50 -0.68
N VAL B 194 -23.61 -8.31 -1.01
CA VAL B 194 -24.36 -7.46 -0.09
C VAL B 194 -25.76 -7.29 -0.69
N ASN B 195 -26.78 -7.53 0.13
CA ASN B 195 -28.16 -7.50 -0.34
C ASN B 195 -28.94 -6.40 0.38
N LEU B 196 -29.79 -5.72 -0.38
CA LEU B 196 -30.80 -4.82 0.17
C LEU B 196 -32.10 -5.61 0.34
N VAL B 197 -32.63 -5.62 1.57
CA VAL B 197 -33.71 -6.50 1.98
C VAL B 197 -34.82 -5.68 2.65
N TYR B 198 -36.01 -5.69 2.06
CA TYR B 198 -37.20 -5.14 2.70
C TYR B 198 -38.01 -6.27 3.30
N THR B 199 -38.58 -6.04 4.47
CA THR B 199 -39.60 -6.92 5.01
C THR B 199 -40.77 -6.07 5.47
N PRO B 200 -41.94 -6.68 5.61
CA PRO B 200 -43.05 -5.99 6.26
C PRO B 200 -42.77 -5.79 7.75
N ALA B 201 -43.65 -4.99 8.38
CA ALA B 201 -43.55 -4.71 9.81
C ALA B 201 -43.36 -6.00 10.61
N VAL B 202 -44.25 -6.97 10.43
CA VAL B 202 -44.06 -8.28 11.04
C VAL B 202 -43.57 -9.23 9.95
N HIS B 203 -42.63 -10.10 10.31
CA HIS B 203 -41.85 -10.82 9.31
C HIS B 203 -41.18 -12.01 9.97
N PHE B 204 -40.60 -12.88 9.13
CA PHE B 204 -39.85 -14.02 9.63
C PHE B 204 -38.46 -13.58 10.06
N GLU B 205 -38.01 -14.11 11.20
CA GLU B 205 -36.65 -13.87 11.67
C GLU B 205 -35.77 -15.11 11.70
N GLN B 206 -36.35 -16.31 11.79
CA GLN B 206 -35.56 -17.52 11.81
C GLN B 206 -36.46 -18.72 11.59
N ILE B 207 -36.16 -19.52 10.57
CA ILE B 207 -36.93 -20.71 10.22
C ILE B 207 -35.97 -21.88 10.36
N ARG B 208 -36.10 -22.66 11.43
CA ARG B 208 -35.23 -23.81 11.65
C ARG B 208 -35.96 -25.10 11.28
N ILE B 209 -35.34 -25.88 10.40
CA ILE B 209 -35.91 -27.14 9.95
C ILE B 209 -34.99 -28.25 10.39
N GLU B 210 -35.51 -29.17 11.19
CA GLU B 210 -34.79 -30.36 11.64
C GLU B 210 -35.50 -31.57 11.07
N ALA B 211 -34.91 -32.20 10.06
CA ALA B 211 -35.40 -33.44 9.50
C ALA B 211 -34.59 -34.60 10.09
N THR B 212 -35.30 -35.65 10.49
CA THR B 212 -34.67 -36.83 11.05
C THR B 212 -35.28 -38.08 10.41
N THR B 213 -34.50 -39.17 10.41
CA THR B 213 -34.99 -40.45 9.92
C THR B 213 -34.13 -41.53 10.54
N ASP B 214 -34.71 -42.73 10.62
CA ASP B 214 -33.99 -43.93 11.04
C ASP B 214 -32.98 -44.34 9.97
N GLU B 215 -31.94 -45.10 10.38
CA GLU B 215 -30.92 -45.54 9.42
C GLU B 215 -31.52 -46.36 8.29
N LYS B 216 -32.74 -46.90 8.42
CA LYS B 216 -33.32 -47.60 7.28
C LYS B 216 -34.29 -46.74 6.49
N GLY B 217 -34.58 -45.52 6.92
CA GLY B 217 -35.40 -44.63 6.12
C GLY B 217 -36.89 -44.84 6.24
N LYS B 218 -37.34 -45.61 7.24
CA LYS B 218 -38.75 -45.96 7.33
C LYS B 218 -39.60 -44.80 7.84
N GLN B 219 -39.19 -44.18 8.94
CA GLN B 219 -39.90 -43.05 9.54
C GLN B 219 -39.13 -41.75 9.35
N GLY B 220 -39.80 -40.74 8.81
CA GLY B 220 -39.30 -39.37 8.80
C GLY B 220 -40.04 -38.44 9.75
N SER B 221 -39.29 -37.50 10.31
CA SER B 221 -39.83 -36.49 11.22
C SER B 221 -39.29 -35.11 10.87
N ILE B 222 -40.17 -34.19 10.47
CA ILE B 222 -39.80 -32.80 10.26
C ILE B 222 -40.17 -32.03 11.52
N SER B 223 -39.48 -30.93 11.77
CA SER B 223 -39.70 -30.17 13.00
C SER B 223 -39.30 -28.73 12.71
N ILE B 224 -40.30 -27.85 12.57
CA ILE B 224 -40.11 -26.48 12.11
C ILE B 224 -40.38 -25.54 13.26
N ASP B 225 -39.37 -24.74 13.62
CA ASP B 225 -39.50 -23.68 14.60
C ASP B 225 -39.41 -22.35 13.88
N ILE B 226 -40.42 -21.50 14.05
CA ILE B 226 -40.46 -20.20 13.38
C ILE B 226 -40.41 -19.09 14.42
N ALA B 227 -39.39 -18.23 14.32
CA ALA B 227 -39.28 -17.03 15.15
C ALA B 227 -39.66 -15.82 14.30
N PHE B 228 -40.68 -15.09 14.74
CA PHE B 228 -41.14 -13.89 14.04
C PHE B 228 -40.51 -12.63 14.64
N GLY B 229 -40.48 -11.59 13.82
CA GLY B 229 -40.07 -10.26 14.23
C GLY B 229 -41.21 -9.29 14.03
N GLY B 230 -41.15 -8.13 14.70
CA GLY B 230 -42.34 -7.39 14.99
C GLY B 230 -43.05 -8.10 16.14
N LEU B 231 -44.31 -7.75 16.34
CA LEU B 231 -45.18 -8.19 17.46
C LEU B 231 -45.19 -7.14 18.57
N LYS B 239 -53.76 -12.30 12.14
CA LYS B 239 -53.96 -12.88 10.81
C LYS B 239 -53.04 -14.08 10.58
N GLU B 240 -53.45 -15.01 9.72
CA GLU B 240 -52.87 -16.34 9.67
C GLU B 240 -51.67 -16.43 8.70
N PHE B 241 -50.85 -17.47 8.90
CA PHE B 241 -49.71 -17.74 8.03
C PHE B 241 -49.67 -19.22 7.66
N SER B 242 -49.33 -19.50 6.41
CA SER B 242 -49.37 -20.87 5.93
C SER B 242 -47.97 -21.45 5.84
N LEU B 243 -47.92 -22.78 5.77
CA LEU B 243 -46.68 -23.53 5.85
C LEU B 243 -46.87 -24.81 5.06
N ARG B 244 -46.14 -24.98 3.96
CA ARG B 244 -46.33 -26.09 3.05
C ARG B 244 -45.03 -26.87 2.90
N VAL B 245 -45.15 -28.19 2.87
CA VAL B 245 -44.03 -29.09 2.64
C VAL B 245 -44.22 -29.78 1.29
N PHE B 246 -43.14 -29.87 0.54
CA PHE B 246 -43.17 -30.42 -0.81
C PHE B 246 -42.15 -31.53 -0.93
N SER B 247 -42.52 -32.57 -1.67
CA SER B 247 -41.64 -33.70 -1.91
C SER B 247 -40.59 -33.31 -2.96
N PRO B 248 -39.46 -34.03 -3.00
CA PRO B 248 -38.46 -33.76 -4.04
C PRO B 248 -39.07 -33.67 -5.43
N GLU B 249 -40.18 -34.35 -5.70
CA GLU B 249 -40.85 -34.27 -6.99
C GLU B 249 -41.87 -33.14 -7.08
N GLY B 250 -41.89 -32.22 -6.11
CA GLY B 250 -42.80 -31.09 -6.18
C GLY B 250 -44.19 -31.32 -5.65
N LYS B 251 -44.45 -32.48 -5.03
CA LYS B 251 -45.78 -32.79 -4.53
C LYS B 251 -46.01 -32.16 -3.17
N GLU B 252 -47.08 -31.37 -3.04
CA GLU B 252 -47.46 -30.86 -1.73
C GLU B 252 -47.81 -32.03 -0.82
N VAL B 253 -46.89 -32.37 0.10
CA VAL B 253 -47.13 -33.45 1.04
C VAL B 253 -48.15 -33.07 2.09
N ASN B 254 -48.20 -31.78 2.47
CA ASN B 254 -49.14 -31.31 3.49
C ASN B 254 -49.08 -29.80 3.71
N SER B 255 -50.18 -29.21 4.21
CA SER B 255 -50.32 -27.77 4.41
C SER B 255 -50.67 -27.50 5.86
N ILE B 256 -50.33 -26.29 6.34
CA ILE B 256 -50.75 -25.81 7.66
C ILE B 256 -51.11 -24.35 7.54
N SER B 257 -52.34 -24.01 7.85
CA SER B 257 -52.74 -22.64 8.15
C SER B 257 -52.82 -22.54 9.66
N SER B 258 -52.21 -21.49 10.22
CA SER B 258 -52.04 -21.37 11.67
C SER B 258 -52.28 -19.91 12.03
N GLU B 259 -51.80 -19.48 13.20
CA GLU B 259 -51.84 -18.08 13.62
C GLU B 259 -50.64 -17.79 14.51
N LEU B 260 -50.27 -16.51 14.61
CA LEU B 260 -49.03 -16.12 15.32
C LEU B 260 -48.97 -16.59 16.76
N SER B 264 -44.02 -19.78 16.92
CA SER B 264 -44.72 -21.06 16.81
C SER B 264 -43.75 -22.18 16.45
N SER B 265 -44.05 -23.40 16.91
CA SER B 265 -43.23 -24.56 16.60
C SER B 265 -44.12 -25.70 16.12
N TYR B 266 -43.48 -26.68 15.53
CA TYR B 266 -44.26 -27.50 14.63
C TYR B 266 -43.52 -28.75 14.18
N GLN B 267 -44.19 -29.90 14.19
CA GLN B 267 -43.51 -31.17 13.91
C GLN B 267 -44.48 -32.16 13.27
N ILE B 268 -43.97 -32.90 12.27
CA ILE B 268 -44.78 -33.83 11.47
C ILE B 268 -43.99 -35.11 11.25
N SER B 269 -44.71 -36.22 11.21
CA SER B 269 -44.19 -37.53 10.83
C SER B 269 -44.26 -37.76 9.32
N LEU B 270 -43.33 -38.56 8.82
CA LEU B 270 -43.34 -39.05 7.45
C LEU B 270 -42.96 -40.51 7.43
N LYS B 271 -43.71 -41.31 6.66
CA LYS B 271 -43.34 -42.69 6.40
C LYS B 271 -42.59 -42.75 5.08
N ARG B 272 -41.54 -43.56 5.04
CA ARG B 272 -40.72 -43.77 3.85
C ARG B 272 -40.29 -42.45 3.18
N PRO B 273 -39.64 -41.55 3.91
CA PRO B 273 -39.13 -40.33 3.27
C PRO B 273 -38.06 -40.65 2.24
N GLN B 274 -38.15 -40.04 1.06
CA GLN B 274 -37.03 -40.08 0.12
C GLN B 274 -35.76 -39.60 0.80
N LEU B 275 -34.68 -40.37 0.67
CA LEU B 275 -33.45 -40.08 1.38
C LEU B 275 -32.45 -39.33 0.51
N TRP B 276 -31.84 -38.32 1.11
CA TRP B 276 -30.76 -37.55 0.52
C TRP B 276 -29.45 -38.28 0.70
N SER B 277 -28.67 -38.37 -0.38
CA SER B 277 -27.33 -38.92 -0.34
C SER B 277 -26.51 -38.19 -1.39
N PRO B 278 -25.18 -38.24 -1.31
CA PRO B 278 -24.37 -37.72 -2.43
C PRO B 278 -24.80 -38.26 -3.76
N HIS B 279 -25.09 -39.57 -3.82
CA HIS B 279 -25.50 -40.20 -5.05
C HIS B 279 -26.88 -39.73 -5.50
N SER B 280 -27.80 -39.55 -4.56
CA SER B 280 -29.15 -39.10 -4.86
C SER B 280 -29.46 -37.99 -3.87
N PRO B 281 -29.06 -36.75 -4.18
CA PRO B 281 -29.25 -35.60 -3.25
C PRO B 281 -30.68 -35.06 -3.31
N ALA B 282 -31.62 -35.84 -2.82
CA ALA B 282 -33.03 -35.50 -2.94
C ALA B 282 -33.41 -34.52 -1.84
N LEU B 283 -34.12 -33.45 -2.22
CA LEU B 283 -34.40 -32.35 -1.30
C LEU B 283 -35.89 -32.03 -1.26
N TYR B 284 -36.45 -32.05 -0.05
CA TYR B 284 -37.76 -31.48 0.20
C TYR B 284 -37.67 -29.96 0.32
N THR B 285 -38.83 -29.33 0.23
CA THR B 285 -38.94 -27.88 0.31
C THR B 285 -40.01 -27.52 1.33
N CYS B 286 -39.68 -26.55 2.19
CA CYS B 286 -40.64 -25.95 3.11
C CYS B 286 -40.91 -24.52 2.68
N VAL B 287 -42.18 -24.16 2.53
CA VAL B 287 -42.56 -22.81 2.13
C VAL B 287 -43.39 -22.19 3.25
N ALA B 288 -42.98 -21.01 3.70
CA ALA B 288 -43.68 -20.21 4.71
C ALA B 288 -44.21 -18.94 4.07
N GLU B 289 -45.45 -18.59 4.35
CA GLU B 289 -46.09 -17.41 3.78
C GLU B 289 -46.77 -16.62 4.88
N LEU B 290 -46.52 -15.32 4.91
CA LEU B 290 -47.29 -14.36 5.70
C LEU B 290 -47.99 -13.43 4.73
N ILE B 291 -49.29 -13.31 4.86
CA ILE B 291 -50.06 -12.39 4.04
C ILE B 291 -50.63 -11.32 4.96
N ASP B 292 -50.55 -10.07 4.51
CA ASP B 292 -50.94 -8.89 5.28
C ASP B 292 -51.02 -7.73 4.31
N ASN B 293 -52.09 -6.92 4.39
CA ASN B 293 -52.32 -5.83 3.44
C ASN B 293 -52.28 -6.34 1.99
N GLY B 294 -52.62 -7.61 1.79
CA GLY B 294 -52.63 -8.16 0.46
C GLY B 294 -51.27 -8.42 -0.15
N ASP B 295 -50.18 -8.06 0.52
CA ASP B 295 -48.85 -8.45 0.08
C ASP B 295 -48.38 -9.68 0.85
N THR B 296 -47.51 -10.47 0.22
CA THR B 296 -47.23 -11.84 0.64
C THR B 296 -45.74 -12.01 0.91
N LEU B 297 -45.36 -12.07 2.19
CA LEU B 297 -44.00 -12.42 2.57
C LEU B 297 -43.85 -13.94 2.48
N ARG B 298 -42.99 -14.39 1.56
CA ARG B 298 -42.73 -15.81 1.35
C ARG B 298 -41.23 -16.10 1.52
N THR B 299 -40.92 -17.26 2.11
CA THR B 299 -39.55 -17.73 2.25
C THR B 299 -39.51 -19.22 1.90
N THR B 300 -38.72 -19.57 0.89
CA THR B 300 -38.60 -20.95 0.45
C THR B 300 -37.28 -21.52 0.93
N GLN B 301 -37.30 -22.76 1.44
CA GLN B 301 -36.12 -23.36 2.00
C GLN B 301 -36.11 -24.86 1.72
N HIS B 302 -34.91 -25.43 1.63
CA HIS B 302 -34.73 -26.85 1.33
C HIS B 302 -34.15 -27.56 2.53
N PHE B 303 -34.46 -28.86 2.62
CA PHE B 303 -33.92 -29.72 3.65
C PHE B 303 -33.96 -31.15 3.13
N GLY B 304 -33.30 -32.06 3.84
CA GLY B 304 -33.26 -33.43 3.40
C GLY B 304 -33.24 -34.38 4.57
N PHE B 305 -33.69 -35.61 4.31
CA PHE B 305 -33.63 -36.71 5.27
C PHE B 305 -32.41 -37.56 5.00
N ARG B 306 -31.57 -37.75 6.02
CA ARG B 306 -30.50 -38.72 5.91
C ARG B 306 -30.05 -39.08 7.31
N HIS B 307 -29.55 -40.31 7.46
CA HIS B 307 -29.01 -40.80 8.71
C HIS B 307 -27.53 -41.08 8.50
N PHE B 308 -26.71 -40.81 9.51
CA PHE B 308 -25.27 -41.02 9.36
C PHE B 308 -24.70 -41.44 10.69
N ARG B 309 -23.62 -42.20 10.63
CA ARG B 309 -23.05 -42.81 11.82
C ARG B 309 -21.55 -42.97 11.61
N PHE B 310 -20.79 -42.60 12.62
CA PHE B 310 -19.35 -42.82 12.61
C PHE B 310 -19.09 -43.94 13.60
N GLU B 311 -18.89 -45.16 13.08
CA GLU B 311 -18.78 -46.33 13.92
C GLU B 311 -17.48 -46.30 14.72
N GLU B 312 -17.60 -46.61 16.02
CA GLU B 312 -16.43 -46.62 16.89
C GLU B 312 -15.38 -47.58 16.34
N LYS B 313 -14.16 -47.06 16.17
CA LYS B 313 -13.05 -47.81 15.60
C LYS B 313 -13.39 -48.40 14.23
N GLY B 314 -14.40 -47.83 13.58
CA GLY B 314 -14.87 -48.38 12.33
C GLY B 314 -15.08 -47.34 11.27
N PRO B 315 -15.83 -47.69 10.22
CA PRO B 315 -15.99 -46.75 9.11
C PRO B 315 -17.17 -45.86 9.39
N PHE B 316 -17.87 -45.46 8.33
CA PHE B 316 -18.90 -44.42 8.34
C PHE B 316 -20.07 -44.88 7.49
N TYR B 317 -21.27 -44.68 8.02
CA TYR B 317 -22.45 -45.23 7.38
C TYR B 317 -23.40 -44.10 7.07
N LEU B 318 -24.00 -44.16 5.89
CA LEU B 318 -24.95 -43.15 5.45
C LEU B 318 -26.24 -43.89 5.13
N ASN B 319 -27.26 -43.67 5.95
CA ASN B 319 -28.53 -44.36 5.78
C ASN B 319 -28.34 -45.87 5.90
N GLY B 320 -27.54 -46.28 6.89
CA GLY B 320 -27.35 -47.66 7.22
C GLY B 320 -26.25 -48.38 6.45
N GLU B 321 -25.96 -47.95 5.22
CA GLU B 321 -24.96 -48.60 4.38
C GLU B 321 -23.61 -47.89 4.52
N ARG B 322 -22.55 -48.67 4.73
CA ARG B 322 -21.20 -48.13 4.79
C ARG B 322 -20.88 -47.32 3.53
N LEU B 323 -20.39 -46.10 3.72
CA LEU B 323 -19.98 -45.28 2.61
C LEU B 323 -18.53 -44.87 2.78
N LEU B 324 -17.78 -44.90 1.70
CA LEU B 324 -16.40 -44.44 1.71
C LEU B 324 -16.40 -42.95 1.39
N LEU B 325 -16.03 -42.13 2.36
CA LEU B 325 -16.01 -40.69 2.13
C LEU B 325 -14.82 -40.33 1.23
N ARG B 326 -15.12 -39.85 0.02
CA ARG B 326 -14.10 -39.45 -0.95
C ARG B 326 -14.05 -37.93 -0.99
N GLY B 327 -13.15 -37.35 -0.18
CA GLY B 327 -13.23 -35.93 0.18
C GLY B 327 -12.12 -35.07 -0.40
N THR B 328 -12.43 -33.77 -0.56
CA THR B 328 -11.46 -32.76 -0.97
C THR B 328 -11.67 -31.51 -0.13
N HIS B 329 -10.91 -30.46 -0.43
CA HIS B 329 -11.07 -29.17 0.21
C HIS B 329 -11.22 -28.11 -0.87
N ARG B 330 -11.73 -26.94 -0.45
CA ARG B 330 -11.68 -25.73 -1.26
C ARG B 330 -11.49 -24.54 -0.34
N HIS B 331 -10.89 -23.50 -0.88
CA HIS B 331 -10.73 -22.21 -0.20
C HIS B 331 -11.59 -21.18 -0.91
N GLU B 332 -11.95 -20.12 -0.20
CA GLU B 332 -12.62 -19.01 -0.86
CA GLU B 332 -12.61 -18.98 -0.81
C GLU B 332 -11.51 -18.14 -1.42
N ASP B 333 -11.14 -18.47 -2.66
CA ASP B 333 -9.95 -17.97 -3.36
C ASP B 333 -10.09 -18.36 -4.81
N HIS B 334 -9.65 -17.49 -5.70
CA HIS B 334 -9.65 -17.77 -7.13
C HIS B 334 -8.78 -16.71 -7.82
N ALA B 335 -8.18 -17.13 -8.92
CA ALA B 335 -7.34 -16.26 -9.74
C ALA B 335 -8.04 -14.96 -10.07
N GLY B 336 -7.31 -13.86 -9.88
CA GLY B 336 -7.78 -12.55 -10.26
C GLY B 336 -8.74 -11.88 -9.31
N VAL B 337 -9.36 -12.61 -8.38
CA VAL B 337 -10.39 -12.05 -7.53
C VAL B 337 -10.11 -12.19 -6.04
N GLY B 338 -9.08 -12.93 -5.64
CA GLY B 338 -8.91 -13.16 -4.21
C GLY B 338 -10.13 -13.91 -3.68
N ALA B 339 -10.79 -13.36 -2.65
CA ALA B 339 -11.98 -13.99 -2.09
C ALA B 339 -13.25 -13.62 -2.82
N ALA B 340 -13.18 -12.74 -3.82
CA ALA B 340 -14.37 -12.12 -4.41
C ALA B 340 -14.84 -12.93 -5.60
N LEU B 341 -15.35 -14.12 -5.31
CA LEU B 341 -15.89 -15.01 -6.33
C LEU B 341 -17.37 -14.70 -6.54
N THR B 342 -17.82 -14.91 -7.77
CA THR B 342 -19.22 -14.75 -8.09
C THR B 342 -19.96 -16.08 -7.94
N GLU B 343 -21.29 -16.01 -8.00
CA GLU B 343 -22.07 -17.24 -7.96
C GLU B 343 -21.72 -18.15 -9.13
N GLU B 344 -21.66 -17.56 -10.33
CA GLU B 344 -21.35 -18.29 -11.55
C GLU B 344 -19.99 -18.98 -11.45
N MET B 345 -19.00 -18.34 -10.83
CA MET B 345 -17.74 -19.04 -10.58
C MET B 345 -17.91 -20.19 -9.59
N MET B 346 -18.68 -19.97 -8.53
CA MET B 346 -18.88 -21.04 -7.55
C MET B 346 -19.58 -22.24 -8.19
N ARG B 347 -20.54 -22.00 -9.09
CA ARG B 347 -21.23 -23.11 -9.74
C ARG B 347 -20.26 -23.97 -10.54
N THR B 348 -19.45 -23.32 -11.38
CA THR B 348 -18.45 -23.99 -12.19
C THR B 348 -17.53 -24.84 -11.34
N GLU B 349 -16.99 -24.26 -10.28
CA GLU B 349 -16.02 -24.97 -9.45
C GLU B 349 -16.66 -26.18 -8.77
N MET B 350 -17.82 -25.98 -8.14
CA MET B 350 -18.46 -27.08 -7.45
C MET B 350 -18.87 -28.16 -8.44
N GLN B 351 -19.36 -27.76 -9.62
CA GLN B 351 -19.64 -28.71 -10.68
C GLN B 351 -18.38 -29.46 -11.09
N GLN B 352 -17.26 -28.78 -11.15
CA GLN B 352 -16.01 -29.45 -11.49
C GLN B 352 -15.63 -30.44 -10.40
N ILE B 353 -15.93 -30.11 -9.14
CA ILE B 353 -15.59 -31.02 -8.04
C ILE B 353 -16.51 -32.24 -8.07
N LYS B 354 -17.75 -32.04 -8.47
CA LYS B 354 -18.70 -33.15 -8.56
C LYS B 354 -18.30 -34.10 -9.68
N GLU B 355 -17.85 -33.57 -10.83
CA GLU B 355 -17.45 -34.39 -11.96
C GLU B 355 -16.16 -35.14 -11.69
N MET B 356 -15.42 -34.73 -10.67
CA MET B 356 -14.25 -35.50 -10.28
C MET B 356 -14.62 -36.79 -9.57
N GLY B 357 -15.83 -36.86 -9.02
CA GLY B 357 -16.23 -38.01 -8.27
C GLY B 357 -16.14 -37.86 -6.78
N ALA B 358 -15.88 -36.66 -6.26
CA ALA B 358 -15.91 -36.46 -4.82
C ALA B 358 -17.32 -36.64 -4.28
N ASN B 359 -17.42 -37.06 -3.03
CA ASN B 359 -18.71 -37.10 -2.37
C ASN B 359 -18.69 -36.38 -1.01
N PHE B 360 -17.67 -35.56 -0.77
CA PHE B 360 -17.31 -35.07 0.55
C PHE B 360 -16.37 -33.88 0.38
N ILE B 361 -16.52 -32.86 1.22
CA ILE B 361 -15.65 -31.68 1.13
C ILE B 361 -15.62 -30.94 2.47
N ARG B 362 -14.42 -30.53 2.87
CA ARG B 362 -14.21 -29.67 4.01
C ARG B 362 -13.96 -28.25 3.49
N LEU B 363 -14.78 -27.30 3.93
CA LEU B 363 -14.82 -25.96 3.35
C LEU B 363 -13.73 -25.06 3.93
N GLY B 364 -12.48 -25.47 3.70
CA GLY B 364 -11.36 -24.75 4.28
C GLY B 364 -11.47 -24.69 5.78
N HIS B 365 -11.09 -23.54 6.34
CA HIS B 365 -11.00 -23.35 7.79
C HIS B 365 -11.97 -22.30 8.32
N TYR B 366 -13.14 -22.16 7.68
CA TYR B 366 -14.07 -21.11 8.05
C TYR B 366 -15.40 -21.40 7.36
N GLN B 367 -16.47 -20.78 7.87
CA GLN B 367 -17.75 -20.86 7.19
C GLN B 367 -17.62 -20.24 5.80
N GLN B 368 -18.33 -20.81 4.81
CA GLN B 368 -18.21 -20.35 3.44
C GLN B 368 -19.56 -19.92 2.90
N SER B 369 -19.54 -19.37 1.69
CA SER B 369 -20.73 -18.77 1.09
C SER B 369 -21.92 -19.73 1.15
N GLY B 370 -23.09 -19.20 1.51
CA GLY B 370 -24.31 -19.98 1.40
C GLY B 370 -24.51 -20.56 0.02
N ILE B 371 -23.91 -19.94 -1.00
CA ILE B 371 -24.00 -20.49 -2.35
C ILE B 371 -23.33 -21.86 -2.42
N ILE B 372 -22.20 -22.00 -1.72
CA ILE B 372 -21.49 -23.29 -1.71
C ILE B 372 -22.35 -24.35 -1.02
N LEU B 373 -22.90 -24.02 0.16
CA LEU B 373 -23.73 -24.97 0.89
C LEU B 373 -24.92 -25.44 0.06
N ARG B 374 -25.61 -24.50 -0.59
CA ARG B 374 -26.72 -24.87 -1.45
C ARG B 374 -26.28 -25.72 -2.63
N LEU B 375 -25.06 -25.48 -3.14
CA LEU B 375 -24.53 -26.34 -4.20
C LEU B 375 -24.23 -27.73 -3.67
N CYS B 376 -23.74 -27.83 -2.44
CA CYS B 376 -23.49 -29.14 -1.86
C CYS B 376 -24.80 -29.91 -1.61
N ASP B 377 -25.87 -29.20 -1.22
CA ASP B 377 -27.17 -29.85 -1.12
C ASP B 377 -27.67 -30.29 -2.50
N GLU B 378 -27.45 -29.47 -3.52
CA GLU B 378 -28.07 -29.72 -4.82
C GLU B 378 -27.33 -30.78 -5.61
N LEU B 379 -26.00 -30.79 -5.52
CA LEU B 379 -25.16 -31.66 -6.32
C LEU B 379 -24.87 -32.98 -5.62
N GLY B 380 -24.78 -32.95 -4.30
CA GLY B 380 -24.50 -34.17 -3.59
C GLY B 380 -23.08 -34.26 -3.10
N LEU B 381 -22.72 -33.43 -2.13
CA LEU B 381 -21.45 -33.54 -1.43
C LEU B 381 -21.72 -33.40 0.06
N LEU B 382 -21.20 -34.33 0.84
CA LEU B 382 -21.24 -34.17 2.28
C LEU B 382 -20.26 -33.08 2.69
N VAL B 383 -20.50 -32.47 3.86
CA VAL B 383 -19.80 -31.25 4.24
C VAL B 383 -19.27 -31.33 5.67
N TRP B 384 -17.99 -30.98 5.84
CA TRP B 384 -17.38 -30.61 7.11
C TRP B 384 -17.09 -29.11 7.07
N GLU B 385 -17.75 -28.34 7.94
CA GLU B 385 -17.55 -26.89 8.00
C GLU B 385 -17.13 -26.50 9.40
N GLU B 386 -16.05 -25.72 9.50
CA GLU B 386 -15.43 -25.41 10.79
C GLU B 386 -15.30 -23.91 10.99
N ILE B 387 -15.11 -23.52 12.25
CA ILE B 387 -14.85 -22.12 12.64
C ILE B 387 -13.37 -21.82 12.48
N PRO B 388 -12.98 -20.56 12.32
CA PRO B 388 -11.58 -20.28 12.03
C PRO B 388 -10.68 -20.19 13.26
N TRP B 389 -10.90 -21.02 14.28
CA TRP B 389 -9.87 -21.17 15.30
C TRP B 389 -8.74 -22.03 14.73
N CYS B 390 -7.80 -21.38 14.06
CA CYS B 390 -6.85 -22.06 13.18
C CYS B 390 -5.45 -21.56 13.53
N ARG B 391 -4.71 -22.37 14.29
CA ARG B 391 -3.33 -22.08 14.71
C ARG B 391 -3.20 -20.91 15.69
N GLY B 392 -2.06 -20.83 16.37
CA GLY B 392 -1.64 -19.65 17.09
C GLY B 392 -1.77 -19.74 18.61
N GLY B 393 -2.61 -20.63 19.12
CA GLY B 393 -2.83 -20.69 20.56
C GLY B 393 -4.24 -20.28 20.95
N LEU B 394 -4.35 -19.36 21.92
CA LEU B 394 -5.64 -18.97 22.48
C LEU B 394 -5.53 -17.57 23.05
N GLY B 395 -6.46 -16.69 22.69
CA GLY B 395 -6.41 -15.30 23.10
C GLY B 395 -7.29 -15.01 24.30
N GLY B 396 -7.51 -13.71 24.54
CA GLY B 396 -8.31 -13.25 25.65
C GLY B 396 -9.80 -13.41 25.43
N GLU B 397 -10.57 -12.54 26.09
CA GLU B 397 -12.01 -12.76 26.20
C GLU B 397 -12.75 -12.44 24.90
N SER B 398 -12.39 -11.37 24.21
CA SER B 398 -13.11 -11.10 22.97
C SER B 398 -12.73 -12.12 21.89
N TYR B 399 -11.48 -12.57 21.91
CA TYR B 399 -11.06 -13.74 21.14
C TYR B 399 -12.02 -14.91 21.36
N LYS B 400 -12.16 -15.35 22.62
CA LYS B 400 -13.05 -16.48 22.90
C LYS B 400 -14.49 -16.16 22.48
N ASN B 401 -14.90 -14.90 22.63
CA ASN B 401 -16.28 -14.56 22.29
C ASN B 401 -16.50 -14.60 20.78
N GLN B 402 -15.47 -14.29 20.00
CA GLN B 402 -15.58 -14.44 18.56
C GLN B 402 -15.75 -15.90 18.18
N ALA B 403 -14.94 -16.78 18.77
CA ALA B 403 -15.10 -18.21 18.54
C ALA B 403 -16.50 -18.64 18.90
N ARG B 404 -16.94 -18.31 20.13
CA ARG B 404 -18.30 -18.71 20.54
C ARG B 404 -19.33 -18.16 19.58
N ARG B 405 -19.17 -16.89 19.16
CA ARG B 405 -20.15 -16.27 18.30
C ARG B 405 -20.17 -16.92 16.92
N MET B 406 -18.99 -17.20 16.36
CA MET B 406 -18.93 -17.73 15.00
C MET B 406 -19.43 -19.17 14.93
N LEU B 407 -19.08 -19.98 15.92
CA LEU B 407 -19.65 -21.33 16.01
C LEU B 407 -21.16 -21.27 16.04
N THR B 408 -21.71 -20.38 16.88
CA THR B 408 -23.15 -20.19 16.98
C THR B 408 -23.73 -19.78 15.64
N ASN B 409 -23.16 -18.72 15.04
CA ASN B 409 -23.67 -18.24 13.76
C ASN B 409 -23.59 -19.33 12.68
N MET B 410 -22.47 -20.05 12.63
CA MET B 410 -22.30 -21.08 11.60
C MET B 410 -23.36 -22.18 11.74
N ILE B 411 -23.52 -22.69 12.97
CA ILE B 411 -24.51 -23.75 13.19
C ILE B 411 -25.90 -23.23 12.85
N GLU B 412 -26.26 -22.06 13.37
CA GLU B 412 -27.62 -21.58 13.18
C GLU B 412 -27.88 -21.21 11.72
N GLN B 413 -26.87 -20.68 11.03
CA GLN B 413 -27.10 -20.24 9.66
C GLN B 413 -27.10 -21.41 8.70
N HIS B 414 -26.37 -22.48 9.01
CA HIS B 414 -26.24 -23.58 8.07
C HIS B 414 -26.96 -24.87 8.45
N ARG B 415 -27.56 -24.97 9.64
CA ARG B 415 -28.04 -26.26 10.13
C ARG B 415 -29.10 -26.89 9.23
N ASN B 416 -29.85 -26.09 8.47
CA ASN B 416 -30.84 -26.63 7.57
C ASN B 416 -30.26 -27.49 6.45
N HIS B 417 -28.96 -27.37 6.16
CA HIS B 417 -28.37 -28.04 4.99
C HIS B 417 -28.18 -29.53 5.24
N PRO B 418 -28.83 -30.41 4.47
CA PRO B 418 -28.56 -31.86 4.63
C PRO B 418 -27.10 -32.21 4.43
N SER B 419 -26.40 -31.46 3.58
CA SER B 419 -25.02 -31.80 3.24
C SER B 419 -24.11 -31.78 4.46
N VAL B 420 -24.40 -30.93 5.44
CA VAL B 420 -23.48 -30.76 6.57
C VAL B 420 -23.65 -31.91 7.53
N ILE B 421 -22.53 -32.54 7.92
CA ILE B 421 -22.57 -33.56 8.95
C ILE B 421 -21.55 -33.34 10.05
N LEU B 422 -20.53 -32.52 9.84
CA LEU B 422 -19.56 -32.21 10.88
C LEU B 422 -19.50 -30.71 11.09
N TRP B 423 -19.46 -30.30 12.36
CA TRP B 423 -19.10 -28.95 12.76
C TRP B 423 -17.70 -29.02 13.32
N GLY B 424 -16.72 -28.44 12.61
CA GLY B 424 -15.38 -28.42 13.12
C GLY B 424 -15.19 -27.29 14.13
N LEU B 425 -14.34 -27.55 15.12
CA LEU B 425 -14.12 -26.58 16.18
C LEU B 425 -12.77 -25.89 16.08
N GLY B 426 -11.85 -26.41 15.28
CA GLY B 426 -10.54 -25.79 15.17
C GLY B 426 -9.62 -26.66 14.34
N ASN B 427 -8.52 -26.04 13.93
CA ASN B 427 -7.54 -26.69 13.06
C ASN B 427 -6.16 -26.34 13.56
N GLU B 428 -5.34 -27.39 13.78
CA GLU B 428 -3.94 -27.25 14.21
C GLU B 428 -3.82 -26.33 15.41
N ASN B 429 -4.72 -26.51 16.37
CA ASN B 429 -4.63 -25.74 17.59
C ASN B 429 -3.43 -26.10 18.44
N ASP B 430 -2.69 -27.14 18.10
CA ASP B 430 -1.41 -27.40 18.75
C ASP B 430 -0.29 -26.51 18.24
N TRP B 431 -0.58 -25.57 17.33
CA TRP B 431 0.49 -24.77 16.72
C TRP B 431 0.66 -23.45 17.46
N PRO B 432 1.69 -23.32 18.28
CA PRO B 432 1.87 -22.10 19.08
C PRO B 432 2.54 -20.99 18.27
N GLY B 433 2.46 -19.77 18.82
CA GLY B 433 3.25 -18.66 18.35
C GLY B 433 2.64 -17.27 18.44
N ASP B 434 1.31 -17.15 18.52
CA ASP B 434 0.70 -15.82 18.52
C ASP B 434 0.75 -15.14 19.88
N PHE B 435 1.11 -15.87 20.95
CA PHE B 435 1.23 -15.25 22.26
C PHE B 435 2.50 -15.74 22.93
N GLN B 436 2.84 -15.06 24.02
CA GLN B 436 4.02 -15.46 24.79
C GLN B 436 3.80 -16.78 25.49
N THR B 437 2.55 -17.15 25.71
CA THR B 437 2.22 -18.36 26.41
C THR B 437 1.44 -19.27 25.48
N PHE B 438 1.50 -20.57 25.79
CA PHE B 438 0.74 -21.58 25.10
C PHE B 438 0.37 -22.59 26.17
N GLU B 439 -0.93 -22.72 26.46
CA GLU B 439 -1.41 -23.45 27.62
C GLU B 439 -2.36 -24.56 27.18
N LYS B 440 -1.86 -25.80 27.14
CA LYS B 440 -2.70 -26.91 26.70
C LYS B 440 -3.95 -27.05 27.57
N ASP B 441 -3.82 -26.75 28.86
CA ASP B 441 -4.96 -26.83 29.77
C ASP B 441 -6.04 -25.82 29.39
N SER B 442 -5.65 -24.56 29.15
CA SER B 442 -6.62 -23.53 28.79
C SER B 442 -7.26 -23.84 27.44
N ILE B 443 -6.45 -24.27 26.48
CA ILE B 443 -6.97 -24.67 25.17
C ILE B 443 -7.92 -25.85 25.31
N ARG B 444 -7.52 -26.85 26.09
CA ARG B 444 -8.37 -28.01 26.32
C ARG B 444 -9.71 -27.59 26.93
N ALA B 445 -9.68 -26.73 27.95
CA ALA B 445 -10.91 -26.26 28.56
C ALA B 445 -11.80 -25.54 27.55
N PHE B 446 -11.23 -24.59 26.81
CA PHE B 446 -12.05 -23.85 25.85
C PHE B 446 -12.59 -24.76 24.77
N MET B 447 -11.76 -25.69 24.29
CA MET B 447 -12.22 -26.67 23.31
C MET B 447 -13.38 -27.50 23.84
N GLY B 448 -13.34 -27.88 25.12
CA GLY B 448 -14.49 -28.56 25.70
C GLY B 448 -15.74 -27.70 25.71
N GLU B 449 -15.58 -26.43 26.06
CA GLU B 449 -16.70 -25.48 26.05
C GLU B 449 -17.34 -25.40 24.68
N LEU B 450 -16.52 -25.27 23.63
CA LEU B 450 -17.05 -25.23 22.26
C LEU B 450 -17.73 -26.54 21.88
N HIS B 451 -17.14 -27.68 22.24
CA HIS B 451 -17.80 -28.95 21.94
C HIS B 451 -19.17 -29.01 22.60
N ASP B 452 -19.26 -28.58 23.87
CA ASP B 452 -20.55 -28.60 24.54
C ASP B 452 -21.52 -27.62 23.89
N LEU B 453 -21.03 -26.45 23.45
CA LEU B 453 -21.93 -25.48 22.83
C LEU B 453 -22.46 -26.00 21.51
N ALA B 454 -21.61 -26.63 20.70
CA ALA B 454 -22.10 -27.20 19.45
C ALA B 454 -23.16 -28.28 19.68
N HIS B 455 -22.97 -29.13 20.70
CA HIS B 455 -23.95 -30.18 20.95
C HIS B 455 -25.22 -29.62 21.57
N ARG B 456 -25.10 -28.60 22.44
CA ARG B 456 -26.30 -27.93 22.93
C ARG B 456 -27.08 -27.29 21.79
N LEU B 457 -26.38 -26.72 20.81
CA LEU B 457 -27.05 -25.97 19.75
C LEU B 457 -27.56 -26.88 18.65
N ASP B 458 -26.80 -27.91 18.30
CA ASP B 458 -27.24 -28.86 17.28
C ASP B 458 -26.85 -30.26 17.71
N PRO B 459 -27.71 -30.92 18.49
CA PRO B 459 -27.50 -32.36 18.76
C PRO B 459 -27.36 -33.21 17.50
N THR B 460 -28.00 -32.80 16.38
CA THR B 460 -28.08 -33.59 15.14
C THR B 460 -26.73 -34.00 14.57
N ARG B 461 -25.66 -33.29 14.87
CA ARG B 461 -24.42 -33.53 14.16
C ARG B 461 -23.30 -33.75 15.15
N SER B 462 -22.17 -34.22 14.62
CA SER B 462 -20.98 -34.49 15.42
C SER B 462 -19.96 -33.37 15.24
N THR B 463 -19.05 -33.29 16.19
CA THR B 463 -18.00 -32.31 16.15
C THR B 463 -16.69 -32.94 15.72
N ALA B 464 -15.79 -32.10 15.25
CA ALA B 464 -14.49 -32.54 14.75
C ALA B 464 -13.47 -31.44 14.99
N ILE B 465 -12.22 -31.86 15.20
CA ILE B 465 -11.06 -31.00 15.05
C ILE B 465 -10.00 -31.79 14.30
N ARG B 466 -8.98 -31.08 13.82
CA ARG B 466 -7.86 -31.66 13.12
C ARG B 466 -6.57 -31.25 13.80
N ARG B 467 -5.68 -32.21 14.01
CA ARG B 467 -4.30 -32.02 14.47
C ARG B 467 -4.22 -31.17 15.75
N CYS B 468 -4.64 -31.82 16.83
CA CYS B 468 -4.37 -31.34 18.20
C CYS B 468 -4.49 -32.58 19.07
N GLU B 469 -3.35 -33.24 19.32
CA GLU B 469 -3.39 -34.54 19.95
C GLU B 469 -3.95 -34.45 21.35
N PHE B 470 -3.73 -33.34 22.04
CA PHE B 470 -4.15 -33.24 23.43
C PHE B 470 -5.60 -32.78 23.59
N CYS B 471 -6.37 -32.72 22.50
CA CYS B 471 -7.81 -32.49 22.57
C CYS B 471 -8.57 -33.58 21.82
N LYS B 472 -7.87 -34.62 21.36
CA LYS B 472 -8.47 -35.58 20.43
C LYS B 472 -9.68 -36.27 21.04
N ASP B 473 -9.71 -36.43 22.37
CA ASP B 473 -10.83 -37.09 23.02
C ASP B 473 -12.05 -36.21 23.14
N ILE B 474 -11.89 -34.89 23.10
CA ILE B 474 -13.00 -34.00 23.44
C ILE B 474 -14.13 -34.13 22.43
N VAL B 475 -13.77 -34.34 21.17
CA VAL B 475 -14.73 -34.24 20.08
C VAL B 475 -15.22 -35.61 19.65
N ASP B 476 -16.15 -35.61 18.72
CA ASP B 476 -16.69 -36.86 18.22
C ASP B 476 -15.79 -37.50 17.17
N VAL B 477 -15.25 -36.72 16.24
CA VAL B 477 -14.54 -37.26 15.09
C VAL B 477 -13.20 -36.55 15.01
N TYR B 478 -12.10 -37.29 15.09
CA TYR B 478 -10.77 -36.72 15.12
C TYR B 478 -10.00 -37.02 13.85
N SER B 479 -9.22 -36.04 13.41
CA SER B 479 -8.25 -36.21 12.32
C SER B 479 -6.86 -35.84 12.81
N PRO B 480 -5.88 -36.70 12.70
CA PRO B 480 -4.49 -36.31 12.97
C PRO B 480 -3.85 -35.78 11.71
N THR B 481 -2.54 -35.52 11.73
CA THR B 481 -1.83 -35.13 10.53
C THR B 481 -1.11 -36.33 9.92
N ILE B 482 -1.49 -36.70 8.70
CA ILE B 482 -0.88 -37.84 8.01
C ILE B 482 -0.65 -37.48 6.54
N TRP B 483 0.61 -37.30 6.16
CA TRP B 483 0.99 -36.82 4.82
C TRP B 483 1.96 -37.80 4.19
N ALA B 484 1.44 -38.97 3.80
CA ALA B 484 2.27 -40.08 3.35
C ALA B 484 3.04 -39.74 2.09
N GLY B 485 4.36 -39.74 2.18
CA GLY B 485 5.17 -39.40 1.03
C GLY B 485 5.32 -37.91 0.75
N TRP B 486 4.65 -37.04 1.50
CA TRP B 486 4.81 -35.60 1.29
C TRP B 486 5.59 -34.99 2.43
N TYR B 487 5.03 -34.93 3.64
CA TYR B 487 5.80 -34.49 4.80
C TYR B 487 6.40 -35.63 5.60
N GLY B 488 5.89 -36.83 5.43
CA GLY B 488 6.41 -37.97 6.18
C GLY B 488 6.47 -39.26 5.40
N ARG B 489 7.63 -39.92 5.44
CA ARG B 489 7.77 -41.28 4.95
C ARG B 489 7.58 -41.34 3.44
N ARG B 490 7.28 -42.52 2.92
CA ARG B 490 7.01 -42.73 1.51
C ARG B 490 5.51 -42.88 1.32
N PHE B 491 5.02 -42.60 0.11
CA PHE B 491 3.58 -42.76 -0.06
C PHE B 491 3.18 -44.23 0.03
N ARG B 492 4.12 -45.15 -0.15
CA ARG B 492 3.82 -46.56 0.03
C ARG B 492 3.58 -46.92 1.50
N ASN B 493 3.97 -46.05 2.44
CA ASN B 493 3.65 -46.29 3.84
C ASN B 493 2.26 -45.82 4.25
N TYR B 494 1.42 -45.36 3.31
CA TYR B 494 0.14 -44.78 3.66
C TYR B 494 -0.68 -45.76 4.51
N ARG B 495 -0.92 -46.98 3.98
CA ARG B 495 -1.80 -47.93 4.66
C ARG B 495 -1.35 -48.16 6.10
N GLU B 496 -0.06 -48.40 6.32
CA GLU B 496 0.44 -48.54 7.68
C GLU B 496 0.09 -47.32 8.51
N MET B 497 0.47 -46.12 8.05
CA MET B 497 0.21 -44.91 8.83
C MET B 497 -1.28 -44.67 9.04
N GLU B 498 -2.10 -45.00 8.04
CA GLU B 498 -3.54 -44.80 8.16
C GLU B 498 -4.11 -45.64 9.30
N THR B 499 -3.80 -46.95 9.29
CA THR B 499 -4.25 -47.83 10.36
C THR B 499 -3.66 -47.43 11.70
N ALA B 500 -2.41 -46.97 11.72
CA ALA B 500 -1.88 -46.40 12.96
C ALA B 500 -2.78 -45.29 13.47
N GLY B 501 -3.35 -44.50 12.55
CA GLY B 501 -4.24 -43.43 12.97
C GLY B 501 -5.60 -43.94 13.40
N ILE B 502 -6.18 -44.88 12.64
CA ILE B 502 -7.48 -45.45 13.00
C ILE B 502 -7.45 -46.03 14.41
N ASN B 503 -6.30 -46.54 14.83
CA ASN B 503 -6.15 -47.14 16.16
C ASN B 503 -5.77 -46.14 17.24
N ALA B 504 -5.35 -44.93 16.87
CA ALA B 504 -4.98 -43.92 17.85
C ALA B 504 -6.16 -43.05 18.29
N THR B 505 -7.37 -43.34 17.82
CA THR B 505 -8.50 -42.50 18.18
C THR B 505 -9.78 -43.27 18.07
N THR B 506 -10.78 -42.79 18.82
CA THR B 506 -12.09 -43.43 18.87
C THR B 506 -12.75 -43.48 17.51
N ARG B 507 -13.03 -42.31 16.96
CA ARG B 507 -13.59 -42.17 15.63
C ARG B 507 -12.62 -41.37 14.79
N PHE B 508 -12.23 -41.93 13.64
CA PHE B 508 -11.13 -41.45 12.82
C PHE B 508 -11.65 -40.94 11.49
N LEU B 509 -11.22 -39.74 11.09
CA LEU B 509 -11.33 -39.30 9.70
C LEU B 509 -9.99 -38.72 9.31
N HIS B 510 -9.59 -38.90 8.05
CA HIS B 510 -8.27 -38.42 7.58
C HIS B 510 -8.47 -37.15 6.76
N ALA B 511 -8.37 -36.00 7.42
CA ALA B 511 -8.45 -34.72 6.74
C ALA B 511 -7.04 -34.27 6.36
N GLU B 512 -6.82 -34.06 5.06
CA GLU B 512 -5.61 -33.46 4.48
C GLU B 512 -4.55 -34.52 4.16
N TRP B 513 -4.33 -34.76 2.87
CA TRP B 513 -3.18 -35.52 2.38
C TRP B 513 -2.98 -35.14 0.92
N GLY B 514 -1.82 -35.51 0.37
CA GLY B 514 -1.52 -35.17 -1.01
C GLY B 514 -0.16 -34.54 -1.16
N GLY B 515 -0.05 -33.43 -1.89
CA GLY B 515 1.21 -32.72 -2.01
C GLY B 515 1.21 -31.79 -3.21
N ASP B 516 2.23 -30.93 -3.25
CA ASP B 516 2.31 -29.89 -4.26
C ASP B 516 2.70 -30.46 -5.61
N SER B 517 2.13 -29.92 -6.67
CA SER B 517 2.69 -30.11 -7.99
C SER B 517 2.67 -28.79 -8.75
N HIS B 518 3.84 -28.40 -9.26
CA HIS B 518 4.01 -27.30 -10.21
C HIS B 518 3.43 -27.71 -11.55
N ALA B 519 2.26 -27.16 -11.88
CA ALA B 519 1.55 -27.58 -13.09
C ALA B 519 2.45 -27.47 -14.32
N GLY B 520 2.50 -28.53 -15.10
CA GLY B 520 3.31 -28.55 -16.29
C GLY B 520 4.72 -29.07 -16.12
N ARG B 521 5.18 -29.27 -14.89
CA ARG B 521 6.46 -29.91 -14.63
C ARG B 521 6.27 -31.42 -14.56
N HIS B 522 7.15 -32.15 -15.23
CA HIS B 522 7.06 -33.60 -15.26
C HIS B 522 8.46 -34.19 -15.10
N MET B 523 8.51 -35.51 -14.94
CA MET B 523 9.79 -36.17 -14.72
C MET B 523 9.70 -37.59 -15.25
N GLU B 524 10.74 -37.96 -15.99
CA GLU B 524 10.84 -39.29 -16.59
C GLU B 524 11.15 -40.33 -15.52
N VAL B 525 10.45 -41.47 -15.56
CA VAL B 525 10.72 -42.52 -14.57
C VAL B 525 12.11 -43.09 -14.80
N ASN B 526 12.83 -43.32 -13.71
CA ASN B 526 14.21 -43.80 -13.76
C ASN B 526 14.31 -44.97 -12.79
N LYS B 527 14.18 -46.20 -13.32
CA LYS B 527 14.14 -47.39 -12.49
C LYS B 527 15.47 -47.72 -11.82
N GLU B 528 16.25 -46.70 -11.47
CA GLU B 528 17.47 -46.87 -10.67
C GLU B 528 17.60 -45.81 -9.57
N LYS B 532 18.35 -48.04 -4.17
CA LYS B 532 18.13 -47.11 -3.06
C LYS B 532 16.68 -46.63 -3.01
N GLY B 533 15.76 -47.51 -3.39
CA GLY B 533 14.36 -47.16 -3.60
C GLY B 533 13.93 -47.79 -4.92
N ILE B 534 12.63 -48.08 -5.02
CA ILE B 534 12.12 -48.80 -6.18
C ILE B 534 12.39 -48.03 -7.48
N ASP B 535 12.28 -46.70 -7.44
CA ASP B 535 12.69 -45.86 -8.56
C ASP B 535 12.83 -44.44 -8.02
N ASN B 536 12.96 -43.46 -8.94
CA ASN B 536 13.22 -42.10 -8.51
C ASN B 536 12.00 -41.43 -7.89
N PHE B 537 10.82 -42.03 -8.03
CA PHE B 537 9.62 -41.54 -7.38
C PHE B 537 9.36 -42.18 -6.02
N ASP B 538 10.15 -43.18 -5.64
CA ASP B 538 9.91 -43.90 -4.39
C ASP B 538 10.83 -43.31 -3.32
N ILE B 539 10.42 -42.15 -2.81
CA ILE B 539 11.25 -41.39 -1.88
C ILE B 539 10.46 -41.06 -0.63
N GLU B 540 11.20 -40.67 0.41
CA GLU B 540 10.62 -40.18 1.65
C GLU B 540 10.46 -38.67 1.58
N ALA B 541 9.30 -38.18 2.07
CA ALA B 541 9.03 -36.76 2.33
C ALA B 541 9.41 -35.90 1.12
N ALA B 542 8.56 -35.97 0.10
CA ALA B 542 8.83 -35.26 -1.13
C ALA B 542 8.72 -33.75 -0.97
N ASP B 543 8.20 -33.28 0.17
CA ASP B 543 8.19 -31.86 0.45
C ASP B 543 9.58 -31.26 0.24
N ARG B 544 10.60 -31.82 0.88
CA ARG B 544 11.95 -31.28 0.77
C ARG B 544 12.89 -32.15 -0.07
N ASN B 545 12.42 -33.30 -0.55
CA ASN B 545 13.26 -34.15 -1.39
C ASN B 545 12.72 -34.31 -2.80
N GLY B 546 11.49 -33.91 -3.06
CA GLY B 546 10.91 -34.11 -4.38
C GLY B 546 11.18 -32.95 -5.32
N ASP B 547 10.82 -33.13 -6.58
CA ASP B 547 10.94 -32.08 -7.57
C ASP B 547 9.62 -31.37 -7.83
N TRP B 548 8.60 -31.64 -7.00
CA TRP B 548 7.30 -30.97 -7.10
C TRP B 548 6.68 -31.13 -8.49
N SER B 549 7.03 -32.21 -9.18
CA SER B 549 6.45 -32.47 -10.50
C SER B 549 5.07 -33.12 -10.36
N GLU B 550 4.26 -32.96 -11.42
CA GLU B 550 3.03 -33.74 -11.50
C GLU B 550 3.34 -35.24 -11.53
N SER B 551 4.46 -35.60 -12.15
CA SER B 551 4.83 -37.01 -12.30
C SER B 551 4.84 -37.73 -10.97
N TYR B 552 5.38 -37.09 -9.94
CA TYR B 552 5.42 -37.71 -8.62
C TYR B 552 4.04 -37.75 -7.98
N ILE B 553 3.34 -36.61 -7.95
CA ILE B 553 2.10 -36.56 -7.21
C ILE B 553 1.05 -37.46 -7.85
N ILE B 554 1.11 -37.64 -9.16
CA ILE B 554 0.19 -38.55 -9.83
C ILE B 554 0.36 -39.97 -9.28
N ARG B 555 1.60 -40.38 -9.06
CA ARG B 555 1.82 -41.68 -8.45
C ARG B 555 1.29 -41.71 -7.03
N LEU B 556 1.54 -40.65 -6.26
CA LEU B 556 1.15 -40.60 -4.85
C LEU B 556 -0.37 -40.65 -4.70
N PHE B 557 -1.09 -39.83 -5.47
CA PHE B 557 -2.55 -39.93 -5.47
C PHE B 557 -2.99 -41.34 -5.83
N ASP B 558 -2.46 -41.86 -6.94
CA ASP B 558 -2.77 -43.21 -7.43
C ASP B 558 -2.62 -44.26 -6.34
N TRP B 559 -1.48 -44.23 -5.63
CA TRP B 559 -1.24 -45.22 -4.58
C TRP B 559 -2.33 -45.18 -3.52
N HIS B 560 -2.56 -43.99 -2.96
CA HIS B 560 -3.57 -43.80 -1.92
C HIS B 560 -4.91 -44.36 -2.34
N LEU B 561 -5.35 -44.02 -3.56
CA LEU B 561 -6.69 -44.42 -3.99
C LEU B 561 -6.76 -45.93 -4.19
N LYS B 562 -5.67 -46.56 -4.63
CA LYS B 562 -5.61 -48.02 -4.70
C LYS B 562 -5.77 -48.63 -3.31
N GLU B 563 -4.92 -48.21 -2.38
CA GLU B 563 -5.00 -48.69 -1.01
C GLU B 563 -6.41 -48.58 -0.47
N GLN B 564 -7.13 -47.50 -0.79
CA GLN B 564 -8.44 -47.30 -0.21
C GLN B 564 -9.46 -48.35 -0.67
N GLU B 565 -9.20 -49.02 -1.80
CA GLU B 565 -10.13 -50.06 -2.22
C GLU B 565 -10.13 -51.27 -1.28
N THR B 566 -9.12 -51.44 -0.43
CA THR B 566 -8.99 -52.59 0.46
C THR B 566 -8.89 -52.18 1.93
N MET B 567 -9.61 -51.13 2.32
CA MET B 567 -9.70 -50.72 3.73
C MET B 567 -11.18 -50.55 4.07
N PRO B 568 -11.87 -51.65 4.36
CA PRO B 568 -13.34 -51.56 4.54
C PRO B 568 -13.75 -50.86 5.83
N ARG B 569 -12.87 -50.73 6.80
CA ARG B 569 -13.19 -50.04 8.04
C ARG B 569 -12.79 -48.56 8.04
N LEU B 570 -12.23 -48.03 6.94
CA LEU B 570 -11.87 -46.61 6.90
C LEU B 570 -13.13 -45.79 6.67
N THR B 571 -13.36 -44.82 7.56
CA THR B 571 -14.39 -43.81 7.29
C THR B 571 -14.21 -43.20 5.91
N GLY B 572 -13.01 -42.72 5.62
CA GLY B 572 -12.74 -42.01 4.39
C GLY B 572 -11.61 -41.02 4.62
N SER B 573 -11.39 -40.17 3.62
CA SER B 573 -10.39 -39.12 3.77
C SER B 573 -10.74 -37.92 2.89
N LEU B 574 -10.03 -36.81 3.12
CA LEU B 574 -10.20 -35.61 2.31
C LEU B 574 -8.83 -35.13 1.87
N PHE B 575 -8.56 -35.20 0.57
CA PHE B 575 -7.24 -34.76 0.12
C PHE B 575 -7.23 -33.23 0.10
N TRP B 576 -6.12 -32.66 0.54
CA TRP B 576 -5.87 -31.22 0.49
C TRP B 576 -4.95 -30.97 -0.70
N THR B 577 -5.47 -30.35 -1.76
CA THR B 577 -6.74 -29.68 -1.79
C THR B 577 -7.19 -29.66 -3.24
N PHE B 578 -8.41 -29.20 -3.53
CA PHE B 578 -8.87 -29.27 -4.91
C PHE B 578 -8.12 -28.31 -5.83
N LYS B 579 -7.89 -27.07 -5.39
CA LYS B 579 -7.47 -26.00 -6.29
C LYS B 579 -6.30 -25.23 -5.70
N ASP B 580 -5.26 -25.04 -6.50
CA ASP B 580 -4.18 -24.10 -6.15
C ASP B 580 -4.79 -22.81 -5.61
N PHE B 581 -4.28 -22.33 -4.48
CA PHE B 581 -4.84 -21.16 -3.84
C PHE B 581 -3.72 -20.35 -3.20
N SER B 582 -3.98 -19.06 -3.00
CA SER B 582 -2.94 -18.17 -2.49
C SER B 582 -2.78 -18.33 -0.98
N THR B 583 -1.53 -18.43 -0.53
CA THR B 583 -1.14 -18.39 0.87
C THR B 583 -0.04 -17.35 1.05
N PRO B 584 -0.13 -16.52 2.10
CA PRO B 584 0.96 -15.57 2.36
C PRO B 584 2.23 -16.23 2.86
N LEU B 585 2.20 -17.53 3.16
CA LEU B 585 3.31 -18.18 3.84
C LEU B 585 4.41 -18.69 2.91
N ARG B 586 4.16 -18.75 1.60
CA ARG B 586 5.10 -19.35 0.65
C ARG B 586 5.61 -18.35 -0.40
N PRO B 587 6.43 -17.38 0.01
CA PRO B 587 7.01 -16.47 -0.99
C PRO B 587 7.79 -17.18 -2.08
N ASP B 588 8.38 -18.33 -1.77
CA ASP B 588 9.36 -18.97 -2.64
C ASP B 588 8.84 -20.23 -3.32
N ASN B 589 7.53 -20.50 -3.27
CA ASN B 589 6.98 -21.62 -4.02
C ASN B 589 7.19 -21.42 -5.52
N PRO B 590 7.14 -22.50 -6.30
CA PRO B 590 7.37 -22.37 -7.75
C PRO B 590 6.48 -21.31 -8.39
N ILE B 591 5.23 -21.23 -7.96
CA ILE B 591 4.41 -20.04 -8.16
C ILE B 591 4.38 -19.30 -6.82
N PRO B 592 5.03 -18.13 -6.72
CA PRO B 592 5.14 -17.48 -5.40
C PRO B 592 3.79 -17.23 -4.74
N TYR B 593 3.76 -17.40 -3.42
CA TYR B 593 2.57 -17.17 -2.59
C TYR B 593 1.37 -18.03 -3.00
N VAL B 594 1.60 -19.17 -3.65
CA VAL B 594 0.53 -20.07 -4.05
C VAL B 594 0.81 -21.45 -3.48
N ASN B 595 -0.11 -21.97 -2.68
CA ASN B 595 -0.10 -23.39 -2.30
C ASN B 595 -0.51 -24.21 -3.50
N GLN B 596 0.40 -25.06 -3.96
CA GLN B 596 0.23 -25.74 -5.24
C GLN B 596 -0.26 -27.18 -5.08
N LYS B 597 -0.96 -27.47 -3.98
CA LYS B 597 -1.47 -28.82 -3.74
C LYS B 597 -2.81 -29.08 -4.43
N GLY B 598 -3.27 -28.22 -5.33
CA GLY B 598 -4.44 -28.54 -6.10
C GLY B 598 -4.20 -29.65 -7.10
N VAL B 599 -5.30 -30.25 -7.57
CA VAL B 599 -5.31 -31.02 -8.80
C VAL B 599 -5.80 -30.18 -9.96
N VAL B 600 -5.99 -28.89 -9.71
CA VAL B 600 -6.54 -27.92 -10.64
C VAL B 600 -5.83 -26.59 -10.34
N GLN B 601 -5.51 -25.82 -11.39
CA GLN B 601 -4.80 -24.56 -11.20
C GLN B 601 -5.74 -23.52 -10.56
N ARG B 602 -5.14 -22.40 -10.12
CA ARG B 602 -5.91 -21.39 -9.37
C ARG B 602 -7.04 -20.76 -10.22
N ASP B 603 -6.97 -20.84 -11.55
CA ASP B 603 -8.06 -20.40 -12.41
C ASP B 603 -9.01 -21.53 -12.79
N GLY B 604 -8.87 -22.69 -12.17
CA GLY B 604 -9.70 -23.82 -12.51
C GLY B 604 -9.16 -24.75 -13.59
N THR B 605 -7.98 -24.46 -14.16
CA THR B 605 -7.41 -25.29 -15.22
C THR B 605 -6.92 -26.60 -14.62
N PRO B 606 -7.43 -27.75 -15.05
CA PRO B 606 -7.06 -29.02 -14.42
C PRO B 606 -5.60 -29.39 -14.67
N LYS B 607 -4.93 -29.84 -13.61
CA LYS B 607 -3.69 -30.58 -13.78
C LYS B 607 -4.02 -32.02 -14.16
N GLU B 608 -2.98 -32.78 -14.50
CA GLU B 608 -3.23 -34.15 -14.93
C GLU B 608 -3.65 -35.04 -13.78
N SER B 609 -3.32 -34.64 -12.55
CA SER B 609 -3.74 -35.40 -11.36
C SER B 609 -5.25 -35.39 -11.19
N TYR B 610 -5.93 -34.36 -11.70
CA TYR B 610 -7.39 -34.32 -11.63
C TYR B 610 -8.01 -35.60 -12.19
N TYR B 611 -7.48 -36.10 -13.30
CA TYR B 611 -7.99 -37.29 -13.96
C TYR B 611 -7.65 -38.56 -13.22
N VAL B 612 -6.59 -38.53 -12.41
CA VAL B 612 -6.31 -39.65 -11.52
C VAL B 612 -7.48 -39.88 -10.58
N PHE B 613 -7.83 -38.86 -9.80
CA PHE B 613 -9.02 -38.95 -8.94
C PHE B 613 -10.25 -39.29 -9.74
N GLN B 614 -10.40 -38.69 -10.93
CA GLN B 614 -11.64 -38.92 -11.67
C GLN B 614 -11.73 -40.37 -12.15
N SER B 615 -10.59 -41.00 -12.46
CA SER B 615 -10.64 -42.35 -12.98
C SER B 615 -10.92 -43.38 -11.90
N TYR B 616 -10.67 -43.03 -10.64
CA TYR B 616 -10.98 -43.89 -9.50
C TYR B 616 -12.38 -43.65 -8.95
N TRP B 617 -12.82 -42.40 -8.89
CA TRP B 617 -14.02 -42.01 -8.16
C TRP B 617 -15.25 -41.76 -9.01
N SER B 618 -15.09 -41.36 -10.25
CA SER B 618 -16.27 -41.05 -11.04
C SER B 618 -16.83 -42.31 -11.69
N SER B 619 -18.15 -42.34 -11.82
CA SER B 619 -18.77 -43.44 -12.53
C SER B 619 -19.06 -43.09 -13.99
N LYS B 620 -18.85 -41.84 -14.39
CA LYS B 620 -18.98 -41.50 -15.80
C LYS B 620 -17.72 -41.95 -16.53
N PRO B 621 -17.87 -42.75 -17.60
CA PRO B 621 -16.68 -43.26 -18.30
C PRO B 621 -15.83 -42.14 -18.88
N MET B 622 -14.54 -42.19 -18.57
CA MET B 622 -13.58 -41.19 -19.04
C MET B 622 -12.30 -41.90 -19.41
N LEU B 623 -11.35 -41.11 -19.94
CA LEU B 623 -10.15 -41.64 -20.56
C LEU B 623 -9.15 -40.50 -20.77
N HIS B 624 -8.02 -40.54 -20.05
CA HIS B 624 -7.01 -39.48 -20.08
C HIS B 624 -5.64 -40.11 -20.18
N ILE B 625 -4.97 -39.91 -21.32
CA ILE B 625 -3.56 -40.24 -21.41
C ILE B 625 -2.78 -39.23 -20.59
N TYR B 626 -1.89 -39.72 -19.73
CA TYR B 626 -1.06 -38.78 -18.97
C TYR B 626 0.00 -38.20 -19.88
N GLY B 627 0.02 -36.86 -20.00
CA GLY B 627 1.05 -36.15 -20.73
C GLY B 627 0.55 -35.15 -21.75
N HIS B 628 -0.73 -34.76 -21.68
CA HIS B 628 -1.22 -33.67 -22.51
C HIS B 628 -0.43 -32.39 -22.27
N SER B 629 0.04 -32.17 -21.05
CA SER B 629 0.81 -31.00 -20.69
C SER B 629 2.29 -31.31 -20.60
N TRP B 630 2.73 -32.43 -21.20
CA TRP B 630 4.12 -32.89 -21.19
C TRP B 630 4.60 -32.90 -22.63
N PRO B 631 5.17 -31.78 -23.12
CA PRO B 631 5.49 -31.68 -24.56
C PRO B 631 6.71 -32.46 -25.00
N VAL B 632 7.73 -32.57 -24.15
CA VAL B 632 9.00 -33.18 -24.55
C VAL B 632 9.39 -34.25 -23.55
N ARG B 633 9.48 -35.49 -24.01
CA ARG B 633 9.98 -36.60 -23.21
C ARG B 633 11.43 -36.87 -23.57
N TRP B 634 12.16 -37.50 -22.65
CA TRP B 634 13.58 -37.72 -22.87
C TRP B 634 14.02 -39.13 -22.47
N GLY B 635 15.18 -39.49 -22.99
CA GLY B 635 15.77 -40.80 -22.77
C GLY B 635 16.71 -41.17 -23.91
N LYS B 636 17.44 -42.27 -23.71
CA LYS B 636 18.38 -42.74 -24.71
C LYS B 636 17.66 -43.22 -25.97
N PRO B 637 18.30 -43.13 -27.14
CA PRO B 637 17.62 -43.56 -28.37
C PRO B 637 17.19 -45.02 -28.32
N GLY B 638 15.98 -45.28 -28.83
CA GLY B 638 15.37 -46.59 -28.81
C GLY B 638 14.92 -47.08 -27.46
N GLU B 639 15.13 -46.29 -26.40
CA GLU B 639 14.75 -46.70 -25.04
C GLU B 639 13.22 -46.75 -24.92
N PRO B 640 12.66 -47.84 -24.40
CA PRO B 640 11.19 -47.91 -24.27
C PRO B 640 10.72 -46.98 -23.17
N LYS B 641 9.67 -46.22 -23.46
CA LYS B 641 9.19 -45.19 -22.55
C LYS B 641 7.84 -45.61 -21.95
N GLU B 642 7.73 -45.44 -20.64
CA GLU B 642 6.48 -45.73 -19.94
C GLU B 642 5.40 -44.75 -20.38
N ILE B 643 4.18 -45.27 -20.52
CA ILE B 643 3.02 -44.46 -20.84
C ILE B 643 1.89 -44.91 -19.92
N LEU B 644 1.31 -43.95 -19.21
CA LEU B 644 0.22 -44.20 -18.28
C LEU B 644 -1.06 -43.61 -18.83
N VAL B 645 -2.14 -44.38 -18.74
CA VAL B 645 -3.49 -43.90 -18.97
C VAL B 645 -4.25 -43.95 -17.65
N TYR B 646 -5.05 -42.92 -17.37
CA TYR B 646 -5.96 -42.92 -16.25
C TYR B 646 -7.38 -42.92 -16.82
N SER B 647 -8.10 -44.00 -16.55
CA SER B 647 -9.37 -44.31 -17.17
C SER B 647 -10.16 -45.15 -16.19
N ASN B 648 -11.47 -44.99 -16.20
CA ASN B 648 -12.34 -45.92 -15.50
C ASN B 648 -12.96 -46.91 -16.46
N CYS B 649 -12.57 -46.88 -17.72
CA CYS B 649 -12.99 -47.92 -18.64
C CYS B 649 -12.33 -49.25 -18.24
N PRO B 650 -13.06 -50.36 -18.35
CA PRO B 650 -12.44 -51.64 -17.99
C PRO B 650 -11.36 -52.08 -18.98
N GLU B 651 -11.40 -51.62 -20.23
CA GLU B 651 -10.36 -51.96 -21.19
C GLU B 651 -10.00 -50.77 -22.06
N VAL B 652 -8.70 -50.61 -22.28
CA VAL B 652 -8.17 -49.53 -23.11
C VAL B 652 -7.08 -50.10 -23.99
N GLU B 653 -7.10 -49.73 -25.26
CA GLU B 653 -6.01 -50.03 -26.19
C GLU B 653 -5.22 -48.76 -26.47
N LEU B 654 -3.90 -48.89 -26.51
CA LEU B 654 -3.00 -47.78 -26.77
C LEU B 654 -2.30 -47.96 -28.12
N PHE B 655 -2.06 -46.84 -28.79
CA PHE B 655 -1.39 -46.82 -30.08
C PHE B 655 -0.26 -45.81 -30.03
N VAL B 656 0.89 -46.18 -30.57
CA VAL B 656 2.04 -45.31 -30.69
C VAL B 656 2.40 -45.23 -32.17
N ASN B 657 2.34 -44.03 -32.73
CA ASN B 657 2.64 -43.78 -34.14
C ASN B 657 1.85 -44.71 -35.07
N GLY B 658 0.69 -45.16 -34.62
CA GLY B 658 -0.18 -45.99 -35.43
C GLY B 658 -0.14 -47.47 -35.09
N VAL B 659 0.83 -47.92 -34.29
CA VAL B 659 0.99 -49.34 -33.96
C VAL B 659 0.28 -49.62 -32.64
N SER B 660 -0.73 -50.48 -32.67
CA SER B 660 -1.36 -50.92 -31.43
C SER B 660 -0.31 -51.55 -30.52
N GLN B 661 -0.34 -51.17 -29.24
CA GLN B 661 0.58 -51.71 -28.24
C GLN B 661 -0.08 -52.75 -27.36
N GLY B 662 -1.29 -53.16 -27.70
CA GLY B 662 -1.97 -54.12 -26.86
C GLY B 662 -3.12 -53.48 -26.11
N ARG B 663 -4.25 -54.18 -26.09
CA ARG B 663 -5.42 -53.78 -25.34
C ARG B 663 -5.32 -54.39 -23.94
N LYS B 664 -5.25 -53.56 -22.92
CA LYS B 664 -5.10 -54.05 -21.56
C LYS B 664 -6.36 -53.78 -20.73
N LYS B 665 -6.44 -54.48 -19.60
CA LYS B 665 -7.64 -54.47 -18.76
C LYS B 665 -7.35 -53.72 -17.47
N ARG B 666 -8.32 -52.91 -17.05
CA ARG B 666 -8.12 -52.07 -15.87
C ARG B 666 -8.08 -52.90 -14.60
N ASN B 667 -7.08 -52.63 -13.74
CA ASN B 667 -6.94 -53.38 -12.50
C ASN B 667 -6.17 -52.48 -11.51
N SER B 668 -6.91 -51.94 -10.53
CA SER B 668 -6.35 -50.93 -9.62
C SER B 668 -5.09 -51.44 -8.92
N GLN B 669 -5.00 -52.75 -8.67
CA GLN B 669 -3.88 -53.29 -7.91
C GLN B 669 -2.57 -53.25 -8.69
N ASP B 670 -2.62 -53.17 -10.02
CA ASP B 670 -1.39 -53.18 -10.82
C ASP B 670 -0.89 -51.74 -10.97
N PHE B 671 -0.20 -51.29 -9.94
CA PHE B 671 0.29 -49.92 -9.83
C PHE B 671 1.53 -49.73 -10.68
N PRO B 672 1.66 -48.58 -11.37
CA PRO B 672 0.71 -47.47 -11.35
C PRO B 672 -0.28 -47.52 -12.49
N ALA B 673 -1.31 -46.67 -12.43
CA ALA B 673 -2.30 -46.49 -13.49
C ALA B 673 -3.27 -47.67 -13.60
N ALA B 674 -3.49 -48.39 -12.51
CA ALA B 674 -4.49 -49.46 -12.50
C ALA B 674 -4.33 -50.38 -13.70
N GLY B 675 -3.07 -50.79 -13.95
CA GLY B 675 -2.77 -51.72 -15.00
C GLY B 675 -2.82 -51.19 -16.42
N LEU B 676 -3.21 -49.93 -16.61
CA LEU B 676 -3.28 -49.34 -17.95
C LEU B 676 -2.00 -48.59 -18.28
N ARG B 677 -0.89 -49.32 -18.34
CA ARG B 677 0.38 -48.73 -18.75
C ARG B 677 1.10 -49.63 -19.77
N TRP B 678 1.87 -48.97 -20.62
CA TRP B 678 2.64 -49.62 -21.66
C TRP B 678 4.07 -49.12 -21.58
N ASN B 679 4.99 -49.84 -22.22
CA ASN B 679 6.35 -49.37 -22.38
C ASN B 679 6.67 -49.48 -23.86
N VAL B 680 6.69 -48.33 -24.52
CA VAL B 680 6.72 -48.28 -25.98
C VAL B 680 7.97 -47.54 -26.43
N PRO B 681 8.45 -47.79 -27.65
CA PRO B 681 9.59 -47.02 -28.17
C PRO B 681 9.11 -45.74 -28.85
N LEU B 682 9.89 -44.68 -28.67
CA LEU B 682 9.58 -43.39 -29.26
C LEU B 682 10.61 -43.04 -30.32
N ARG B 683 10.13 -42.52 -31.45
CA ARG B 683 11.02 -41.94 -32.45
C ARG B 683 11.59 -40.63 -31.92
N GLU B 684 12.85 -40.37 -32.26
CA GLU B 684 13.39 -39.04 -32.06
C GLU B 684 12.53 -38.02 -32.79
N GLY B 685 12.23 -36.90 -32.13
CA GLY B 685 11.28 -35.97 -32.69
C GLY B 685 9.87 -36.31 -32.29
N ASN B 686 8.91 -36.13 -33.20
CA ASN B 686 7.51 -36.16 -32.82
C ASN B 686 6.97 -37.59 -32.80
N ASN B 687 6.01 -37.82 -31.91
CA ASN B 687 5.28 -39.08 -31.83
C ASN B 687 3.81 -38.77 -31.58
N LYS B 688 2.93 -39.56 -32.18
CA LYS B 688 1.49 -39.46 -31.96
C LYS B 688 1.08 -40.65 -31.11
N ILE B 689 0.50 -40.38 -29.95
CA ILE B 689 0.10 -41.42 -29.00
C ILE B 689 -1.41 -41.37 -28.87
N THR B 690 -2.04 -42.54 -28.91
CA THR B 690 -3.48 -42.60 -29.01
C THR B 690 -4.00 -43.74 -28.14
N ALA B 691 -5.18 -43.55 -27.56
CA ALA B 691 -5.84 -44.57 -26.77
C ALA B 691 -7.30 -44.64 -27.18
N THR B 692 -7.82 -45.86 -27.20
CA THR B 692 -9.24 -46.11 -27.38
C THR B 692 -9.73 -46.81 -26.13
N GLY B 693 -10.84 -46.34 -25.58
CA GLY B 693 -11.40 -46.89 -24.36
C GLY B 693 -12.72 -47.58 -24.66
N TYR B 694 -12.90 -48.70 -23.99
CA TYR B 694 -14.12 -49.50 -24.22
C TYR B 694 -14.85 -49.76 -22.90
N ASP B 695 -16.13 -49.44 -22.92
CA ASP B 695 -16.98 -49.69 -21.76
C ASP B 695 -18.37 -50.06 -22.29
N GLY B 696 -18.63 -51.37 -22.37
CA GLY B 696 -19.90 -51.82 -22.93
C GLY B 696 -19.99 -51.45 -24.39
N LYS B 697 -21.08 -50.76 -24.76
CA LYS B 697 -21.22 -50.22 -26.10
C LYS B 697 -20.39 -48.97 -26.31
N LEU B 698 -19.93 -48.31 -25.24
CA LEU B 698 -19.33 -47.01 -25.36
C LEU B 698 -17.85 -47.12 -25.72
N ARG B 699 -17.41 -46.25 -26.63
CA ARG B 699 -16.02 -46.18 -27.05
C ARG B 699 -15.52 -44.76 -26.87
N LEU B 700 -14.41 -44.60 -26.13
CA LEU B 700 -13.77 -43.32 -25.89
C LEU B 700 -12.43 -43.27 -26.61
N ASP B 701 -11.98 -42.04 -26.89
CA ASP B 701 -10.74 -41.79 -27.61
C ASP B 701 -9.99 -40.64 -26.95
N ASP B 702 -8.66 -40.75 -26.93
CA ASP B 702 -7.83 -39.62 -26.55
C ASP B 702 -6.52 -39.65 -27.34
N GLU B 703 -5.86 -38.48 -27.43
CA GLU B 703 -4.67 -38.30 -28.25
C GLU B 703 -3.76 -37.22 -27.66
N ILE B 704 -2.47 -37.52 -27.55
CA ILE B 704 -1.46 -36.51 -27.28
C ILE B 704 -0.36 -36.66 -28.31
N GLN B 705 0.41 -35.61 -28.47
CA GLN B 705 1.63 -35.64 -29.25
C GLN B 705 2.79 -35.19 -28.38
N GLN B 706 3.90 -35.90 -28.46
CA GLN B 706 5.06 -35.55 -27.65
C GLN B 706 6.31 -35.66 -28.50
N GLU B 707 7.21 -34.71 -28.31
CA GLU B 707 8.56 -34.82 -28.79
C GLU B 707 9.35 -35.78 -27.92
N TYR B 708 10.33 -36.43 -28.51
CA TYR B 708 11.25 -37.29 -27.80
C TYR B 708 12.66 -36.80 -28.07
N GLN B 709 13.35 -36.39 -27.01
CA GLN B 709 14.67 -35.77 -27.10
C GLN B 709 15.71 -36.75 -26.59
N THR B 710 16.61 -37.18 -27.47
CA THR B 710 17.67 -38.08 -27.06
C THR B 710 18.96 -37.35 -26.72
N ARG B 711 19.13 -36.13 -27.21
CA ARG B 711 20.30 -35.36 -26.84
C ARG B 711 20.28 -35.04 -25.34
N THR B 712 21.41 -35.24 -24.68
CA THR B 712 21.54 -34.81 -23.31
C THR B 712 21.86 -33.31 -23.26
N TRP B 713 21.83 -32.73 -22.05
CA TRP B 713 21.88 -31.29 -21.92
C TRP B 713 22.80 -30.87 -20.77
N GLY B 714 23.46 -29.72 -20.95
CA GLY B 714 24.27 -29.11 -19.92
C GLY B 714 23.47 -28.11 -19.10
N LYS B 715 24.20 -27.31 -18.32
CA LYS B 715 23.55 -26.27 -17.52
C LYS B 715 22.95 -25.20 -18.44
N PRO B 716 21.89 -24.53 -18.00
CA PRO B 716 21.26 -23.53 -18.87
C PRO B 716 22.24 -22.42 -19.24
N SER B 717 22.17 -22.00 -20.51
CA SER B 717 23.12 -21.04 -21.06
C SER B 717 22.47 -19.81 -21.68
N ARG B 718 21.32 -19.98 -22.35
CA ARG B 718 20.59 -18.86 -22.93
C ARG B 718 19.10 -19.03 -22.68
N ILE B 719 18.37 -17.92 -22.81
CA ILE B 719 16.92 -17.92 -22.81
C ILE B 719 16.45 -17.65 -24.24
N LEU B 720 15.62 -18.54 -24.78
CA LEU B 720 15.00 -18.32 -26.08
C LEU B 720 13.54 -17.92 -25.90
N LEU B 721 13.16 -16.79 -26.48
CA LEU B 721 11.77 -16.37 -26.45
C LEU B 721 11.08 -16.79 -27.73
N THR B 722 9.90 -17.37 -27.58
CA THR B 722 9.07 -17.81 -28.68
C THR B 722 7.67 -17.25 -28.49
N GLN B 723 7.01 -16.98 -29.62
CA GLN B 723 5.59 -16.64 -29.68
C GLN B 723 4.90 -17.90 -30.12
N THR B 724 4.27 -18.57 -29.15
CA THR B 724 3.52 -19.79 -29.41
C THR B 724 2.12 -19.51 -29.93
N ALA B 725 1.70 -18.24 -29.97
CA ALA B 725 0.35 -17.83 -30.39
C ALA B 725 -0.76 -18.50 -29.57
N GLN B 726 -1.96 -17.89 -29.49
CA GLN B 726 -2.90 -18.47 -28.54
C GLN B 726 -4.39 -18.14 -28.69
N ASP B 727 -4.76 -16.97 -29.19
CA ASP B 727 -6.09 -16.53 -28.81
C ASP B 727 -6.51 -15.28 -29.57
N ALA B 728 -7.83 -15.08 -29.63
CA ALA B 728 -8.36 -13.88 -30.28
C ALA B 728 -8.08 -12.61 -29.49
N GLU B 729 -7.81 -12.74 -28.19
CA GLU B 729 -7.46 -11.61 -27.36
C GLU B 729 -6.13 -11.76 -26.62
N THR B 730 -5.42 -12.87 -26.79
CA THR B 730 -4.25 -13.17 -25.99
C THR B 730 -3.18 -13.80 -26.88
N ILE B 731 -1.93 -13.48 -26.59
CA ILE B 731 -0.76 -14.11 -27.20
C ILE B 731 0.03 -14.80 -26.08
N LEU B 732 0.49 -16.02 -26.36
CA LEU B 732 1.26 -16.80 -25.41
C LEU B 732 2.74 -16.69 -25.74
N VAL B 733 3.52 -16.18 -24.79
CA VAL B 733 4.96 -16.01 -24.96
C VAL B 733 5.64 -17.08 -24.13
N GLN B 734 6.59 -17.80 -24.74
CA GLN B 734 7.30 -18.88 -24.07
C GLN B 734 8.80 -18.57 -24.00
N ALA B 735 9.34 -18.65 -22.80
CA ALA B 735 10.78 -18.64 -22.56
C ALA B 735 11.27 -20.07 -22.40
N GLU B 736 12.50 -20.32 -22.83
CA GLU B 736 13.05 -21.67 -22.91
C GLU B 736 14.49 -21.63 -22.46
N LEU B 737 14.88 -22.54 -21.58
CA LEU B 737 16.24 -22.58 -21.05
C LEU B 737 17.00 -23.65 -21.83
N ILE B 738 18.07 -23.24 -22.52
CA ILE B 738 18.86 -24.15 -23.34
C ILE B 738 20.32 -24.10 -22.93
N ASP B 739 21.05 -25.17 -23.23
CA ASP B 739 22.48 -25.22 -22.93
C ASP B 739 23.29 -24.63 -24.09
N GLU B 740 24.62 -24.57 -23.91
CA GLU B 740 25.50 -23.88 -24.87
C GLU B 740 25.40 -24.47 -26.27
N ASN B 741 24.97 -25.72 -26.42
CA ASN B 741 24.80 -26.33 -27.73
C ASN B 741 23.34 -26.29 -28.18
N GLY B 742 22.48 -25.61 -27.43
CA GLY B 742 21.10 -25.39 -27.84
C GLY B 742 20.12 -26.48 -27.49
N ILE B 743 20.42 -27.31 -26.50
CA ILE B 743 19.49 -28.36 -26.08
C ILE B 743 18.67 -27.83 -24.91
N ARG B 744 17.35 -28.01 -24.97
CA ARG B 744 16.52 -27.58 -23.87
C ARG B 744 16.92 -28.32 -22.61
N CYS B 745 17.01 -27.58 -21.50
CA CYS B 745 17.34 -28.18 -20.20
C CYS B 745 16.05 -28.65 -19.54
N LEU B 746 15.65 -29.87 -19.90
CA LEU B 746 14.43 -30.49 -19.40
C LEU B 746 14.46 -30.68 -17.88
N ASP B 747 15.58 -30.37 -17.28
CA ASP B 747 15.86 -30.49 -15.86
C ASP B 747 15.65 -29.19 -15.10
N ALA B 748 15.58 -28.06 -15.81
CA ALA B 748 15.79 -26.76 -15.19
C ALA B 748 14.55 -26.32 -14.42
N CYS B 749 14.78 -25.75 -13.22
CA CYS B 749 13.74 -25.24 -12.34
C CYS B 749 13.90 -23.76 -11.97
N GLN B 750 14.90 -23.06 -12.53
CA GLN B 750 15.16 -21.65 -12.26
C GLN B 750 13.90 -20.80 -12.33
N PHE B 751 13.79 -19.84 -11.40
CA PHE B 751 12.82 -18.78 -11.55
C PHE B 751 13.10 -17.98 -12.82
N ILE B 752 12.06 -17.72 -13.59
CA ILE B 752 12.11 -16.82 -14.74
C ILE B 752 11.18 -15.64 -14.47
N GLU B 753 11.59 -14.45 -14.88
CA GLU B 753 10.87 -13.20 -14.66
C GLU B 753 10.59 -12.53 -15.99
N PHE B 754 9.35 -12.07 -16.17
CA PHE B 754 8.92 -11.39 -17.38
C PHE B 754 8.76 -9.89 -17.12
N GLY B 755 9.17 -9.10 -18.11
CA GLY B 755 8.88 -7.67 -18.13
C GLY B 755 8.31 -7.29 -19.48
N CYS B 756 8.02 -5.99 -19.62
CA CYS B 756 7.33 -5.51 -20.80
C CYS B 756 7.35 -3.99 -20.83
N THR B 757 7.49 -3.43 -22.04
CA THR B 757 7.49 -1.97 -22.18
C THR B 757 6.14 -1.36 -21.83
N ASP B 758 5.10 -2.17 -21.74
CA ASP B 758 3.76 -1.74 -21.31
C ASP B 758 3.42 -2.54 -20.06
N SER B 759 3.50 -1.89 -18.92
CA SER B 759 3.29 -2.56 -17.65
C SER B 759 1.86 -3.06 -17.45
N GLU B 760 0.92 -2.98 -18.39
CA GLU B 760 -0.37 -3.63 -18.24
C GLU B 760 -0.63 -4.72 -19.26
N ALA B 761 0.30 -4.96 -20.18
CA ALA B 761 0.05 -5.95 -21.23
C ALA B 761 0.17 -7.39 -20.74
N LEU B 762 1.09 -7.66 -19.81
CA LEU B 762 1.23 -9.03 -19.30
C LEU B 762 0.04 -9.39 -18.42
N LEU B 763 -0.53 -10.57 -18.64
CA LEU B 763 -1.44 -11.14 -17.64
C LEU B 763 -0.62 -11.60 -16.44
N ARG B 764 -0.75 -10.89 -15.32
CA ARG B 764 0.15 -11.04 -14.17
C ARG B 764 -0.66 -11.31 -12.92
N ASN B 765 0.05 -11.75 -11.89
CA ASN B 765 -0.51 -11.88 -10.55
C ASN B 765 -1.83 -12.67 -10.56
N GLN B 766 -1.90 -13.70 -11.40
CA GLN B 766 -3.04 -14.61 -11.37
C GLN B 766 -2.83 -15.79 -10.46
N GLY B 767 -1.58 -16.14 -10.17
CA GLY B 767 -1.28 -17.33 -9.40
C GLY B 767 -1.29 -18.61 -10.20
N THR B 768 -1.10 -18.53 -11.51
CA THR B 768 -1.24 -19.67 -12.41
C THR B 768 0.04 -19.88 -13.23
N ALA B 769 0.03 -20.94 -14.04
CA ALA B 769 1.19 -21.30 -14.86
C ALA B 769 1.49 -20.26 -15.92
N GLN B 770 0.47 -19.60 -16.46
CA GLN B 770 0.67 -18.65 -17.54
C GLN B 770 0.23 -17.24 -17.15
N GLY B 771 0.02 -16.97 -15.85
CA GLY B 771 -0.39 -15.66 -15.41
C GLY B 771 0.47 -15.17 -14.26
N SER B 772 1.74 -15.57 -14.24
CA SER B 772 2.66 -15.15 -13.20
C SER B 772 3.86 -14.43 -13.82
N ARG B 773 4.29 -13.36 -13.16
CA ARG B 773 5.41 -12.60 -13.68
C ARG B 773 6.75 -13.17 -13.23
N ARG B 774 6.78 -13.87 -12.09
CA ARG B 774 7.92 -14.66 -11.67
C ARG B 774 7.45 -16.10 -11.46
N ILE B 775 8.13 -17.07 -12.07
CA ILE B 775 7.70 -18.46 -11.98
C ILE B 775 8.88 -19.36 -12.31
N GLN B 776 9.05 -20.42 -11.52
CA GLN B 776 10.07 -21.43 -11.81
C GLN B 776 9.79 -22.14 -13.13
N ALA B 777 10.85 -22.43 -13.87
CA ALA B 777 10.71 -23.18 -15.12
C ALA B 777 10.16 -24.57 -14.83
N ALA B 778 9.39 -25.08 -15.78
CA ALA B 778 8.84 -26.43 -15.74
C ALA B 778 9.48 -27.18 -16.90
N ASN B 779 10.46 -28.03 -16.57
CA ASN B 779 11.26 -28.71 -17.58
C ASN B 779 11.93 -27.68 -18.50
N GLY B 780 12.53 -26.65 -17.88
CA GLY B 780 13.24 -25.62 -18.60
C GLY B 780 12.37 -24.69 -19.41
N ARG B 781 11.13 -24.49 -18.98
CA ARG B 781 10.15 -23.78 -19.78
C ARG B 781 9.31 -22.89 -18.89
N ALA B 782 9.01 -21.68 -19.37
CA ALA B 782 8.11 -20.79 -18.65
C ALA B 782 7.36 -19.93 -19.67
N SER B 783 6.05 -19.80 -19.48
CA SER B 783 5.22 -19.07 -20.42
C SER B 783 4.38 -18.02 -19.69
N ILE B 784 3.96 -17.00 -20.44
CA ILE B 784 3.09 -15.97 -19.90
C ILE B 784 2.21 -15.41 -21.02
N ARG B 785 0.98 -15.05 -20.67
CA ARG B 785 0.04 -14.50 -21.63
C ARG B 785 0.22 -12.99 -21.77
N VAL B 786 -0.04 -12.50 -22.99
CA VAL B 786 0.03 -11.08 -23.31
C VAL B 786 -1.31 -10.68 -23.90
N ASN B 787 -1.88 -9.59 -23.37
CA ASN B 787 -3.12 -9.04 -23.86
C ASN B 787 -2.92 -8.49 -25.28
N LYS B 788 -3.72 -8.99 -26.22
CA LYS B 788 -3.52 -8.68 -27.62
C LYS B 788 -3.79 -7.21 -27.91
N GLN B 789 -4.80 -6.64 -27.23
CA GLN B 789 -5.17 -5.26 -27.50
C GLN B 789 -4.08 -4.29 -27.11
N HIS B 790 -3.17 -4.68 -26.22
CA HIS B 790 -2.07 -3.79 -25.86
C HIS B 790 -0.91 -3.85 -26.85
N ALA B 791 -0.85 -4.88 -27.71
CA ALA B 791 0.23 -4.98 -28.69
C ALA B 791 0.15 -3.81 -29.68
N PRO B 792 1.30 -3.38 -30.24
CA PRO B 792 2.61 -4.02 -30.11
C PRO B 792 3.39 -3.55 -28.89
N VAL B 793 4.16 -4.47 -28.32
CA VAL B 793 5.00 -4.22 -27.15
C VAL B 793 6.25 -5.09 -27.30
N VAL B 794 7.19 -4.91 -26.38
CA VAL B 794 8.31 -5.82 -26.25
C VAL B 794 8.22 -6.50 -24.90
N VAL B 795 8.38 -7.82 -24.90
CA VAL B 795 8.40 -8.63 -23.67
C VAL B 795 9.83 -9.09 -23.41
N SER B 796 10.27 -8.95 -22.16
CA SER B 796 11.56 -9.43 -21.73
C SER B 796 11.42 -10.67 -20.83
N ALA B 797 12.47 -11.52 -20.85
CA ALA B 797 12.52 -12.69 -19.99
C ALA B 797 13.92 -12.80 -19.39
N SER B 798 13.99 -12.95 -18.08
CA SER B 798 15.26 -13.02 -17.36
C SER B 798 15.18 -14.12 -16.31
N ASP B 799 16.32 -14.77 -16.07
CA ASP B 799 16.44 -15.57 -14.86
C ASP B 799 16.55 -14.64 -13.67
N SER B 800 15.90 -15.02 -12.56
CA SER B 800 15.84 -14.15 -11.40
C SER B 800 17.21 -13.92 -10.79
N LYS B 801 18.08 -14.92 -10.83
CA LYS B 801 19.43 -14.74 -10.32
C LYS B 801 20.29 -13.87 -11.24
N ARG B 802 19.82 -13.56 -12.46
CA ARG B 802 20.51 -12.63 -13.36
C ARG B 802 21.89 -13.15 -13.77
N ILE B 803 21.96 -14.44 -14.10
CA ILE B 803 23.21 -15.05 -14.54
C ILE B 803 23.19 -15.15 -16.05
N LEU B 804 22.01 -15.34 -16.63
CA LEU B 804 21.91 -15.39 -18.08
C LEU B 804 21.59 -14.01 -18.63
N LYS B 805 21.70 -13.86 -19.94
CA LYS B 805 21.35 -12.62 -20.61
C LYS B 805 19.83 -12.51 -20.75
N THR B 806 19.31 -11.30 -20.56
CA THR B 806 17.90 -11.04 -20.74
C THR B 806 17.52 -11.19 -22.21
N ALA B 807 16.39 -11.85 -22.46
CA ALA B 807 15.91 -12.03 -23.83
C ALA B 807 14.73 -11.12 -24.07
N LEU B 808 14.56 -10.72 -25.33
CA LEU B 808 13.53 -9.78 -25.73
C LEU B 808 12.78 -10.36 -26.91
N ILE B 809 11.48 -10.07 -26.98
CA ILE B 809 10.69 -10.51 -28.13
C ILE B 809 9.67 -9.43 -28.45
N SER B 810 9.54 -9.11 -29.72
CA SER B 810 8.55 -8.16 -30.20
C SER B 810 7.25 -8.90 -30.46
N VAL B 811 6.20 -8.47 -29.79
CA VAL B 811 4.86 -9.00 -29.94
C VAL B 811 4.06 -7.94 -30.68
N SER B 812 3.67 -8.22 -31.92
CA SER B 812 2.94 -7.25 -32.71
C SER B 812 1.43 -7.42 -32.60
N GLY B 813 0.95 -8.66 -32.50
CA GLY B 813 -0.47 -8.94 -32.38
C GLY B 813 -0.96 -10.06 -33.30
NA NA C . 11.40 20.29 -2.17
NA NA D . -14.05 15.68 10.34
C1 GOL E . 18.75 35.50 20.47
O1 GOL E . 19.81 34.61 20.43
C2 GOL E . 18.01 35.24 21.80
O2 GOL E . 18.87 35.19 22.89
C3 GOL E . 17.03 36.43 21.91
O3 GOL E . 15.98 36.00 22.74
C1 GOL F . 0.66 26.89 -0.78
O1 GOL F . 1.38 28.11 -0.78
C2 GOL F . -0.07 26.74 0.55
O2 GOL F . 0.72 26.12 1.52
C3 GOL F . -0.53 28.15 0.93
O3 GOL F . -0.04 28.43 2.21
C1 GOL G . -2.12 27.71 -2.78
O1 GOL G . -3.33 26.93 -2.91
C2 GOL G . -2.48 29.24 -2.42
O2 GOL G . -3.41 29.37 -1.37
C3 GOL G . -1.13 29.97 -2.10
O3 GOL G . -1.42 31.09 -1.28
S SCN H . -4.93 32.14 -2.05
C SCN H . -5.98 31.65 -3.47
N SCN H . -6.62 31.39 -4.43
S SCN I . -4.09 37.57 -6.04
C SCN I . -4.92 36.54 -4.86
N SCN I . -5.28 35.71 -4.10
K K J . 1.18 10.24 -5.41
K K K . -5.17 16.22 9.81
NA NA L . -0.28 -11.23 20.52
NA NA M . -8.05 -21.35 -5.02
NA NA N . -10.60 -9.43 19.75
C1 GOL O . -3.64 -26.55 4.94
O1 GOL O . -2.72 -27.58 4.85
C2 GOL O . -3.50 -25.92 6.32
O2 GOL O . -3.96 -24.59 6.34
C3 GOL O . -4.37 -26.84 7.19
O3 GOL O . -3.60 -27.18 8.27
C1 GOL P . -0.07 -29.46 6.53
O1 GOL P . -1.26 -30.08 7.02
C2 GOL P . 0.23 -28.22 7.45
O2 GOL P . 0.44 -28.62 8.78
C3 GOL P . 1.49 -27.45 6.83
O3 GOL P . 1.11 -26.88 5.60
K K Q . 2.12 -11.34 -2.08
K K R . -5.63 -12.93 13.60
#